data_6PYH
#
_entry.id   6PYH
#
_cell.length_a   1.00
_cell.length_b   1.00
_cell.length_c   1.00
_cell.angle_alpha   90.00
_cell.angle_beta   90.00
_cell.angle_gamma   90.00
#
_symmetry.space_group_name_H-M   'P 1'
#
loop_
_entity.id
_entity.type
_entity.pdbx_description
1 polymer 'Insulin-like growth factor 1 receptor'
2 polymer 'Insulin-like growth factor I'
#
loop_
_entity_poly.entity_id
_entity_poly.type
_entity_poly.pdbx_seq_one_letter_code
_entity_poly.pdbx_strand_id
1 'polypeptide(L)'
;EICGPGIDIRNDYQQLKRLENCTVIEGFLHILLISKAEDYRSYRFPKLTVITEYLLLFRVAGLESLGDLFPNLTVIRGWK
LFYNYALVIFEMTNLKDIGLYNLRNITRGAIRIEKNADLCYLSTIDWSLILDAVSNNYIVGNKPPKECGDLCPGTLEEKP
MCEKTTINNEYNYRCWTTNRCQKMCPSVCGKRACTENNECCHPECLGSCHTPDDNTTCVACRHYYYKGVCVPACPPGTYR
FEGWRCVDRDFCANIPNAESSDSDGFVIHDDECMQECPSGFIRNSTQSMYCIPCEGPCPKVCGDEEKKTKTIDSVTSAQM
LQGCTILKGNLLINIRRGNNIASELENFMGLIEVVTGYVKIRHSHALVSLSFLKNLRLILGEEQLEGNYSFYVLDNQNLQ
QLWDWNHRNLTVRSGKMYFAFNPKLCVSEIYRMEEVTGTKGRQSKGDINTRNNGERASCESDVLRFTSTTTWKNRIIITW
HRYRPPDYRDLISFTVYYKEAPFKNVTEYDGQDACGSNSWNMVDVDLPPNKEGEPGILLHGLKPWTQYAVYVKAVTLTMV
ENDHIRGAKSEILYIRTNASVPSIPLDVLSASNSSSQLIVKWNPPTLPNGNLSYYIVRWQRQPQDGYLYRHNYCSKDKIP
IRKYADGTIDVEEVTENPKTEVCGGDKGPCCACPKTEAEKQAEKEEAEYRKVFENFLHNSIFVPRPERRRRDVMQVANTT
MSSRSRNTTVADTYNITDPEEFETEYPFFESRVDNKERTVISNLRPFTLYRIDIHSCNHEAEKLGCSASNFVFARTMPAE
GADDIPGPVTWEPRPENSIFLKWPEPENPNGLILMYEIKYGSQVEDQRECVSRQEYRKYGGAKLNRLNPGNYTARIQATS
LSGNGSWTDPVFFYVPAKTTYENFMHLIIALPVAILLIVGGLVIMLYVFHRKRNNSRLGNGVLYASVNPEAFSAADVYVP
DEWEVAREKITMNRELGQGSFGMVYEGVAKGVVKDEPETRVAIKTVNEAASMRERIEFLNEASVMKEFNCHHVVRLLGVV
SQGQPTLVIMELMTRGDLKSYLRSLRPEVEQNNLVLIPPSLSKMIQMAGEIADGMAYLNANKFVHRNLAARNCMVAEDFT
VKIGDFGMTRDIYETDYYRKGGKGLLPVRWMSPESLKDGVFTTHSDVWSFGVVLWEIATLAEQPYQGLSNEQVLRFVMEG
GLLDKPDNCPDMLFELMRMCWQYNPKMRPSFLEIIGSIKDEMEPSFQEVSFYYSEENKPPEPGTSSGLEVLFQ
;
A,D
2 'polypeptide(L)' GPETLCGAELVDALQFVCGDRGFYFNKPTGYGSSSRRAPQTGIVDECCFRSCDLRRLEMYCAPLKPAKSA B
#
# COMPACT_ATOMS: atom_id res chain seq x y z
N GLU A 1 -19.39 46.09 -19.97
CA GLU A 1 -19.29 46.16 -18.52
C GLU A 1 -18.50 45.01 -17.93
N ILE A 2 -17.42 45.35 -17.26
CA ILE A 2 -16.58 44.35 -16.62
C ILE A 2 -17.32 43.75 -15.43
N CYS A 3 -16.86 42.60 -14.98
CA CYS A 3 -17.45 41.91 -13.84
C CYS A 3 -16.43 40.94 -13.28
N GLY A 4 -15.90 41.24 -12.10
CA GLY A 4 -14.89 40.40 -11.50
C GLY A 4 -15.00 40.38 -9.99
N PRO A 5 -14.04 39.72 -9.33
CA PRO A 5 -12.97 38.96 -9.99
C PRO A 5 -13.36 37.51 -10.18
N GLY A 6 -14.19 37.02 -9.28
CA GLY A 6 -14.77 35.70 -9.41
C GLY A 6 -16.15 35.74 -8.82
N ILE A 7 -16.85 34.62 -8.90
CA ILE A 7 -18.20 34.51 -8.38
C ILE A 7 -18.29 33.23 -7.56
N ASP A 8 -18.52 33.37 -6.27
CA ASP A 8 -18.87 32.25 -5.41
C ASP A 8 -20.34 32.38 -5.03
N ILE A 9 -21.07 31.29 -5.13
CA ILE A 9 -22.51 31.28 -4.93
C ILE A 9 -22.88 29.98 -4.21
N ARG A 10 -23.63 30.10 -3.11
CA ARG A 10 -23.97 28.90 -2.37
C ARG A 10 -25.15 29.16 -1.44
N ASN A 11 -26.04 28.18 -1.36
CA ASN A 11 -27.10 28.08 -0.35
C ASN A 11 -28.08 29.23 -0.39
N ASP A 12 -27.99 30.13 -1.37
CA ASP A 12 -28.89 31.28 -1.41
C ASP A 12 -29.24 31.55 -2.88
N TYR A 13 -30.34 30.96 -3.33
CA TYR A 13 -30.84 31.22 -4.67
C TYR A 13 -30.87 32.72 -4.97
N GLN A 14 -31.31 33.51 -3.99
CA GLN A 14 -31.44 34.94 -4.18
C GLN A 14 -30.08 35.60 -4.44
N GLN A 15 -29.01 35.06 -3.84
CA GLN A 15 -27.68 35.57 -4.14
C GLN A 15 -27.38 35.56 -5.62
N LEU A 16 -28.11 34.77 -6.40
CA LEU A 16 -27.92 34.76 -7.84
C LEU A 16 -28.05 36.16 -8.42
N LYS A 17 -28.92 37.00 -7.86
CA LYS A 17 -29.09 38.35 -8.38
C LYS A 17 -27.82 39.18 -8.27
N ARG A 18 -26.76 38.63 -7.70
CA ARG A 18 -25.44 39.25 -7.77
C ARG A 18 -24.94 39.36 -9.19
N LEU A 19 -25.67 38.83 -10.16
CA LEU A 19 -25.26 38.88 -11.55
C LEU A 19 -26.06 39.92 -12.35
N GLU A 20 -27.06 40.53 -11.72
CA GLU A 20 -28.04 41.38 -12.41
C GLU A 20 -27.42 42.33 -13.43
N ASN A 21 -26.20 42.81 -13.17
CA ASN A 21 -25.70 43.99 -13.84
C ASN A 21 -24.73 43.69 -14.97
N CYS A 22 -23.82 42.75 -14.79
CA CYS A 22 -22.67 42.65 -15.68
C CYS A 22 -22.91 41.69 -16.84
N THR A 23 -22.01 41.77 -17.82
CA THR A 23 -22.16 41.09 -19.08
C THR A 23 -21.03 40.15 -19.44
N VAL A 24 -19.82 40.40 -18.96
CA VAL A 24 -18.65 39.54 -19.24
C VAL A 24 -17.97 39.27 -17.92
N ILE A 25 -17.73 38.00 -17.62
CA ILE A 25 -17.19 37.60 -16.33
C ILE A 25 -15.69 37.45 -16.44
N GLU A 26 -14.97 38.20 -15.61
CA GLU A 26 -13.53 38.24 -15.65
C GLU A 26 -12.97 37.33 -14.56
N GLY A 27 -13.33 36.06 -14.63
CA GLY A 27 -12.84 35.11 -13.64
C GLY A 27 -13.67 33.84 -13.64
N PHE A 28 -13.58 33.11 -12.52
CA PHE A 28 -14.22 31.81 -12.42
C PHE A 28 -15.69 31.96 -12.07
N LEU A 29 -16.39 30.83 -12.06
CA LEU A 29 -17.84 30.84 -11.89
C LEU A 29 -18.28 29.52 -11.26
N HIS A 30 -18.52 29.55 -9.96
CA HIS A 30 -18.92 28.38 -9.18
C HIS A 30 -20.42 28.44 -8.93
N ILE A 31 -21.08 27.29 -8.99
CA ILE A 31 -22.48 27.18 -8.61
C ILE A 31 -22.64 25.90 -7.80
N LEU A 32 -23.11 26.02 -6.56
CA LEU A 32 -23.07 24.91 -5.63
C LEU A 32 -24.26 24.95 -4.69
N LEU A 33 -25.00 23.85 -4.61
CA LEU A 33 -25.88 23.58 -3.47
C LEU A 33 -26.94 24.68 -3.27
N ILE A 34 -27.82 24.80 -4.25
CA ILE A 34 -28.96 25.69 -4.14
C ILE A 34 -30.19 24.85 -3.84
N SER A 35 -31.14 25.43 -3.09
CA SER A 35 -32.37 24.73 -2.74
C SER A 35 -33.22 24.44 -3.98
N ARG A 41 -37.12 27.77 -9.67
CA ARG A 41 -38.07 28.85 -9.86
C ARG A 41 -38.00 29.36 -11.31
N SER A 42 -37.64 30.63 -11.50
CA SER A 42 -37.76 31.30 -12.79
C SER A 42 -36.81 32.48 -12.83
N TYR A 43 -35.69 32.33 -13.53
CA TYR A 43 -34.71 33.39 -13.67
C TYR A 43 -33.98 33.28 -14.99
N ARG A 44 -33.62 34.43 -15.55
CA ARG A 44 -32.92 34.49 -16.82
C ARG A 44 -31.92 35.64 -16.78
N PHE A 45 -30.79 35.44 -17.45
CA PHE A 45 -29.67 36.38 -17.41
C PHE A 45 -29.12 36.57 -18.81
N PRO A 46 -29.76 37.38 -19.63
CA PRO A 46 -29.30 37.56 -21.00
C PRO A 46 -28.07 38.43 -21.14
N LYS A 47 -27.61 39.05 -20.06
CA LYS A 47 -26.46 39.92 -20.17
C LYS A 47 -25.18 39.14 -20.40
N LEU A 48 -25.10 37.93 -19.86
CA LEU A 48 -23.84 37.21 -19.85
C LEU A 48 -23.49 36.69 -21.23
N THR A 49 -22.26 36.94 -21.66
CA THR A 49 -21.87 36.59 -23.03
C THR A 49 -20.67 35.69 -23.10
N VAL A 50 -19.62 35.95 -22.32
CA VAL A 50 -18.33 35.32 -22.51
C VAL A 50 -17.61 35.24 -21.16
N ILE A 51 -16.94 34.13 -20.92
CA ILE A 51 -16.19 33.90 -19.69
C ILE A 51 -14.72 33.79 -20.03
N THR A 52 -13.86 33.93 -19.04
CA THR A 52 -12.44 33.70 -19.30
C THR A 52 -11.91 32.52 -18.52
N GLU A 53 -12.50 32.23 -17.37
CA GLU A 53 -12.09 31.10 -16.55
C GLU A 53 -13.10 29.97 -16.71
N TYR A 54 -12.98 28.93 -15.89
CA TYR A 54 -13.76 27.71 -16.04
C TYR A 54 -15.19 27.95 -15.63
N LEU A 55 -15.96 26.88 -15.47
CA LEU A 55 -17.34 26.98 -15.04
C LEU A 55 -17.73 25.67 -14.38
N LEU A 56 -18.24 25.76 -13.15
CA LEU A 56 -18.45 24.57 -12.36
C LEU A 56 -19.86 24.52 -11.81
N LEU A 57 -20.50 23.37 -11.96
CA LEU A 57 -21.85 23.16 -11.47
C LEU A 57 -21.88 21.90 -10.62
N PHE A 58 -22.26 22.03 -9.35
CA PHE A 58 -22.22 20.88 -8.47
C PHE A 58 -23.44 20.84 -7.56
N ARG A 59 -24.26 19.81 -7.73
CA ARG A 59 -25.41 19.52 -6.87
C ARG A 59 -26.26 20.76 -6.59
N VAL A 60 -26.86 21.29 -7.65
CA VAL A 60 -27.87 22.32 -7.52
C VAL A 60 -29.15 21.73 -8.09
N ALA A 61 -29.95 21.16 -7.21
CA ALA A 61 -31.17 20.48 -7.62
C ALA A 61 -32.28 21.49 -7.85
N GLY A 62 -33.14 21.19 -8.82
CA GLY A 62 -34.25 22.06 -9.12
C GLY A 62 -34.01 22.99 -10.28
N LEU A 63 -33.20 22.59 -11.25
CA LEU A 63 -32.85 23.44 -12.37
C LEU A 63 -33.25 22.74 -13.66
N GLU A 64 -33.95 23.48 -14.53
CA GLU A 64 -34.55 22.89 -15.71
C GLU A 64 -33.53 22.60 -16.80
N SER A 65 -32.82 23.61 -17.26
CA SER A 65 -31.75 23.45 -18.22
C SER A 65 -30.64 24.37 -17.80
N LEU A 66 -29.70 24.64 -18.71
CA LEU A 66 -28.72 25.67 -18.45
C LEU A 66 -29.06 26.98 -19.11
N GLY A 67 -29.33 26.96 -20.41
CA GLY A 67 -29.53 28.20 -21.15
C GLY A 67 -30.64 29.06 -20.58
N ASP A 68 -31.68 28.44 -20.02
CA ASP A 68 -32.68 29.18 -19.28
C ASP A 68 -32.06 30.02 -18.17
N LEU A 69 -30.83 29.69 -17.75
CA LEU A 69 -30.08 30.57 -16.88
C LEU A 69 -28.95 31.30 -17.58
N PHE A 70 -28.65 30.94 -18.83
CA PHE A 70 -27.52 31.49 -19.56
C PHE A 70 -27.82 31.42 -21.05
N PRO A 71 -28.80 32.18 -21.53
CA PRO A 71 -29.18 32.06 -22.93
C PRO A 71 -28.20 32.68 -23.87
N ASN A 72 -27.09 33.22 -23.39
CA ASN A 72 -26.16 33.87 -24.29
C ASN A 72 -24.71 33.62 -23.90
N LEU A 73 -24.46 32.51 -23.21
CA LEU A 73 -23.11 31.98 -23.16
C LEU A 73 -22.70 31.58 -24.57
N THR A 74 -21.73 32.28 -25.13
CA THR A 74 -21.34 32.06 -26.51
C THR A 74 -19.96 31.45 -26.65
N VAL A 75 -19.00 31.90 -25.87
CA VAL A 75 -17.65 31.39 -25.96
C VAL A 75 -17.00 31.53 -24.60
N ILE A 76 -16.21 30.52 -24.23
CA ILE A 76 -15.57 30.45 -22.93
C ILE A 76 -14.09 30.29 -23.20
N ARG A 77 -13.31 31.32 -22.92
CA ARG A 77 -11.93 31.32 -23.38
C ARG A 77 -10.99 30.57 -22.45
N GLY A 78 -11.49 30.05 -21.33
CA GLY A 78 -10.76 29.14 -20.48
C GLY A 78 -9.33 29.53 -20.22
N TRP A 79 -9.13 30.71 -19.63
CA TRP A 79 -7.79 31.22 -19.45
C TRP A 79 -7.14 30.69 -18.18
N LYS A 80 -7.93 30.19 -17.23
CA LYS A 80 -7.40 29.60 -16.01
C LYS A 80 -8.23 28.37 -15.72
N LEU A 81 -7.67 27.19 -15.96
CA LEU A 81 -8.46 25.97 -15.98
C LEU A 81 -8.89 25.59 -14.57
N PHE A 82 -9.51 24.42 -14.45
CA PHE A 82 -9.85 23.85 -13.14
C PHE A 82 -9.38 22.40 -13.16
N TYR A 83 -8.21 22.16 -12.59
CA TYR A 83 -7.58 20.85 -12.63
C TYR A 83 -7.49 20.34 -14.07
N ASN A 84 -7.05 21.22 -14.95
CA ASN A 84 -7.02 20.93 -16.38
C ASN A 84 -8.43 20.60 -16.89
N TYR A 85 -9.32 21.58 -16.75
CA TYR A 85 -10.67 21.44 -17.27
C TYR A 85 -11.22 22.82 -17.56
N ALA A 86 -12.27 22.86 -18.38
CA ALA A 86 -12.93 24.10 -18.74
C ALA A 86 -14.38 24.16 -18.33
N LEU A 87 -15.09 23.05 -18.31
CA LEU A 87 -16.49 23.03 -17.90
C LEU A 87 -16.75 21.73 -17.19
N VAL A 88 -17.19 21.79 -15.93
CA VAL A 88 -17.40 20.58 -15.16
C VAL A 88 -18.80 20.59 -14.56
N ILE A 89 -19.56 19.54 -14.84
CA ILE A 89 -20.85 19.31 -14.24
C ILE A 89 -20.70 18.12 -13.31
N PHE A 90 -21.51 18.07 -12.26
CA PHE A 90 -21.37 16.97 -11.33
C PHE A 90 -22.63 16.84 -10.50
N GLU A 91 -23.34 15.72 -10.65
CA GLU A 91 -24.45 15.38 -9.78
C GLU A 91 -25.52 16.46 -9.78
N MET A 92 -26.16 16.64 -10.93
CA MET A 92 -27.26 17.59 -11.04
C MET A 92 -28.55 16.80 -11.28
N THR A 93 -29.20 16.42 -10.19
CA THR A 93 -30.51 15.81 -10.30
C THR A 93 -31.46 16.73 -11.03
N ASN A 94 -32.46 16.14 -11.69
CA ASN A 94 -33.55 16.87 -12.31
C ASN A 94 -33.08 17.88 -13.33
N LEU A 95 -31.87 17.71 -13.86
CA LEU A 95 -31.42 18.48 -15.00
C LEU A 95 -31.66 17.64 -16.24
N LYS A 96 -32.61 18.07 -17.08
CA LYS A 96 -33.04 17.23 -18.19
C LYS A 96 -32.09 17.33 -19.38
N ASP A 97 -31.43 18.46 -19.56
CA ASP A 97 -30.82 18.74 -20.85
C ASP A 97 -29.93 19.96 -20.73
N ILE A 98 -28.80 19.91 -21.43
CA ILE A 98 -27.83 20.98 -21.36
C ILE A 98 -28.37 22.17 -22.14
N GLY A 99 -28.90 23.15 -21.42
CA GLY A 99 -29.54 24.27 -22.06
C GLY A 99 -28.62 25.17 -22.86
N LEU A 100 -27.31 25.13 -22.63
CA LEU A 100 -26.42 26.03 -23.33
C LEU A 100 -26.41 25.74 -24.81
N TYR A 101 -27.07 26.58 -25.60
CA TYR A 101 -27.15 26.36 -27.03
C TYR A 101 -26.47 27.45 -27.83
N ASN A 102 -25.45 28.09 -27.27
CA ASN A 102 -24.72 29.10 -28.00
C ASN A 102 -23.22 29.05 -27.76
N LEU A 103 -22.74 28.11 -26.97
CA LEU A 103 -21.31 27.94 -26.77
C LEU A 103 -20.64 27.63 -28.10
N ARG A 104 -19.60 28.39 -28.44
CA ARG A 104 -19.03 28.26 -29.78
C ARG A 104 -17.59 27.77 -29.81
N ASN A 105 -16.64 28.46 -29.17
CA ASN A 105 -15.24 28.08 -29.32
C ASN A 105 -14.63 27.91 -27.92
N ILE A 106 -14.90 26.76 -27.31
CA ILE A 106 -14.23 26.43 -26.06
C ILE A 106 -12.73 26.38 -26.32
N THR A 107 -11.99 27.26 -25.66
CA THR A 107 -10.61 27.42 -26.05
C THR A 107 -9.74 26.24 -25.62
N ARG A 108 -9.59 26.00 -24.32
CA ARG A 108 -8.51 25.17 -23.82
C ARG A 108 -8.97 23.84 -23.26
N GLY A 109 -9.87 23.85 -22.28
CA GLY A 109 -10.08 22.66 -21.48
C GLY A 109 -10.77 21.54 -22.22
N ALA A 110 -11.38 20.66 -21.43
CA ALA A 110 -12.22 19.58 -21.94
C ALA A 110 -13.35 19.34 -20.95
N ILE A 111 -14.47 18.89 -21.48
CA ILE A 111 -15.68 18.71 -20.69
C ILE A 111 -15.42 17.66 -19.63
N ARG A 112 -16.05 17.80 -18.47
CA ARG A 112 -16.10 16.71 -17.50
C ARG A 112 -17.51 16.64 -16.92
N ILE A 113 -18.25 15.62 -17.34
CA ILE A 113 -19.64 15.42 -16.97
C ILE A 113 -19.79 14.00 -16.47
N GLU A 114 -20.30 13.84 -15.25
CA GLU A 114 -20.43 12.50 -14.72
C GLU A 114 -21.59 12.42 -13.74
N LYS A 115 -22.18 11.23 -13.67
CA LYS A 115 -23.20 10.87 -12.67
C LYS A 115 -24.28 11.94 -12.56
N ASN A 116 -25.07 12.03 -13.61
CA ASN A 116 -26.28 12.84 -13.59
C ASN A 116 -27.44 12.03 -14.13
N ALA A 117 -28.57 12.12 -13.44
CA ALA A 117 -29.67 11.20 -13.70
C ALA A 117 -30.30 11.43 -15.05
N ASP A 118 -30.31 12.66 -15.54
CA ASP A 118 -31.10 12.97 -16.72
C ASP A 118 -30.37 13.85 -17.74
N LEU A 119 -29.07 13.67 -17.94
CA LEU A 119 -28.34 14.50 -18.89
C LEU A 119 -28.30 13.81 -20.25
N CYS A 120 -29.47 13.56 -20.79
CA CYS A 120 -29.57 13.09 -22.16
C CYS A 120 -29.45 14.29 -23.09
N TYR A 121 -29.75 14.10 -24.38
CA TYR A 121 -29.46 15.11 -25.39
C TYR A 121 -27.98 15.39 -25.42
N LEU A 122 -27.18 14.32 -25.50
CA LEU A 122 -25.74 14.45 -25.47
C LEU A 122 -25.07 14.07 -26.79
N SER A 123 -25.23 12.82 -27.22
CA SER A 123 -24.62 12.41 -28.48
C SER A 123 -25.17 13.21 -29.64
N THR A 124 -26.31 13.86 -29.46
CA THR A 124 -26.88 14.74 -30.47
C THR A 124 -26.24 16.11 -30.48
N ILE A 125 -25.04 16.23 -29.93
CA ILE A 125 -24.30 17.48 -29.91
C ILE A 125 -22.87 17.19 -30.30
N ASP A 126 -22.40 17.84 -31.36
CA ASP A 126 -21.00 17.69 -31.72
C ASP A 126 -20.12 18.31 -30.65
N TRP A 127 -18.88 17.86 -30.58
CA TRP A 127 -17.86 18.60 -29.88
C TRP A 127 -16.80 19.14 -30.83
N SER A 128 -16.58 18.47 -31.95
CA SER A 128 -15.49 18.80 -32.86
C SER A 128 -15.63 20.17 -33.48
N LEU A 129 -16.80 20.80 -33.44
CA LEU A 129 -16.91 22.14 -33.99
C LEU A 129 -16.92 23.22 -32.92
N ILE A 130 -16.78 22.86 -31.64
CA ILE A 130 -16.76 23.85 -30.58
C ILE A 130 -15.50 23.80 -29.76
N LEU A 131 -14.69 22.75 -29.88
CA LEU A 131 -13.38 22.74 -29.25
C LEU A 131 -12.49 21.87 -30.11
N ASP A 132 -11.22 21.75 -29.74
CA ASP A 132 -10.26 21.18 -30.66
C ASP A 132 -9.56 19.93 -30.15
N ALA A 133 -9.69 19.61 -28.87
CA ALA A 133 -9.05 18.43 -28.28
C ALA A 133 -10.05 17.41 -27.76
N VAL A 134 -11.11 17.16 -28.51
CA VAL A 134 -12.32 16.50 -28.03
C VAL A 134 -12.03 15.22 -27.23
N SER A 135 -11.06 14.44 -27.67
CA SER A 135 -10.89 13.10 -27.12
C SER A 135 -10.34 13.09 -25.70
N ASN A 136 -10.25 14.24 -25.05
CA ASN A 136 -9.85 14.29 -23.64
C ASN A 136 -11.05 14.49 -22.73
N ASN A 137 -12.25 14.21 -23.22
CA ASN A 137 -13.43 14.44 -22.43
C ASN A 137 -13.62 13.33 -21.40
N TYR A 138 -14.79 13.33 -20.77
CA TYR A 138 -15.05 12.41 -19.68
C TYR A 138 -16.57 12.36 -19.48
N ILE A 139 -17.18 11.24 -19.84
CA ILE A 139 -18.63 11.10 -19.87
C ILE A 139 -18.98 9.72 -19.36
N VAL A 140 -19.62 9.65 -18.20
CA VAL A 140 -19.93 8.39 -17.56
C VAL A 140 -21.07 8.62 -16.58
N GLY A 141 -21.87 7.59 -16.34
CA GLY A 141 -22.86 7.64 -15.29
C GLY A 141 -24.09 8.45 -15.60
N ASN A 142 -24.28 8.85 -16.85
CA ASN A 142 -25.50 9.54 -17.22
C ASN A 142 -26.58 8.51 -17.49
N LYS A 143 -27.67 8.95 -18.10
CA LYS A 143 -28.68 8.03 -18.57
C LYS A 143 -28.08 7.14 -19.66
N PRO A 144 -28.06 5.82 -19.49
CA PRO A 144 -27.49 4.97 -20.53
C PRO A 144 -28.21 5.18 -21.83
N PRO A 145 -27.49 5.16 -22.96
CA PRO A 145 -28.02 5.72 -24.21
C PRO A 145 -29.23 4.99 -24.77
N LYS A 146 -29.75 4.00 -24.07
CA LYS A 146 -30.93 3.29 -24.54
C LYS A 146 -32.18 3.67 -23.78
N GLU A 147 -32.10 4.65 -22.87
CA GLU A 147 -33.18 4.90 -21.93
C GLU A 147 -33.89 6.23 -22.11
N CYS A 148 -33.36 7.14 -22.92
CA CYS A 148 -34.08 8.37 -23.23
C CYS A 148 -34.43 8.49 -24.70
N GLY A 149 -33.43 8.34 -25.57
CA GLY A 149 -33.68 8.39 -26.99
C GLY A 149 -34.33 9.71 -27.38
N ASP A 150 -33.57 10.79 -27.28
CA ASP A 150 -34.15 12.10 -27.51
C ASP A 150 -34.65 12.22 -28.94
N LEU A 151 -35.36 13.30 -29.19
CA LEU A 151 -35.77 13.69 -30.53
C LEU A 151 -35.11 15.03 -30.84
N CYS A 152 -35.47 15.59 -31.99
CA CYS A 152 -34.83 16.80 -32.47
C CYS A 152 -35.92 17.66 -33.07
N PRO A 153 -35.77 19.02 -33.05
CA PRO A 153 -36.91 19.92 -33.34
C PRO A 153 -37.96 19.41 -34.31
N GLY A 154 -37.53 18.78 -35.40
CA GLY A 154 -38.46 18.32 -36.41
C GLY A 154 -38.90 16.88 -36.19
N THR A 155 -40.19 16.72 -35.97
CA THR A 155 -40.81 15.41 -36.16
C THR A 155 -41.29 15.26 -37.60
N LEU A 156 -41.70 16.36 -38.21
CA LEU A 156 -41.96 16.37 -39.64
C LEU A 156 -40.65 16.57 -40.41
N GLU A 157 -40.01 17.72 -40.20
CA GLU A 157 -38.74 18.03 -40.83
C GLU A 157 -37.87 18.82 -39.87
N GLU A 158 -36.58 18.54 -39.91
CA GLU A 158 -35.60 19.14 -39.03
C GLU A 158 -35.77 20.65 -38.83
N CYS A 162 -32.84 21.19 -37.76
CA CYS A 162 -31.75 21.67 -38.57
C CYS A 162 -30.91 20.54 -39.14
N GLU A 163 -29.74 20.91 -39.66
CA GLU A 163 -28.92 20.01 -40.44
C GLU A 163 -28.54 18.77 -39.65
N LYS A 164 -28.17 17.72 -40.38
CA LYS A 164 -27.56 16.53 -39.79
C LYS A 164 -26.15 16.42 -40.31
N THR A 165 -25.30 15.73 -39.56
CA THR A 165 -23.90 15.63 -39.94
C THR A 165 -23.35 14.26 -39.57
N THR A 166 -22.13 14.03 -40.03
CA THR A 166 -21.38 12.83 -39.70
C THR A 166 -20.47 13.11 -38.52
N ILE A 167 -20.26 12.08 -37.71
CA ILE A 167 -19.15 12.01 -36.78
C ILE A 167 -19.05 10.56 -36.34
N ASN A 168 -17.83 10.04 -36.28
CA ASN A 168 -17.62 8.62 -35.98
C ASN A 168 -18.39 7.73 -36.97
N ASN A 169 -18.66 8.29 -38.15
CA ASN A 169 -19.39 7.61 -39.23
C ASN A 169 -20.80 7.19 -38.81
N GLU A 170 -21.63 8.19 -38.58
CA GLU A 170 -23.07 8.00 -38.45
C GLU A 170 -23.75 9.32 -38.71
N TYR A 171 -25.07 9.26 -38.87
CA TYR A 171 -25.88 10.43 -39.17
C TYR A 171 -26.91 10.70 -38.09
N ASN A 172 -27.14 11.99 -37.84
CA ASN A 172 -28.14 12.49 -36.91
C ASN A 172 -28.07 14.01 -37.00
N TYR A 173 -29.11 14.66 -36.52
CA TYR A 173 -29.14 16.11 -36.54
C TYR A 173 -28.23 16.64 -35.43
N ARG A 174 -28.23 17.95 -35.24
CA ARG A 174 -27.37 18.57 -34.23
C ARG A 174 -28.22 19.57 -33.45
N CYS A 175 -28.82 19.11 -32.37
CA CYS A 175 -29.74 19.92 -31.59
C CYS A 175 -29.46 19.75 -30.10
N TRP A 176 -29.24 20.88 -29.43
CA TRP A 176 -29.06 20.87 -27.99
C TRP A 176 -30.29 20.33 -27.29
N THR A 177 -31.38 21.06 -27.34
CA THR A 177 -32.62 20.70 -26.67
C THR A 177 -33.70 20.50 -27.73
N THR A 178 -34.83 19.94 -27.30
CA THR A 178 -35.87 19.57 -28.24
C THR A 178 -36.48 20.76 -28.97
N ASN A 179 -36.12 21.98 -28.61
CA ASN A 179 -36.60 23.16 -29.31
C ASN A 179 -35.49 24.06 -29.82
N ARG A 180 -34.25 23.60 -29.79
CA ARG A 180 -33.13 24.34 -30.34
C ARG A 180 -32.35 23.41 -31.25
N CYS A 181 -31.51 23.98 -32.10
CA CYS A 181 -30.61 23.20 -32.92
C CYS A 181 -29.22 23.82 -32.89
N GLN A 182 -28.20 22.98 -32.92
CA GLN A 182 -26.86 23.47 -33.11
C GLN A 182 -26.74 24.00 -34.53
N LYS A 183 -25.94 25.05 -34.71
CA LYS A 183 -25.89 25.77 -35.97
C LYS A 183 -24.46 25.80 -36.49
N MET A 184 -24.18 24.96 -37.47
CA MET A 184 -22.90 25.00 -38.17
C MET A 184 -22.99 26.12 -39.20
N CYS A 185 -22.14 27.11 -39.05
CA CYS A 185 -22.10 27.99 -40.20
C CYS A 185 -21.32 27.32 -41.32
N PRO A 186 -21.89 27.25 -42.52
CA PRO A 186 -21.26 26.47 -43.59
C PRO A 186 -19.92 27.04 -44.01
N SER A 187 -19.27 26.39 -44.97
CA SER A 187 -17.91 26.69 -45.35
C SER A 187 -17.81 27.93 -46.23
N VAL A 188 -18.81 28.81 -46.14
CA VAL A 188 -18.88 30.04 -46.93
C VAL A 188 -17.54 30.75 -47.01
N CYS A 189 -16.85 30.89 -45.88
CA CYS A 189 -15.55 31.56 -45.88
C CYS A 189 -14.62 31.04 -44.78
N ARG A 192 -14.32 32.33 -42.01
CA ARG A 192 -15.10 31.20 -41.52
C ARG A 192 -15.89 31.61 -40.29
N ALA A 193 -15.51 32.73 -39.69
CA ALA A 193 -16.36 33.34 -38.67
C ALA A 193 -17.67 33.78 -39.30
N CYS A 194 -18.73 33.75 -38.51
CA CYS A 194 -20.06 33.80 -39.10
C CYS A 194 -20.96 34.75 -38.33
N THR A 195 -22.25 34.64 -38.64
CA THR A 195 -23.33 35.33 -37.95
C THR A 195 -24.60 34.56 -38.28
N GLU A 196 -25.71 34.98 -37.68
CA GLU A 196 -26.98 34.39 -38.03
C GLU A 196 -27.37 34.79 -39.45
N ASN A 197 -28.03 33.86 -40.15
CA ASN A 197 -28.43 33.96 -41.55
C ASN A 197 -27.28 33.71 -42.51
N ASN A 198 -26.13 33.27 -42.01
CA ASN A 198 -25.01 32.81 -42.83
C ASN A 198 -24.43 33.94 -43.68
N GLU A 199 -24.01 35.01 -43.01
CA GLU A 199 -23.17 36.03 -43.62
C GLU A 199 -21.75 35.85 -43.12
N CYS A 200 -20.77 36.14 -43.97
CA CYS A 200 -19.38 35.98 -43.57
C CYS A 200 -18.96 37.26 -42.85
N CYS A 201 -18.77 37.15 -41.54
CA CYS A 201 -18.37 38.29 -40.73
C CYS A 201 -16.89 38.56 -40.94
N HIS A 202 -16.39 39.66 -40.39
CA HIS A 202 -14.97 39.91 -40.41
C HIS A 202 -14.27 38.86 -39.56
N PRO A 203 -13.50 37.95 -40.15
CA PRO A 203 -13.05 36.76 -39.40
C PRO A 203 -12.33 37.07 -38.10
N GLU A 204 -11.94 38.32 -37.86
CA GLU A 204 -11.31 38.67 -36.60
C GLU A 204 -12.27 38.66 -35.43
N CYS A 205 -13.55 38.34 -35.64
CA CYS A 205 -14.42 38.16 -34.49
C CYS A 205 -14.77 36.68 -34.33
N LEU A 206 -15.58 36.39 -33.32
CA LEU A 206 -15.79 35.04 -32.84
C LEU A 206 -17.16 34.93 -32.19
N GLY A 207 -17.86 33.84 -32.49
CA GLY A 207 -19.16 33.66 -31.92
C GLY A 207 -20.27 34.15 -32.83
N SER A 208 -20.69 35.39 -32.65
CA SER A 208 -21.71 35.99 -33.48
C SER A 208 -21.25 37.36 -33.96
N CYS A 209 -22.05 37.94 -34.85
CA CYS A 209 -21.78 39.26 -35.43
C CYS A 209 -23.12 39.91 -35.73
N HIS A 210 -23.31 41.14 -35.27
CA HIS A 210 -24.52 41.88 -35.58
C HIS A 210 -24.28 42.83 -36.76
N PRO A 212 -22.04 41.89 -40.55
CA PRO A 212 -21.23 41.11 -41.47
C PRO A 212 -20.07 41.93 -42.01
N ASP A 213 -18.85 41.40 -41.92
CA ASP A 213 -17.63 42.19 -42.13
C ASP A 213 -17.65 43.44 -41.26
N ASP A 214 -17.91 43.23 -39.98
CA ASP A 214 -17.96 44.31 -39.00
C ASP A 214 -16.76 44.19 -38.07
N ASN A 215 -16.20 45.34 -37.71
CA ASN A 215 -15.19 45.38 -36.68
C ASN A 215 -15.69 46.05 -35.41
N THR A 216 -16.99 46.32 -35.31
CA THR A 216 -17.50 47.02 -34.14
C THR A 216 -18.85 46.47 -33.66
N THR A 217 -19.40 45.45 -34.31
CA THR A 217 -20.77 45.03 -34.02
C THR A 217 -20.87 43.53 -33.79
N CYS A 218 -19.91 42.98 -33.04
CA CYS A 218 -19.93 41.55 -32.78
C CYS A 218 -19.83 41.33 -31.28
N VAL A 219 -19.97 40.07 -30.86
CA VAL A 219 -20.21 39.77 -29.46
C VAL A 219 -18.91 39.48 -28.71
N ALA A 220 -18.00 38.72 -29.28
CA ALA A 220 -16.79 38.32 -28.56
C ALA A 220 -15.62 38.34 -29.54
N CYS A 221 -14.95 39.49 -29.63
CA CYS A 221 -13.80 39.63 -30.53
C CYS A 221 -12.78 38.57 -30.18
N ARG A 222 -12.56 37.65 -31.09
CA ARG A 222 -11.51 36.68 -30.91
C ARG A 222 -10.17 37.36 -30.75
N HIS A 223 -9.25 36.65 -30.13
CA HIS A 223 -7.83 36.84 -30.35
C HIS A 223 -7.34 38.13 -29.71
N TYR A 224 -8.28 39.01 -29.36
CA TYR A 224 -8.18 40.11 -28.41
C TYR A 224 -9.43 40.93 -28.46
N TYR A 225 -9.51 41.96 -27.63
CA TYR A 225 -10.55 42.97 -27.72
C TYR A 225 -9.95 44.32 -27.37
N TYR A 226 -10.42 45.36 -28.05
CA TYR A 226 -9.99 46.71 -27.71
C TYR A 226 -10.98 47.75 -28.22
N LYS A 227 -11.54 48.52 -27.30
CA LYS A 227 -12.29 49.74 -27.62
C LYS A 227 -13.41 49.43 -28.62
N GLY A 228 -14.03 48.27 -28.47
CA GLY A 228 -15.06 47.84 -29.36
C GLY A 228 -14.57 47.25 -30.66
N VAL A 229 -13.27 47.11 -30.84
CA VAL A 229 -12.68 46.69 -32.11
C VAL A 229 -11.94 45.39 -31.90
N CYS A 230 -12.20 44.41 -32.75
CA CYS A 230 -11.37 43.21 -32.80
C CYS A 230 -9.99 43.62 -33.29
N VAL A 231 -8.97 42.91 -32.85
CA VAL A 231 -7.59 43.25 -33.21
C VAL A 231 -6.65 42.12 -32.80
N PRO A 232 -5.63 41.79 -33.60
CA PRO A 232 -4.69 40.75 -33.18
C PRO A 232 -3.49 41.27 -32.41
N ALA A 233 -3.36 42.59 -32.23
CA ALA A 233 -2.24 43.14 -31.48
C ALA A 233 -2.58 44.60 -31.14
N CYS A 234 -2.70 44.92 -29.86
CA CYS A 234 -3.07 46.28 -29.53
C CYS A 234 -1.85 47.20 -29.53
N PRO A 235 -2.05 48.48 -29.85
CA PRO A 235 -0.92 49.41 -30.03
C PRO A 235 0.01 49.44 -28.83
N PRO A 236 1.27 49.86 -29.02
CA PRO A 236 2.29 49.66 -27.98
C PRO A 236 2.08 50.47 -26.71
N GLY A 237 1.10 51.36 -26.67
CA GLY A 237 0.78 52.02 -25.41
C GLY A 237 -0.26 51.20 -24.69
N THR A 238 -1.12 50.56 -25.47
CA THR A 238 -2.16 49.67 -24.96
C THR A 238 -1.54 48.30 -24.69
N TYR A 239 -1.48 47.93 -23.41
CA TYR A 239 -0.94 46.64 -23.02
C TYR A 239 -2.06 45.64 -22.80
N ARG A 240 -1.80 44.40 -23.22
CA ARG A 240 -2.80 43.34 -23.10
C ARG A 240 -3.07 43.05 -21.63
N PHE A 241 -4.15 42.32 -21.40
CA PHE A 241 -4.66 42.16 -20.05
C PHE A 241 -5.67 41.03 -20.04
N GLU A 242 -5.46 40.07 -19.15
CA GLU A 242 -6.36 38.95 -18.92
C GLU A 242 -6.61 38.14 -20.18
N GLY A 243 -5.75 38.27 -21.17
CA GLY A 243 -5.92 37.51 -22.39
C GLY A 243 -7.01 38.01 -23.30
N TRP A 244 -7.68 39.08 -22.97
CA TRP A 244 -8.64 39.58 -23.97
C TRP A 244 -8.53 41.07 -24.22
N ARG A 245 -8.31 41.89 -23.20
CA ARG A 245 -8.49 43.32 -23.40
C ARG A 245 -7.24 44.08 -22.97
N CYS A 246 -6.96 45.17 -23.67
CA CYS A 246 -5.80 45.98 -23.40
C CYS A 246 -6.23 47.26 -22.67
N VAL A 247 -5.29 47.88 -21.98
CA VAL A 247 -5.51 49.13 -21.29
C VAL A 247 -4.27 50.00 -21.43
N ASP A 248 -4.43 51.28 -21.11
CA ASP A 248 -3.30 52.19 -21.20
C ASP A 248 -2.31 51.90 -20.09
N ARG A 249 -1.30 52.77 -19.96
CA ARG A 249 -0.21 52.48 -19.05
C ARG A 249 -0.60 52.77 -17.60
N ASP A 250 -1.23 53.93 -17.36
CA ASP A 250 -1.53 54.33 -16.00
C ASP A 250 -2.61 53.48 -15.35
N PHE A 251 -3.48 52.86 -16.14
CA PHE A 251 -4.64 52.15 -15.60
C PHE A 251 -4.24 51.16 -14.53
N CYS A 252 -3.47 50.15 -14.92
CA CYS A 252 -3.11 49.10 -13.97
C CYS A 252 -2.34 49.67 -12.79
N ALA A 253 -1.47 50.63 -13.06
CA ALA A 253 -0.73 51.28 -11.99
C ALA A 253 -1.67 51.82 -10.93
N ASN A 254 -2.75 52.47 -11.35
CA ASN A 254 -3.72 52.99 -10.40
C ASN A 254 -4.69 51.92 -9.89
N ILE A 255 -4.50 50.66 -10.28
CA ILE A 255 -5.36 49.56 -9.87
C ILE A 255 -4.74 48.87 -8.66
N PRO A 256 -5.54 48.53 -7.62
CA PRO A 256 -5.02 47.89 -6.40
C PRO A 256 -4.43 46.51 -6.67
N SER A 263 2.76 45.29 -1.01
CA SER A 263 2.53 44.63 -2.29
C SER A 263 2.02 45.62 -3.33
N ASP A 264 2.85 45.91 -4.33
CA ASP A 264 2.49 46.89 -5.35
C ASP A 264 1.47 46.28 -6.30
N GLY A 265 1.16 47.00 -7.37
CA GLY A 265 0.14 46.55 -8.30
C GLY A 265 0.65 45.50 -9.26
N PHE A 266 0.23 45.59 -10.52
CA PHE A 266 0.55 44.61 -11.53
C PHE A 266 1.70 45.15 -12.38
N VAL A 267 2.90 44.66 -12.13
CA VAL A 267 4.09 45.20 -12.76
C VAL A 267 4.02 44.98 -14.26
N ILE A 268 4.71 45.83 -15.01
CA ILE A 268 4.66 45.81 -16.46
C ILE A 268 5.75 44.88 -16.94
N HIS A 269 5.42 44.08 -17.94
CA HIS A 269 6.35 43.12 -18.52
C HIS A 269 5.79 42.65 -19.86
N ASP A 270 6.55 42.89 -20.92
CA ASP A 270 6.26 42.36 -22.25
C ASP A 270 4.90 42.79 -22.78
N ASP A 271 4.46 44.01 -22.44
CA ASP A 271 3.15 44.56 -22.78
C ASP A 271 2.04 43.92 -21.98
N GLU A 272 2.32 43.62 -20.71
CA GLU A 272 1.33 43.08 -19.79
C GLU A 272 1.45 43.78 -18.45
N CYS A 273 0.30 43.99 -17.80
CA CYS A 273 0.29 44.42 -16.39
C CYS A 273 -0.02 43.18 -15.57
N MET A 274 1.02 42.41 -15.29
CA MET A 274 0.86 41.11 -14.64
C MET A 274 0.87 41.27 -13.14
N GLN A 275 0.12 40.39 -12.46
CA GLN A 275 0.15 40.35 -11.01
C GLN A 275 1.56 40.10 -10.51
N GLU A 276 2.18 39.03 -10.97
CA GLU A 276 3.57 38.74 -10.65
C GLU A 276 4.35 38.46 -11.92
N CYS A 277 5.40 39.23 -12.15
CA CYS A 277 6.19 39.02 -13.33
C CYS A 277 6.95 37.71 -13.18
N PRO A 278 6.95 36.88 -14.20
CA PRO A 278 7.31 35.47 -14.01
C PRO A 278 8.77 35.23 -13.68
N SER A 279 9.12 33.95 -13.58
CA SER A 279 10.48 33.55 -13.29
C SER A 279 11.45 34.11 -14.32
N GLY A 280 12.69 34.25 -13.90
CA GLY A 280 13.72 34.81 -14.76
C GLY A 280 13.80 36.31 -14.74
N PHE A 281 13.26 36.96 -13.70
CA PHE A 281 13.33 38.41 -13.58
C PHE A 281 13.27 38.79 -12.12
N ILE A 282 13.42 40.10 -11.86
CA ILE A 282 13.14 40.67 -10.55
C ILE A 282 13.01 42.17 -10.73
N ARG A 283 12.28 42.81 -9.83
CA ARG A 283 11.83 44.16 -10.06
C ARG A 283 12.98 45.16 -9.98
N ASN A 284 13.12 45.94 -11.04
CA ASN A 284 13.96 47.13 -10.97
C ASN A 284 13.26 48.18 -10.11
N SER A 285 13.70 48.27 -8.86
CA SER A 285 13.10 49.21 -7.91
C SER A 285 13.01 50.60 -8.52
N THR A 286 14.01 50.98 -9.32
CA THR A 286 13.86 52.17 -10.14
C THR A 286 12.70 51.96 -11.10
N GLN A 287 11.60 52.69 -10.84
CA GLN A 287 10.31 52.41 -11.45
C GLN A 287 9.89 50.96 -11.18
N SER A 288 9.60 50.71 -9.90
CA SER A 288 9.39 49.36 -9.38
C SER A 288 8.34 48.57 -10.15
N MET A 289 7.54 49.21 -10.99
CA MET A 289 6.59 48.48 -11.80
C MET A 289 7.22 47.81 -13.00
N TYR A 290 8.55 47.88 -13.14
CA TYR A 290 9.29 47.16 -14.16
C TYR A 290 10.24 46.19 -13.48
N CYS A 291 10.31 44.96 -13.98
CA CYS A 291 11.20 43.96 -13.43
C CYS A 291 12.21 43.51 -14.47
N ILE A 292 13.49 43.54 -14.10
CA ILE A 292 14.59 43.20 -14.99
C ILE A 292 14.93 41.72 -14.86
N PRO A 293 15.23 41.03 -15.95
CA PRO A 293 15.84 39.70 -15.83
C PRO A 293 17.23 39.81 -15.23
N CYS A 294 17.57 38.87 -14.36
CA CYS A 294 18.87 38.81 -13.73
C CYS A 294 19.53 37.48 -14.05
N GLU A 295 20.67 37.25 -13.39
CA GLU A 295 21.39 35.99 -13.56
C GLU A 295 21.01 34.95 -12.53
N GLY A 296 20.79 35.37 -11.29
CA GLY A 296 20.52 34.44 -10.23
C GLY A 296 19.08 33.97 -10.26
N PRO A 297 18.81 32.94 -9.48
CA PRO A 297 17.44 32.44 -9.35
C PRO A 297 16.67 33.18 -8.27
N CYS A 298 16.32 34.44 -8.56
CA CYS A 298 15.44 35.27 -7.75
C CYS A 298 15.88 35.33 -6.30
N PRO A 299 16.93 36.06 -5.99
CA PRO A 299 17.36 36.14 -4.59
C PRO A 299 16.34 36.87 -3.73
N LYS A 300 15.58 36.10 -2.98
CA LYS A 300 14.58 36.61 -2.07
C LYS A 300 15.02 36.31 -0.64
N VAL A 301 14.73 37.25 0.25
CA VAL A 301 15.21 37.16 1.62
C VAL A 301 14.08 36.63 2.50
N CYS A 302 14.44 36.19 3.70
CA CYS A 302 13.48 35.81 4.73
C CYS A 302 14.05 36.11 6.11
N GLU A 306 13.06 38.68 11.34
CA GLU A 306 13.45 39.35 12.57
C GLU A 306 14.43 38.46 13.35
N LYS A 307 13.92 37.41 13.99
CA LYS A 307 14.77 36.56 14.80
C LYS A 307 15.69 35.73 13.91
N LYS A 308 16.60 35.01 14.55
CA LYS A 308 17.64 34.28 13.82
C LYS A 308 17.42 32.78 13.83
N THR A 309 16.70 32.25 14.80
CA THR A 309 16.31 30.85 14.74
C THR A 309 15.03 30.70 13.93
N LYS A 310 14.85 29.52 13.36
CA LYS A 310 13.60 29.16 12.70
C LYS A 310 13.47 27.65 12.85
N THR A 311 12.72 27.21 13.85
CA THR A 311 12.56 25.79 14.08
C THR A 311 11.83 25.14 12.90
N ILE A 312 12.08 23.85 12.74
CA ILE A 312 11.28 23.03 11.83
C ILE A 312 11.00 21.73 12.54
N ASP A 313 9.78 21.25 12.43
CA ASP A 313 9.46 19.96 13.01
C ASP A 313 8.77 19.03 12.03
N SER A 314 7.89 19.56 11.19
CA SER A 314 7.13 18.73 10.27
C SER A 314 7.17 19.40 8.90
N VAL A 315 6.28 18.96 8.02
CA VAL A 315 6.28 19.48 6.66
C VAL A 315 5.77 20.91 6.60
N THR A 316 4.81 21.28 7.46
CA THR A 316 4.16 22.56 7.31
C THR A 316 5.06 23.71 7.77
N SER A 317 5.59 23.60 8.99
CA SER A 317 6.30 24.72 9.61
C SER A 317 7.44 25.26 8.76
N ALA A 318 7.82 24.57 7.69
CA ALA A 318 8.77 25.10 6.73
C ALA A 318 8.10 25.96 5.66
N GLN A 319 6.77 25.93 5.57
CA GLN A 319 6.07 26.53 4.44
C GLN A 319 6.52 27.96 4.18
N MET A 320 6.80 28.71 5.23
CA MET A 320 7.17 30.11 5.09
C MET A 320 8.60 30.30 4.63
N LEU A 321 9.25 29.26 4.11
CA LEU A 321 10.61 29.38 3.59
C LEU A 321 10.72 28.97 2.13
N GLN A 322 9.62 28.56 1.51
CA GLN A 322 9.69 28.03 0.16
C GLN A 322 10.21 29.10 -0.78
N GLY A 323 11.45 28.99 -1.19
CA GLY A 323 11.94 29.79 -2.29
C GLY A 323 12.99 30.81 -1.91
N CYS A 324 12.82 31.49 -0.79
CA CYS A 324 13.76 32.52 -0.43
C CYS A 324 15.10 31.87 -0.11
N THR A 325 16.02 31.97 -1.06
CA THR A 325 17.26 31.22 -1.00
C THR A 325 18.26 31.76 0.02
N ILE A 326 17.94 32.86 0.69
CA ILE A 326 18.86 33.48 1.62
C ILE A 326 18.11 33.76 2.91
N LEU A 327 18.60 33.23 4.02
CA LEU A 327 17.95 33.38 5.31
C LEU A 327 18.88 34.14 6.26
N LYS A 328 18.30 35.01 7.06
CA LYS A 328 19.06 35.86 7.97
C LYS A 328 18.98 35.23 9.35
N GLY A 329 19.83 34.24 9.61
CA GLY A 329 19.78 33.60 10.90
C GLY A 329 20.35 32.20 10.95
N ASN A 330 19.55 31.26 11.45
CA ASN A 330 20.00 29.91 11.75
C ASN A 330 18.93 28.91 11.34
N LEU A 331 19.26 27.64 11.52
CA LEU A 331 18.30 26.55 11.40
C LEU A 331 18.42 25.67 12.62
N LEU A 332 17.28 25.30 13.19
CA LEU A 332 17.24 24.31 14.27
C LEU A 332 16.31 23.20 13.83
N ILE A 333 16.90 22.10 13.38
CA ILE A 333 16.14 20.98 12.82
C ILE A 333 15.84 19.99 13.92
N ASN A 334 14.54 19.76 14.13
CA ASN A 334 14.04 18.81 15.12
C ASN A 334 12.80 18.17 14.50
N ILE A 335 12.97 17.04 13.84
CA ILE A 335 11.85 16.28 13.31
C ILE A 335 11.82 14.95 14.05
N ARG A 336 10.67 14.64 14.63
CA ARG A 336 10.52 13.33 15.26
C ARG A 336 10.11 12.29 14.25
N ARG A 337 9.01 12.53 13.54
CA ARG A 337 8.60 11.57 12.52
C ARG A 337 7.63 12.20 11.54
N GLY A 338 7.06 11.38 10.67
CA GLY A 338 6.04 11.84 9.76
C GLY A 338 5.87 10.84 8.64
N ASN A 339 5.43 11.37 7.50
CA ASN A 339 5.34 10.59 6.27
C ASN A 339 6.70 10.55 5.60
N ASN A 340 6.71 10.24 4.30
CA ASN A 340 7.95 10.20 3.56
C ASN A 340 8.52 11.61 3.46
N ILE A 341 9.21 12.02 4.52
CA ILE A 341 9.55 13.41 4.75
C ILE A 341 10.38 13.98 3.60
N ALA A 342 11.52 13.34 3.33
CA ALA A 342 12.61 14.00 2.62
C ALA A 342 12.15 14.67 1.34
N SER A 343 11.27 14.00 0.58
CA SER A 343 10.86 14.54 -0.71
C SER A 343 10.30 15.95 -0.57
N GLU A 344 9.16 16.08 0.09
CA GLU A 344 8.54 17.41 0.13
C GLU A 344 9.27 18.33 1.09
N LEU A 345 9.93 17.78 2.11
CA LEU A 345 10.76 18.64 2.94
C LEU A 345 11.76 19.40 2.08
N GLU A 346 12.50 18.68 1.25
CA GLU A 346 13.39 19.33 0.30
C GLU A 346 12.64 20.28 -0.61
N ASN A 347 11.57 19.80 -1.24
CA ASN A 347 10.86 20.62 -2.21
C ASN A 347 10.40 21.94 -1.58
N PHE A 348 10.23 21.98 -0.26
CA PHE A 348 9.98 23.22 0.44
C PHE A 348 11.26 24.02 0.65
N MET A 349 12.28 23.40 1.23
CA MET A 349 13.45 24.14 1.66
C MET A 349 14.63 24.03 0.72
N GLY A 350 14.56 23.18 -0.31
CA GLY A 350 15.75 22.78 -1.03
C GLY A 350 16.45 23.87 -1.81
N LEU A 351 15.97 25.10 -1.74
CA LEU A 351 16.52 26.15 -2.58
C LEU A 351 17.41 27.10 -1.82
N ILE A 352 17.62 26.89 -0.52
CA ILE A 352 18.38 27.83 0.30
C ILE A 352 19.80 27.91 -0.22
N GLU A 353 20.29 29.12 -0.40
CA GLU A 353 21.67 29.28 -0.84
C GLU A 353 22.62 29.46 0.34
N VAL A 354 22.44 30.52 1.11
CA VAL A 354 23.40 30.92 2.12
C VAL A 354 22.66 31.38 3.36
N VAL A 355 22.90 30.71 4.48
CA VAL A 355 22.33 31.10 5.74
C VAL A 355 23.41 31.81 6.56
N THR A 356 22.99 32.81 7.32
CA THR A 356 23.91 33.74 7.95
C THR A 356 24.60 33.17 9.16
N GLY A 357 23.84 32.84 10.21
CA GLY A 357 24.42 32.45 11.48
C GLY A 357 24.81 30.98 11.56
N TYR A 358 24.40 30.30 12.62
CA TYR A 358 24.78 28.91 12.83
C TYR A 358 23.74 27.97 12.25
N VAL A 359 24.04 26.68 12.31
CA VAL A 359 23.13 25.62 11.90
C VAL A 359 23.21 24.54 12.97
N LYS A 360 22.05 24.00 13.37
CA LYS A 360 22.03 23.02 14.45
C LYS A 360 20.84 22.09 14.27
N ILE A 361 21.09 20.81 14.52
CA ILE A 361 20.09 19.76 14.33
C ILE A 361 20.18 18.85 15.53
N ARG A 362 19.11 18.80 16.32
CA ARG A 362 19.16 18.09 17.60
C ARG A 362 17.95 17.22 17.80
N HIS A 363 18.18 16.04 18.39
CA HIS A 363 17.13 15.15 18.84
C HIS A 363 16.27 14.66 17.69
N SER A 364 16.55 15.12 16.48
CA SER A 364 15.72 14.81 15.34
C SER A 364 16.09 13.45 14.78
N HIS A 365 15.10 12.57 14.65
CA HIS A 365 15.37 11.17 14.36
C HIS A 365 14.97 10.75 12.96
N ALA A 366 13.80 11.16 12.49
CA ALA A 366 13.31 10.64 11.23
C ALA A 366 14.18 10.99 10.04
N LEU A 367 15.28 11.72 10.23
CA LEU A 367 16.20 12.02 9.16
C LEU A 367 17.20 10.89 8.97
N VAL A 368 17.63 10.70 7.73
CA VAL A 368 18.62 9.69 7.43
C VAL A 368 19.83 10.34 6.80
N SER A 369 19.58 11.28 5.89
CA SER A 369 20.67 12.03 5.31
C SER A 369 20.18 13.42 4.98
N LEU A 370 21.08 14.38 5.11
CA LEU A 370 20.70 15.78 5.05
C LEU A 370 20.74 16.30 3.63
N SER A 371 20.73 15.43 2.64
CA SER A 371 20.87 15.86 1.26
C SER A 371 19.79 16.81 0.80
N PHE A 372 18.64 16.84 1.48
CA PHE A 372 17.53 17.66 1.03
C PHE A 372 17.94 19.10 0.82
N LEU A 373 18.87 19.60 1.61
CA LEU A 373 19.49 20.88 1.33
C LEU A 373 20.29 20.79 0.05
N LYS A 374 19.86 21.48 -0.99
CA LYS A 374 20.58 21.43 -2.26
C LYS A 374 21.72 22.43 -2.32
N ASN A 375 21.46 23.70 -2.12
CA ASN A 375 22.45 24.71 -2.50
C ASN A 375 22.98 25.48 -1.31
N LEU A 376 23.27 24.80 -0.21
CA LEU A 376 24.11 25.41 0.80
C LEU A 376 25.53 25.43 0.23
N ARG A 377 25.99 26.61 -0.15
CA ARG A 377 27.38 26.77 -0.54
C ARG A 377 28.19 27.52 0.50
N LEU A 378 27.71 28.68 0.92
CA LEU A 378 28.41 29.50 1.89
C LEU A 378 27.60 29.53 3.17
N ILE A 379 28.27 29.20 4.27
CA ILE A 379 27.71 29.32 5.60
C ILE A 379 28.68 30.15 6.43
N LEU A 380 28.24 31.33 6.85
CA LEU A 380 29.20 32.31 7.36
C LEU A 380 29.18 32.39 8.88
N GLY A 381 28.04 32.17 9.50
CA GLY A 381 28.02 32.13 10.96
C GLY A 381 28.27 33.46 11.63
N GLU A 382 27.82 34.55 11.02
CA GLU A 382 28.00 35.87 11.63
C GLU A 382 27.36 35.95 13.01
N GLU A 383 26.57 34.97 13.39
CA GLU A 383 26.04 34.81 14.74
C GLU A 383 26.46 33.40 15.18
N GLN A 384 27.66 33.29 15.71
CA GLN A 384 28.13 31.98 16.13
C GLN A 384 27.32 31.48 17.31
N LEU A 385 27.46 30.18 17.59
CA LEU A 385 26.87 29.63 18.80
C LEU A 385 27.89 29.65 19.93
N GLU A 386 27.42 29.27 21.11
CA GLU A 386 28.25 29.26 22.30
C GLU A 386 29.62 28.66 22.00
N GLY A 387 30.67 29.35 22.43
CA GLY A 387 32.01 28.90 22.13
C GLY A 387 32.35 28.92 20.66
N ASN A 388 31.71 29.77 19.87
CA ASN A 388 32.00 29.92 18.44
C ASN A 388 31.72 28.61 17.71
N TYR A 389 30.47 28.20 17.75
CA TYR A 389 30.02 27.02 17.03
C TYR A 389 29.15 27.43 15.86
N SER A 390 29.47 26.90 14.68
CA SER A 390 28.73 27.19 13.47
C SER A 390 27.94 26.00 12.95
N PHE A 391 28.44 24.78 13.17
CA PHE A 391 27.83 23.59 12.63
C PHE A 391 27.65 22.59 13.77
N TYR A 392 26.40 22.35 14.15
CA TYR A 392 26.08 21.63 15.37
C TYR A 392 25.09 20.54 15.05
N VAL A 393 25.46 19.28 15.30
CA VAL A 393 24.56 18.16 15.14
C VAL A 393 24.66 17.28 16.36
N LEU A 394 23.51 16.81 16.84
CA LEU A 394 23.47 16.22 18.17
C LEU A 394 22.35 15.22 18.29
N ASP A 395 22.70 13.96 18.56
CA ASP A 395 21.77 12.92 18.97
C ASP A 395 20.64 12.74 17.97
N ASN A 396 21.00 12.24 16.79
CA ASN A 396 20.05 11.94 15.73
C ASN A 396 20.18 10.47 15.40
N GLN A 397 19.16 9.69 15.77
CA GLN A 397 19.30 8.25 15.80
C GLN A 397 19.50 7.61 14.44
N ASN A 398 19.08 8.25 13.36
CA ASN A 398 19.04 7.56 12.08
C ASN A 398 19.75 8.33 10.98
N LEU A 399 20.66 9.22 11.31
CA LEU A 399 21.42 9.94 10.30
C LEU A 399 22.59 9.08 9.85
N GLN A 400 22.75 8.94 8.54
CA GLN A 400 23.84 8.12 8.01
C GLN A 400 24.76 8.84 7.07
N GLN A 401 24.27 9.86 6.38
CA GLN A 401 24.97 10.39 5.21
C GLN A 401 24.87 11.90 5.20
N LEU A 402 26.01 12.57 5.17
CA LEU A 402 26.02 14.00 5.03
C LEU A 402 26.16 14.37 3.56
N TRP A 403 25.42 15.39 3.14
CA TRP A 403 25.50 15.85 1.77
C TRP A 403 26.89 16.33 1.40
N ASP A 404 27.77 16.52 2.37
CA ASP A 404 29.18 16.68 2.08
C ASP A 404 29.60 15.53 1.17
N TRP A 405 30.01 15.87 -0.04
CA TRP A 405 29.93 14.91 -1.13
C TRP A 405 31.15 15.02 -2.02
N ASN A 406 31.15 14.21 -3.06
CA ASN A 406 31.97 14.48 -4.22
C ASN A 406 31.38 15.58 -5.09
N HIS A 407 30.29 16.21 -4.66
CA HIS A 407 29.57 17.18 -5.49
C HIS A 407 29.12 18.39 -4.68
N ARG A 408 30.00 18.95 -3.86
CA ARG A 408 29.66 20.18 -3.14
C ARG A 408 30.88 21.07 -3.04
N ASN A 409 30.77 22.27 -3.59
CA ASN A 409 31.73 23.33 -3.29
C ASN A 409 31.22 24.13 -2.10
N LEU A 410 30.83 23.38 -1.06
CA LEU A 410 30.37 23.98 0.18
C LEU A 410 31.51 24.77 0.82
N THR A 411 31.18 25.86 1.49
CA THR A 411 32.19 26.70 2.11
C THR A 411 31.71 27.21 3.47
N VAL A 412 32.57 27.05 4.48
CA VAL A 412 32.33 27.56 5.81
C VAL A 412 33.51 28.45 6.17
N ARG A 413 33.26 29.51 6.93
CA ARG A 413 34.33 30.42 7.27
C ARG A 413 34.32 30.90 8.70
N SER A 414 33.47 30.33 9.56
CA SER A 414 33.50 30.71 10.97
C SER A 414 33.04 29.54 11.81
N GLY A 415 33.37 29.61 13.10
CA GLY A 415 32.88 28.66 14.07
C GLY A 415 33.47 27.27 13.97
N LYS A 416 33.51 26.56 15.09
CA LYS A 416 33.90 25.16 15.08
C LYS A 416 32.67 24.29 14.86
N MET A 417 32.92 23.12 14.27
CA MET A 417 31.87 22.14 14.07
C MET A 417 31.75 21.26 15.32
N TYR A 418 30.68 20.48 15.36
CA TYR A 418 30.42 19.69 16.56
C TYR A 418 29.58 18.47 16.20
N PHE A 419 29.96 17.33 16.80
CA PHE A 419 29.31 16.06 16.52
C PHE A 419 29.27 15.25 17.80
N ALA A 420 28.10 14.74 18.15
CA ALA A 420 28.00 13.98 19.39
C ALA A 420 26.79 13.07 19.35
N PHE A 421 27.01 11.80 19.70
CA PHE A 421 25.94 10.85 19.99
C PHE A 421 25.06 10.58 18.78
N ASN A 422 25.69 10.24 17.66
CA ASN A 422 24.97 9.85 16.46
C ASN A 422 25.59 8.55 15.96
N PRO A 423 24.99 7.40 16.26
CA PRO A 423 25.65 6.14 15.94
C PRO A 423 25.83 5.89 14.46
N LYS A 424 24.84 6.22 13.63
CA LYS A 424 24.79 5.71 12.27
C LYS A 424 25.64 6.50 11.30
N LEU A 425 26.70 7.16 11.77
CA LEU A 425 27.53 7.98 10.93
C LEU A 425 28.98 7.75 11.33
N CYS A 426 29.75 7.09 10.46
CA CYS A 426 31.10 6.71 10.87
C CYS A 426 32.05 7.87 10.68
N VAL A 427 33.15 7.84 11.43
CA VAL A 427 34.05 8.98 11.49
C VAL A 427 34.75 9.22 10.16
N SER A 428 34.87 8.20 9.31
CA SER A 428 35.57 8.39 8.06
C SER A 428 34.82 9.33 7.12
N GLU A 429 33.50 9.39 7.24
CA GLU A 429 32.73 10.34 6.43
C GLU A 429 33.02 11.76 6.84
N ILE A 430 32.76 12.08 8.12
CA ILE A 430 33.02 13.41 8.63
C ILE A 430 34.49 13.78 8.54
N TYR A 431 35.38 12.81 8.37
CA TYR A 431 36.79 13.15 8.22
C TYR A 431 37.06 13.93 6.95
N ARG A 432 36.42 13.54 5.84
CA ARG A 432 36.61 14.30 4.61
C ARG A 432 36.05 15.71 4.70
N MET A 433 35.33 16.03 5.78
CA MET A 433 34.63 17.30 5.86
C MET A 433 35.60 18.48 5.75
N GLU A 434 36.50 18.61 6.73
CA GLU A 434 37.32 19.82 6.77
C GLU A 434 38.25 19.94 5.58
N GLU A 435 38.59 18.82 4.93
CA GLU A 435 39.44 18.87 3.76
C GLU A 435 38.68 19.20 2.49
N VAL A 436 37.36 19.37 2.58
CA VAL A 436 36.54 19.86 1.47
C VAL A 436 35.77 21.11 1.89
N THR A 437 35.88 21.52 3.14
CA THR A 437 35.22 22.72 3.60
C THR A 437 36.19 23.81 4.01
N GLY A 438 37.49 23.55 3.94
CA GLY A 438 38.46 24.56 4.31
C GLY A 438 38.39 24.99 5.75
N THR A 439 37.87 24.14 6.64
CA THR A 439 37.85 24.47 8.06
C THR A 439 38.63 23.42 8.84
N LYS A 440 39.85 23.12 8.39
CA LYS A 440 40.64 22.08 9.05
C LYS A 440 41.17 22.55 10.40
N GLY A 441 42.05 23.54 10.39
CA GLY A 441 42.75 23.97 11.57
C GLY A 441 41.92 24.70 12.59
N ARG A 442 40.62 24.78 12.40
CA ARG A 442 39.80 25.57 13.30
C ARG A 442 39.20 24.78 14.46
N GLN A 443 38.90 23.50 14.26
CA GLN A 443 38.20 22.75 15.29
C GLN A 443 39.16 22.17 16.30
N SER A 444 38.66 21.98 17.52
CA SER A 444 39.43 21.39 18.59
C SER A 444 39.54 19.88 18.36
N LYS A 445 40.11 19.17 19.33
CA LYS A 445 40.52 17.79 19.12
C LYS A 445 39.64 16.76 19.81
N GLY A 446 38.89 17.16 20.84
CA GLY A 446 37.93 16.28 21.46
C GLY A 446 36.55 16.33 20.85
N ASP A 447 36.35 17.14 19.80
CA ASP A 447 35.04 17.27 19.19
C ASP A 447 34.57 15.95 18.61
N ILE A 448 35.38 15.35 17.74
CA ILE A 448 34.97 14.09 17.13
C ILE A 448 35.28 12.97 18.10
N ASN A 449 34.40 12.77 19.07
CA ASN A 449 34.62 11.74 20.07
C ASN A 449 34.34 10.39 19.43
N THR A 450 35.39 9.78 18.90
CA THR A 450 35.27 8.53 18.16
C THR A 450 34.74 7.40 19.03
N ARG A 451 34.46 7.67 20.29
CA ARG A 451 33.82 6.68 21.15
C ARG A 451 32.44 6.32 20.64
N ASN A 452 31.61 7.31 20.33
CA ASN A 452 30.20 7.05 20.06
C ASN A 452 29.76 7.35 18.64
N ASN A 453 30.11 8.50 18.09
CA ASN A 453 29.70 8.82 16.72
C ASN A 453 30.31 7.83 15.76
N GLY A 454 29.49 6.93 15.22
CA GLY A 454 29.98 6.00 14.23
C GLY A 454 30.28 4.64 14.78
N GLU A 455 29.73 4.32 15.94
CA GLU A 455 29.92 2.99 16.47
C GLU A 455 29.22 1.96 15.59
N ARG A 456 27.89 2.04 15.51
CA ARG A 456 27.09 0.95 14.99
C ARG A 456 26.67 1.17 13.55
N ALA A 457 27.37 2.03 12.82
CA ALA A 457 27.15 2.13 11.39
C ALA A 457 27.96 1.04 10.70
N SER A 458 28.04 1.09 9.37
CA SER A 458 28.92 0.15 8.66
C SER A 458 29.47 0.87 7.44
N CYS A 459 30.64 1.49 7.57
CA CYS A 459 31.16 2.25 6.44
C CYS A 459 32.42 1.66 5.84
N GLU A 460 33.09 0.77 6.54
CA GLU A 460 34.06 -0.08 5.86
C GLU A 460 33.39 -1.38 5.45
N SER A 461 33.62 -1.81 4.21
CA SER A 461 32.96 -3.00 3.70
C SER A 461 33.84 -3.71 2.70
N ASP A 462 33.51 -4.97 2.44
CA ASP A 462 33.98 -5.67 1.27
C ASP A 462 33.00 -5.43 0.14
N VAL A 463 33.51 -5.41 -1.08
CA VAL A 463 32.73 -4.99 -2.23
C VAL A 463 32.34 -6.21 -3.04
N LEU A 464 31.05 -6.36 -3.31
CA LEU A 464 30.60 -7.41 -4.21
C LEU A 464 30.88 -7.04 -5.65
N ARG A 465 30.84 -8.04 -6.52
CA ARG A 465 30.99 -7.84 -7.95
C ARG A 465 29.87 -8.56 -8.68
N PHE A 466 29.74 -8.27 -9.95
CA PHE A 466 28.77 -8.96 -10.77
C PHE A 466 29.46 -9.95 -11.69
N THR A 467 28.66 -10.89 -12.21
CA THR A 467 29.16 -11.88 -13.13
C THR A 467 28.53 -11.73 -14.51
N SER A 468 27.21 -11.77 -14.62
CA SER A 468 26.56 -11.65 -15.91
C SER A 468 25.08 -11.38 -15.70
N THR A 469 24.38 -11.19 -16.81
CA THR A 469 22.96 -10.90 -16.77
C THR A 469 22.39 -10.97 -18.18
N THR A 470 21.10 -11.27 -18.23
CA THR A 470 20.35 -11.28 -19.48
C THR A 470 19.08 -10.47 -19.31
N THR A 471 18.63 -9.88 -20.42
CA THR A 471 17.65 -8.80 -20.40
C THR A 471 16.59 -9.05 -21.46
N TRP A 472 15.54 -9.79 -21.12
CA TRP A 472 14.38 -9.92 -21.99
C TRP A 472 13.53 -8.67 -21.83
N LYS A 473 12.77 -8.36 -22.88
CA LYS A 473 12.07 -7.09 -22.95
C LYS A 473 11.24 -6.81 -21.69
N ASN A 474 10.89 -7.84 -20.94
CA ASN A 474 10.11 -7.64 -19.72
C ASN A 474 10.55 -8.56 -18.59
N ARG A 475 11.77 -9.08 -18.64
CA ARG A 475 12.28 -9.92 -17.56
C ARG A 475 13.77 -9.70 -17.46
N ILE A 476 14.30 -9.77 -16.25
CA ILE A 476 15.74 -9.63 -16.11
C ILE A 476 16.29 -10.73 -15.22
N ILE A 477 17.39 -11.33 -15.62
CA ILE A 477 18.12 -12.25 -14.76
C ILE A 477 19.50 -11.67 -14.55
N ILE A 478 19.92 -11.57 -13.30
CA ILE A 478 21.23 -11.06 -12.97
C ILE A 478 21.89 -12.02 -12.00
N THR A 479 23.21 -12.14 -12.10
CA THR A 479 23.95 -13.03 -11.22
C THR A 479 25.23 -12.35 -10.81
N TRP A 480 25.54 -12.43 -9.52
CA TRP A 480 26.72 -11.81 -8.98
C TRP A 480 27.63 -12.86 -8.38
N HIS A 481 28.74 -12.40 -7.84
CA HIS A 481 29.81 -13.27 -7.40
C HIS A 481 29.32 -14.09 -6.20
N ARG A 482 30.20 -14.95 -5.70
CA ARG A 482 29.90 -15.70 -4.49
C ARG A 482 30.68 -15.07 -3.35
N TYR A 483 29.97 -14.73 -2.28
CA TYR A 483 30.60 -14.08 -1.15
C TYR A 483 31.14 -15.13 -0.18
N ARG A 484 32.22 -14.76 0.51
CA ARG A 484 32.84 -15.66 1.49
C ARG A 484 33.37 -14.82 2.64
N PRO A 485 32.62 -14.71 3.74
CA PRO A 485 33.09 -13.92 4.86
C PRO A 485 34.33 -14.56 5.47
N PRO A 486 35.07 -13.82 6.30
CA PRO A 486 36.21 -14.43 7.00
C PRO A 486 35.85 -15.74 7.65
N ASP A 487 34.62 -15.86 8.14
CA ASP A 487 34.06 -17.10 8.64
C ASP A 487 32.96 -17.55 7.70
N TYR A 488 32.91 -18.85 7.44
CA TYR A 488 31.86 -19.36 6.56
C TYR A 488 30.48 -19.20 7.17
N ARG A 489 30.34 -19.50 8.45
CA ARG A 489 29.03 -19.73 9.01
C ARG A 489 28.15 -18.51 8.92
N ASP A 490 28.75 -17.33 9.08
CA ASP A 490 27.98 -16.09 9.12
C ASP A 490 26.96 -16.06 7.99
N LEU A 491 25.70 -15.92 8.36
CA LEU A 491 24.62 -16.01 7.38
C LEU A 491 24.89 -15.09 6.21
N ILE A 492 24.48 -15.52 5.04
CA ILE A 492 24.44 -14.68 3.87
C ILE A 492 23.01 -14.81 3.36
N SER A 493 22.26 -13.73 3.42
CA SER A 493 20.93 -13.65 2.82
C SER A 493 20.91 -12.35 2.03
N PHE A 494 21.22 -12.44 0.75
CA PHE A 494 21.37 -11.25 -0.06
C PHE A 494 20.04 -10.51 -0.17
N THR A 495 20.12 -9.18 -0.15
CA THR A 495 18.95 -8.34 -0.31
C THR A 495 19.22 -7.41 -1.48
N VAL A 496 18.31 -7.36 -2.44
CA VAL A 496 18.55 -6.63 -3.68
C VAL A 496 17.53 -5.51 -3.81
N TYR A 497 18.01 -4.38 -4.29
CA TYR A 497 17.20 -3.21 -4.50
C TYR A 497 17.23 -2.84 -5.97
N TYR A 498 16.12 -2.30 -6.44
CA TYR A 498 16.12 -1.66 -7.74
C TYR A 498 15.14 -0.50 -7.71
N LYS A 499 15.24 0.32 -8.75
CA LYS A 499 14.25 1.38 -8.94
C LYS A 499 14.27 1.80 -10.39
N GLU A 500 13.08 2.15 -10.86
CA GLU A 500 12.95 2.81 -12.14
C GLU A 500 13.69 4.13 -12.11
N ALA A 501 14.57 4.34 -13.08
CA ALA A 501 15.53 5.44 -13.02
C ALA A 501 15.89 5.92 -14.41
N PRO A 502 15.27 6.98 -14.86
CA PRO A 502 15.54 7.48 -16.22
C PRO A 502 16.83 8.27 -16.34
N PHE A 503 17.70 8.20 -15.35
CA PHE A 503 18.89 9.04 -15.40
C PHE A 503 20.03 8.31 -14.71
N LYS A 504 21.04 9.06 -14.31
CA LYS A 504 22.14 8.48 -13.57
C LYS A 504 22.46 9.24 -12.29
N ASN A 505 22.01 10.48 -12.16
CA ASN A 505 22.24 11.21 -10.91
C ASN A 505 21.34 10.61 -9.82
N VAL A 506 21.77 9.48 -9.29
CA VAL A 506 20.99 8.75 -8.30
C VAL A 506 21.93 7.95 -7.42
N THR A 507 21.76 8.07 -6.11
CA THR A 507 22.45 7.22 -5.15
C THR A 507 21.52 6.88 -4.00
N GLU A 508 21.95 5.89 -3.22
CA GLU A 508 20.99 5.04 -2.55
C GLU A 508 20.28 5.72 -1.38
N TYR A 509 20.40 7.02 -1.21
CA TYR A 509 19.68 7.68 -0.13
C TYR A 509 18.68 8.66 -0.72
N ASP A 510 17.50 8.14 -1.05
CA ASP A 510 16.41 8.98 -1.49
C ASP A 510 15.19 8.89 -0.61
N GLY A 511 14.74 7.69 -0.30
CA GLY A 511 13.52 7.56 0.48
C GLY A 511 13.77 6.79 1.75
N GLN A 512 15.01 6.33 1.94
CA GLN A 512 15.33 5.49 3.08
C GLN A 512 15.39 6.32 4.36
N ASP A 513 14.26 6.95 4.67
CA ASP A 513 14.17 7.95 5.73
C ASP A 513 13.39 7.45 6.94
N ALA A 514 13.69 6.23 7.37
CA ALA A 514 12.97 5.42 8.34
C ALA A 514 11.66 4.94 7.73
N CYS A 515 11.26 5.43 6.57
CA CYS A 515 10.19 4.84 5.78
C CYS A 515 10.78 3.90 4.72
N GLY A 516 11.62 4.43 3.85
CA GLY A 516 12.33 3.63 2.88
C GLY A 516 11.54 3.24 1.65
N SER A 517 10.26 3.61 1.59
CA SER A 517 9.36 3.10 0.57
C SER A 517 9.25 4.01 -0.63
N ASN A 518 10.14 5.00 -0.74
CA ASN A 518 9.97 5.96 -1.82
C ASN A 518 10.68 5.50 -3.09
N SER A 519 11.99 5.31 -3.02
CA SER A 519 12.78 5.27 -4.23
C SER A 519 13.68 4.06 -4.28
N TRP A 520 13.30 2.99 -3.60
CA TRP A 520 14.04 1.74 -3.73
C TRP A 520 13.05 0.61 -3.46
N ASN A 521 12.53 0.04 -4.52
CA ASN A 521 11.84 -1.22 -4.33
C ASN A 521 12.87 -2.26 -3.94
N MET A 522 12.48 -3.16 -3.04
CA MET A 522 13.43 -4.11 -2.50
C MET A 522 12.79 -5.48 -2.46
N VAL A 523 13.53 -6.49 -2.85
CA VAL A 523 13.07 -7.84 -2.64
C VAL A 523 14.19 -8.62 -2.00
N ASP A 524 13.85 -9.78 -1.47
CA ASP A 524 14.81 -10.62 -0.78
C ASP A 524 14.98 -11.93 -1.52
N VAL A 525 16.24 -12.31 -1.76
CA VAL A 525 16.56 -13.67 -2.13
C VAL A 525 17.05 -14.38 -0.88
N ASP A 526 17.12 -15.70 -0.96
CA ASP A 526 17.63 -16.50 0.15
C ASP A 526 18.84 -17.30 -0.33
N LEU A 527 19.62 -17.75 0.64
CA LEU A 527 20.81 -18.51 0.32
C LEU A 527 20.43 -19.71 -0.52
N PRO A 528 21.18 -20.00 -1.59
CA PRO A 528 20.85 -21.14 -2.44
C PRO A 528 21.04 -22.43 -1.69
N PRO A 529 20.12 -23.39 -1.85
CA PRO A 529 20.31 -24.70 -1.22
C PRO A 529 21.50 -25.45 -1.77
N ASN A 530 21.94 -25.13 -2.98
CA ASN A 530 23.11 -25.75 -3.57
C ASN A 530 24.35 -25.26 -2.84
N LYS A 531 25.31 -26.16 -2.64
CA LYS A 531 26.55 -25.78 -2.00
C LYS A 531 27.32 -24.77 -2.86
N GLU A 532 27.25 -24.92 -4.18
CA GLU A 532 27.93 -24.01 -5.09
C GLU A 532 27.02 -23.42 -6.15
N GLY A 533 25.71 -23.36 -5.88
CA GLY A 533 24.81 -22.75 -6.83
C GLY A 533 24.87 -21.23 -6.76
N GLU A 534 25.49 -20.64 -7.77
CA GLU A 534 25.74 -19.21 -7.79
C GLU A 534 24.44 -18.43 -7.63
N PRO A 535 24.38 -17.49 -6.72
CA PRO A 535 23.10 -16.85 -6.41
C PRO A 535 22.78 -15.66 -7.30
N GLY A 536 21.78 -15.83 -8.15
CA GLY A 536 21.23 -14.75 -8.95
C GLY A 536 19.73 -14.70 -8.78
N ILE A 537 19.10 -13.88 -9.62
CA ILE A 537 17.67 -13.65 -9.46
C ILE A 537 17.07 -13.17 -10.77
N LEU A 538 15.80 -13.54 -10.97
CA LEU A 538 14.93 -13.01 -12.00
C LEU A 538 14.00 -11.97 -11.38
N LEU A 539 13.77 -10.90 -12.11
CA LEU A 539 12.78 -9.90 -11.76
C LEU A 539 11.80 -9.75 -12.91
N HIS A 540 10.54 -9.56 -12.54
CA HIS A 540 9.44 -9.50 -13.50
C HIS A 540 8.61 -8.25 -13.22
N GLY A 541 7.57 -8.07 -14.02
CA GLY A 541 6.70 -6.92 -13.90
C GLY A 541 7.44 -5.63 -14.16
N LEU A 542 7.84 -5.40 -15.41
CA LEU A 542 8.72 -4.31 -15.75
C LEU A 542 8.12 -3.44 -16.83
N LYS A 543 8.91 -2.48 -17.29
CA LYS A 543 8.53 -1.57 -18.37
C LYS A 543 9.57 -1.59 -19.47
N PRO A 544 9.20 -1.99 -20.69
CA PRO A 544 10.19 -2.12 -21.75
C PRO A 544 10.87 -0.80 -22.06
N TRP A 545 12.17 -0.87 -22.33
CA TRP A 545 12.96 0.28 -22.77
C TRP A 545 12.99 1.37 -21.71
N THR A 546 12.93 0.98 -20.44
CA THR A 546 12.96 1.92 -19.31
C THR A 546 14.12 1.57 -18.41
N GLN A 547 15.20 2.33 -18.52
CA GLN A 547 16.40 2.07 -17.75
C GLN A 547 16.10 1.87 -16.28
N TYR A 548 16.37 0.69 -15.77
CA TYR A 548 16.34 0.40 -14.34
C TYR A 548 17.72 0.60 -13.75
N ALA A 549 17.76 0.81 -12.44
CA ALA A 549 19.02 0.84 -11.72
C ALA A 549 18.90 -0.09 -10.53
N VAL A 550 19.84 -1.01 -10.39
CA VAL A 550 19.77 -2.05 -9.37
C VAL A 550 21.10 -2.09 -8.64
N TYR A 551 21.05 -2.74 -7.48
CA TYR A 551 22.27 -3.12 -6.77
C TYR A 551 21.88 -4.05 -5.65
N VAL A 552 22.87 -4.65 -5.01
CA VAL A 552 22.60 -5.72 -4.07
C VAL A 552 23.54 -5.61 -2.88
N LYS A 553 22.99 -5.88 -1.70
CA LYS A 553 23.66 -5.65 -0.44
C LYS A 553 23.59 -6.93 0.37
N ALA A 554 24.70 -7.30 0.98
CA ALA A 554 24.84 -8.60 1.63
C ALA A 554 24.47 -8.48 3.09
N VAL A 555 23.35 -9.07 3.48
CA VAL A 555 22.87 -8.99 4.84
C VAL A 555 23.66 -10.00 5.66
N THR A 556 24.70 -9.52 6.33
CA THR A 556 25.22 -10.33 7.43
C THR A 556 24.25 -10.26 8.58
N LEU A 557 24.61 -10.90 9.69
CA LEU A 557 23.70 -10.85 10.83
C LEU A 557 24.43 -10.51 12.11
N THR A 558 25.75 -10.60 12.08
CA THR A 558 26.46 -10.83 13.32
C THR A 558 27.60 -9.84 13.51
N MET A 559 28.23 -9.93 14.68
CA MET A 559 29.41 -9.13 14.99
C MET A 559 30.65 -9.75 14.34
N VAL A 560 30.71 -9.59 13.02
CA VAL A 560 31.92 -9.92 12.25
C VAL A 560 32.91 -8.78 12.48
N GLU A 561 32.53 -7.86 13.36
CA GLU A 561 33.43 -6.81 13.81
C GLU A 561 34.71 -7.43 14.36
N ASN A 562 35.83 -7.05 13.76
CA ASN A 562 37.10 -7.08 14.44
C ASN A 562 37.27 -5.84 15.30
N ASP A 563 36.87 -4.71 14.76
CA ASP A 563 36.70 -3.44 15.47
C ASP A 563 35.31 -2.86 15.30
N HIS A 564 34.75 -2.98 14.09
CA HIS A 564 33.37 -2.63 13.80
C HIS A 564 32.86 -3.55 12.71
N ILE A 565 31.54 -3.69 12.62
CA ILE A 565 30.95 -4.72 11.76
C ILE A 565 31.32 -4.47 10.31
N ARG A 566 31.46 -5.55 9.54
CA ARG A 566 31.96 -5.42 8.18
C ARG A 566 30.86 -5.03 7.21
N GLY A 567 29.90 -5.94 6.97
CA GLY A 567 28.89 -5.68 5.96
C GLY A 567 29.47 -5.69 4.56
N ALA A 568 28.62 -5.83 3.56
CA ALA A 568 29.11 -5.94 2.19
C ALA A 568 28.01 -5.57 1.22
N LYS A 569 28.31 -4.65 0.31
CA LYS A 569 27.33 -4.21 -0.67
C LYS A 569 27.97 -4.14 -2.04
N SER A 570 27.16 -4.36 -3.06
CA SER A 570 27.63 -4.25 -4.44
C SER A 570 27.87 -2.78 -4.75
N GLU A 571 28.16 -2.49 -6.01
CA GLU A 571 28.18 -1.12 -6.48
C GLU A 571 27.10 -0.95 -7.55
N ILE A 572 26.53 0.25 -7.59
CA ILE A 572 25.29 0.47 -8.32
C ILE A 572 25.48 0.13 -9.79
N LEU A 573 24.44 -0.39 -10.43
CA LEU A 573 24.50 -0.85 -11.80
C LEU A 573 23.24 -0.50 -12.56
N TYR A 574 23.39 0.09 -13.75
CA TYR A 574 22.24 0.42 -14.59
C TYR A 574 21.99 -0.67 -15.62
N ILE A 575 20.75 -0.77 -16.08
CA ILE A 575 20.31 -1.81 -17.00
C ILE A 575 19.15 -1.23 -17.79
N ARG A 576 18.82 -1.82 -18.94
CA ARG A 576 17.59 -1.52 -19.66
C ARG A 576 17.12 -2.72 -20.46
N THR A 577 15.83 -2.97 -20.40
CA THR A 577 15.25 -4.10 -21.10
C THR A 577 15.40 -3.98 -22.61
N ASN A 578 15.45 -5.13 -23.29
CA ASN A 578 15.36 -5.12 -24.75
C ASN A 578 14.08 -4.43 -25.18
N ALA A 579 14.14 -3.78 -26.34
CA ALA A 579 12.97 -3.06 -26.83
C ALA A 579 11.83 -4.03 -27.14
N SER A 580 10.69 -3.48 -27.55
CA SER A 580 9.55 -4.31 -27.91
C SER A 580 8.57 -3.49 -28.75
N VAL A 581 7.48 -4.16 -29.14
CA VAL A 581 6.52 -3.65 -30.11
C VAL A 581 5.73 -2.49 -29.52
N PRO A 582 5.43 -1.45 -30.30
CA PRO A 582 4.57 -0.37 -29.79
C PRO A 582 3.16 -0.86 -29.54
N SER A 583 2.32 0.05 -29.08
CA SER A 583 0.92 -0.24 -28.82
C SER A 583 0.04 0.50 -29.83
N ILE A 584 -1.26 0.41 -29.64
CA ILE A 584 -2.18 1.01 -30.61
C ILE A 584 -2.10 2.52 -30.53
N PRO A 585 -2.02 3.23 -31.64
CA PRO A 585 -2.18 4.68 -31.60
C PRO A 585 -3.57 5.05 -31.14
N LEU A 586 -3.76 6.30 -30.77
CA LEU A 586 -4.97 6.73 -30.11
C LEU A 586 -5.78 7.67 -30.97
N ASP A 587 -7.11 7.52 -30.87
CA ASP A 587 -8.07 8.51 -31.34
C ASP A 587 -7.98 8.73 -32.85
N VAL A 588 -8.24 7.66 -33.58
CA VAL A 588 -8.36 7.74 -35.03
C VAL A 588 -9.68 8.42 -35.39
N LEU A 589 -9.59 9.69 -35.76
CA LEU A 589 -10.76 10.45 -36.18
C LEU A 589 -10.42 11.17 -37.47
N SER A 590 -11.45 11.63 -38.18
CA SER A 590 -11.19 12.19 -39.49
C SER A 590 -12.38 13.01 -39.97
N ALA A 591 -12.07 14.03 -40.76
CA ALA A 591 -13.05 14.95 -41.29
C ALA A 591 -12.80 15.19 -42.78
N SER A 592 -13.87 15.48 -43.51
CA SER A 592 -13.80 15.71 -44.96
C SER A 592 -13.93 17.21 -45.21
N ASN A 593 -12.79 17.86 -45.47
CA ASN A 593 -12.83 19.25 -45.89
C ASN A 593 -13.59 19.40 -47.21
N SER A 594 -13.57 18.35 -48.04
CA SER A 594 -14.34 18.31 -49.27
C SER A 594 -14.67 16.86 -49.56
N SER A 595 -15.63 16.65 -50.45
CA SER A 595 -15.86 15.31 -50.96
C SER A 595 -14.68 14.90 -51.83
N SER A 596 -14.43 13.58 -51.88
CA SER A 596 -13.28 13.01 -52.60
C SER A 596 -11.94 13.44 -51.97
N GLN A 597 -11.98 13.87 -50.72
CA GLN A 597 -10.78 14.20 -49.97
C GLN A 597 -11.06 14.06 -48.49
N LEU A 598 -10.08 13.53 -47.76
CA LEU A 598 -10.27 13.18 -46.35
C LEU A 598 -9.01 13.51 -45.58
N ILE A 599 -9.17 14.10 -44.40
CA ILE A 599 -8.06 14.49 -43.55
C ILE A 599 -8.20 13.78 -42.21
N VAL A 600 -7.09 13.22 -41.73
CA VAL A 600 -7.09 12.39 -40.55
C VAL A 600 -6.43 13.11 -39.40
N LYS A 601 -6.92 12.85 -38.18
CA LYS A 601 -6.32 13.34 -36.96
C LYS A 601 -6.29 12.20 -35.96
N TRP A 602 -5.13 11.93 -35.39
CA TRP A 602 -5.01 10.89 -34.39
C TRP A 602 -3.96 11.29 -33.37
N ASN A 603 -3.99 10.60 -32.28
CA ASN A 603 -3.21 10.91 -31.09
C ASN A 603 -1.98 10.04 -31.03
N PRO A 604 -0.80 10.62 -30.78
CA PRO A 604 0.41 9.83 -30.61
C PRO A 604 0.20 8.71 -29.60
N PRO A 605 1.03 7.67 -29.65
CA PRO A 605 0.76 6.47 -28.86
C PRO A 605 0.97 6.68 -27.37
N THR A 606 0.90 5.59 -26.61
CA THR A 606 1.02 5.63 -25.16
C THR A 606 2.35 5.11 -24.66
N LEU A 607 2.75 3.92 -25.09
CA LEU A 607 3.99 3.28 -24.66
C LEU A 607 4.89 3.13 -25.88
N PRO A 608 5.63 4.16 -26.26
CA PRO A 608 6.45 4.05 -27.48
C PRO A 608 7.40 2.88 -27.47
N ASN A 609 7.77 2.36 -26.31
CA ASN A 609 8.63 1.19 -26.22
C ASN A 609 9.85 1.31 -27.13
N GLY A 610 10.40 2.52 -27.18
CA GLY A 610 11.52 2.82 -28.04
C GLY A 610 11.26 4.04 -28.89
N ASN A 611 12.35 4.58 -29.42
CA ASN A 611 12.25 5.74 -30.31
C ASN A 611 11.29 5.44 -31.44
N LEU A 612 10.27 6.28 -31.59
CA LEU A 612 9.31 6.12 -32.68
C LEU A 612 9.97 6.43 -34.01
N SER A 613 9.58 5.69 -35.04
CA SER A 613 10.10 5.90 -36.39
C SER A 613 9.10 6.63 -37.28
N TYR A 614 7.92 6.05 -37.43
CA TYR A 614 6.89 6.57 -38.33
C TYR A 614 5.64 5.73 -38.14
N TYR A 615 4.57 6.11 -38.83
CA TYR A 615 3.31 5.41 -38.77
C TYR A 615 3.04 4.69 -40.08
N ILE A 616 2.07 3.79 -40.05
CA ILE A 616 1.59 3.09 -41.23
C ILE A 616 0.10 3.35 -41.36
N VAL A 617 -0.32 3.73 -42.57
CA VAL A 617 -1.69 4.10 -42.88
C VAL A 617 -2.16 3.36 -44.11
N ARG A 618 -3.34 2.76 -44.03
CA ARG A 618 -3.94 2.12 -45.19
C ARG A 618 -5.44 2.40 -45.22
N TRP A 619 -6.01 2.33 -46.41
CA TRP A 619 -7.41 2.63 -46.64
C TRP A 619 -7.91 1.66 -47.70
N GLN A 620 -9.22 1.41 -47.71
CA GLN A 620 -9.77 0.37 -48.56
C GLN A 620 -11.28 0.55 -48.70
N ARG A 621 -11.76 0.65 -49.93
CA ARG A 621 -13.19 0.79 -50.17
C ARG A 621 -13.94 -0.41 -49.59
N GLN A 622 -15.25 -0.28 -49.48
CA GLN A 622 -16.08 -1.25 -48.79
C GLN A 622 -17.31 -1.58 -49.59
N PRO A 623 -17.90 -2.75 -49.37
CA PRO A 623 -19.02 -3.20 -50.21
C PRO A 623 -20.34 -2.56 -49.79
N GLN A 624 -21.34 -2.74 -50.66
CA GLN A 624 -22.66 -2.20 -50.46
C GLN A 624 -23.59 -3.27 -49.86
N ASP A 625 -24.89 -3.00 -49.87
CA ASP A 625 -25.87 -3.93 -49.34
C ASP A 625 -26.20 -5.04 -50.34
N CYS A 671 1.14 -14.11 -4.35
CA CYS A 671 2.57 -14.41 -4.29
C CYS A 671 3.36 -13.21 -3.76
N ALA A 672 2.83 -12.57 -2.72
CA ALA A 672 3.45 -11.39 -2.17
C ALA A 672 4.84 -11.69 -1.62
N CYS A 673 5.73 -10.72 -1.73
CA CYS A 673 7.10 -10.88 -1.28
C CYS A 673 7.52 -9.77 -0.32
N PRO A 674 6.82 -9.57 0.80
CA PRO A 674 7.34 -8.65 1.80
C PRO A 674 8.11 -9.40 2.85
N LYS A 675 8.86 -8.69 3.69
CA LYS A 675 9.56 -9.31 4.80
C LYS A 675 9.03 -8.73 6.10
N THR A 676 8.37 -9.58 6.89
CA THR A 676 7.82 -9.13 8.16
C THR A 676 8.99 -8.87 9.10
N GLU A 677 9.37 -7.60 9.23
CA GLU A 677 10.59 -7.25 9.94
C GLU A 677 10.61 -7.84 11.34
N ALA A 678 9.48 -7.80 12.04
CA ALA A 678 9.43 -8.40 13.37
C ALA A 678 9.91 -9.85 13.34
N GLU A 679 9.81 -10.50 12.18
CA GLU A 679 10.45 -11.80 12.00
C GLU A 679 11.89 -11.64 11.56
N LYS A 680 12.19 -10.57 10.83
CA LYS A 680 13.52 -10.43 10.22
C LYS A 680 14.61 -10.50 11.26
N GLN A 681 14.68 -9.50 12.14
CA GLN A 681 15.67 -9.54 13.20
C GLN A 681 15.50 -10.80 14.04
N ALA A 682 14.27 -11.29 14.15
CA ALA A 682 14.05 -12.53 14.88
C ALA A 682 14.77 -13.69 14.20
N GLU A 683 14.79 -13.72 12.87
CA GLU A 683 15.54 -14.77 12.21
C GLU A 683 17.03 -14.65 12.43
N LYS A 684 17.52 -13.43 12.67
CA LYS A 684 18.96 -13.25 12.87
C LYS A 684 19.45 -14.05 14.06
N GLU A 685 18.85 -13.83 15.22
CA GLU A 685 19.33 -14.50 16.43
C GLU A 685 19.41 -16.01 16.24
N GLU A 686 18.45 -16.60 15.54
CA GLU A 686 18.39 -18.05 15.47
C GLU A 686 19.65 -18.60 14.86
N ALA A 687 19.90 -18.29 13.59
CA ALA A 687 21.16 -18.65 12.98
C ALA A 687 22.32 -18.17 13.82
N GLU A 688 22.19 -17.01 14.43
CA GLU A 688 23.20 -16.59 15.39
C GLU A 688 23.27 -17.56 16.54
N TYR A 689 22.13 -17.88 17.15
CA TYR A 689 22.16 -18.76 18.30
C TYR A 689 22.77 -20.11 17.94
N ARG A 690 22.46 -20.62 16.76
CA ARG A 690 23.08 -21.86 16.33
C ARG A 690 24.58 -21.73 16.27
N LYS A 691 25.09 -20.57 15.85
CA LYS A 691 26.53 -20.38 15.80
C LYS A 691 27.18 -20.76 17.12
N VAL A 692 26.83 -20.05 18.19
CA VAL A 692 27.54 -20.27 19.45
C VAL A 692 27.35 -21.69 19.92
N PHE A 693 26.12 -22.22 19.83
CA PHE A 693 25.92 -23.59 20.27
C PHE A 693 26.80 -24.55 19.51
N GLU A 694 26.96 -24.32 18.21
CA GLU A 694 27.84 -25.16 17.43
C GLU A 694 29.21 -25.21 18.06
N ASN A 695 29.86 -24.06 18.20
CA ASN A 695 31.25 -24.05 18.61
C ASN A 695 31.46 -24.79 19.91
N PHE A 696 30.46 -24.84 20.78
CA PHE A 696 30.65 -25.64 21.96
C PHE A 696 30.80 -27.11 21.63
N LEU A 697 30.11 -27.59 20.60
CA LEU A 697 30.23 -28.98 20.24
C LEU A 697 31.66 -29.33 19.87
N HIS A 698 32.19 -28.69 18.84
CA HIS A 698 33.57 -28.94 18.45
C HIS A 698 34.53 -28.63 19.57
N ASN A 699 34.25 -27.62 20.38
CA ASN A 699 35.18 -27.28 21.45
C ASN A 699 35.23 -28.33 22.55
N SER A 700 34.41 -29.37 22.48
CA SER A 700 34.40 -30.36 23.54
C SER A 700 34.47 -31.79 23.06
N ILE A 701 34.38 -32.05 21.76
CA ILE A 701 34.47 -33.42 21.28
C ILE A 701 35.91 -33.79 20.96
N PHE A 702 36.51 -33.07 20.02
CA PHE A 702 37.82 -33.44 19.55
C PHE A 702 38.88 -33.14 20.61
N VAL A 703 39.98 -33.87 20.55
CA VAL A 703 41.05 -33.74 21.54
C VAL A 703 42.37 -34.12 20.89
N PRO A 704 43.40 -33.31 21.03
CA PRO A 704 44.68 -33.62 20.39
C PRO A 704 45.50 -34.61 21.21
N ARG A 705 46.20 -35.48 20.50
CA ARG A 705 47.09 -36.41 21.17
C ARG A 705 48.22 -35.66 21.85
N PRO A 706 48.59 -36.05 23.07
CA PRO A 706 49.72 -35.45 23.77
C PRO A 706 51.06 -35.92 23.18
N TYR A 746 -11.31 -5.22 -54.42
CA TYR A 746 -11.23 -4.37 -53.24
C TYR A 746 -9.77 -4.03 -52.94
N PRO A 747 -9.22 -3.06 -53.67
CA PRO A 747 -7.82 -2.70 -53.48
C PRO A 747 -7.62 -1.83 -52.24
N PHE A 748 -6.37 -1.69 -51.85
CA PHE A 748 -6.01 -0.85 -50.71
C PHE A 748 -4.58 -0.38 -50.85
N PHE A 749 -4.29 0.76 -50.24
CA PHE A 749 -3.05 1.48 -50.48
C PHE A 749 -2.50 2.04 -49.19
N GLU A 750 -1.23 2.44 -49.24
CA GLU A 750 -0.37 2.51 -48.08
C GLU A 750 0.51 3.75 -48.15
N SER A 751 0.76 4.37 -47.00
CA SER A 751 1.60 5.56 -46.95
C SER A 751 2.46 5.55 -45.69
N ARG A 752 3.43 6.46 -45.67
CA ARG A 752 4.42 6.56 -44.61
C ARG A 752 4.19 7.85 -43.83
N VAL A 753 3.33 7.79 -42.82
CA VAL A 753 3.20 8.92 -41.92
C VAL A 753 4.48 8.98 -41.08
N ASP A 754 5.30 9.99 -41.34
CA ASP A 754 6.65 9.98 -40.81
C ASP A 754 6.89 11.00 -39.69
N ASN A 755 6.18 12.13 -39.70
CA ASN A 755 6.49 13.18 -38.73
C ASN A 755 5.28 13.83 -38.08
N LYS A 756 4.11 13.80 -38.68
CA LYS A 756 2.99 14.58 -38.18
C LYS A 756 1.78 13.68 -37.91
N GLU A 757 0.88 14.17 -37.07
CA GLU A 757 -0.30 13.41 -36.66
C GLU A 757 -1.51 13.75 -37.51
N ARG A 758 -1.29 14.03 -38.79
CA ARG A 758 -2.33 14.53 -39.66
C ARG A 758 -1.90 14.35 -41.11
N THR A 759 -2.76 13.72 -41.92
CA THR A 759 -2.46 13.50 -43.32
C THR A 759 -3.74 13.36 -44.12
N VAL A 760 -3.77 14.01 -45.26
CA VAL A 760 -4.89 13.90 -46.18
C VAL A 760 -4.71 12.64 -47.02
N ILE A 761 -5.76 12.28 -47.75
CA ILE A 761 -5.67 11.28 -48.81
C ILE A 761 -6.61 11.72 -49.93
N SER A 762 -6.22 11.46 -51.17
CA SER A 762 -6.81 12.09 -52.34
C SER A 762 -7.36 11.08 -53.32
N ASN A 763 -8.21 11.57 -54.22
CA ASN A 763 -8.70 10.82 -55.36
C ASN A 763 -9.49 9.59 -54.94
N LEU A 764 -10.55 9.82 -54.18
CA LEU A 764 -11.44 8.74 -53.78
C LEU A 764 -12.72 8.81 -54.61
N ARG A 765 -13.67 8.00 -54.22
CA ARG A 765 -15.00 8.15 -54.78
C ARG A 765 -15.94 8.68 -53.69
N PRO A 766 -16.84 9.59 -54.03
CA PRO A 766 -17.61 10.26 -52.98
C PRO A 766 -18.65 9.35 -52.34
N PHE A 767 -18.87 9.58 -51.06
CA PHE A 767 -19.86 8.87 -50.25
C PHE A 767 -19.58 7.37 -50.18
N THR A 768 -18.36 6.96 -50.49
CA THR A 768 -17.97 5.56 -50.40
C THR A 768 -17.24 5.32 -49.10
N LEU A 769 -17.65 4.27 -48.40
CA LEU A 769 -17.06 3.94 -47.11
C LEU A 769 -15.59 3.61 -47.29
N TYR A 770 -14.85 3.71 -46.18
CA TYR A 770 -13.45 3.28 -46.16
C TYR A 770 -13.08 2.86 -44.74
N ARG A 771 -12.76 1.58 -44.57
CA ARG A 771 -12.07 1.18 -43.36
C ARG A 771 -10.72 1.86 -43.32
N ILE A 772 -10.46 2.63 -42.27
CA ILE A 772 -9.22 3.37 -42.13
C ILE A 772 -8.44 2.77 -40.98
N ASP A 773 -7.20 2.38 -41.26
CA ASP A 773 -6.35 1.78 -40.26
C ASP A 773 -5.05 2.56 -40.17
N ILE A 774 -4.69 2.93 -38.95
CA ILE A 774 -3.39 3.53 -38.67
C ILE A 774 -2.55 2.52 -37.92
N HIS A 775 -1.35 2.28 -38.41
CA HIS A 775 -0.39 1.47 -37.69
C HIS A 775 0.84 2.33 -37.43
N SER A 776 1.57 2.00 -36.36
CA SER A 776 2.66 2.83 -35.88
C SER A 776 3.89 1.97 -35.61
N CYS A 777 4.98 2.26 -36.29
CA CYS A 777 6.22 1.52 -36.12
C CYS A 777 7.19 2.32 -35.25
N ASN A 778 7.77 1.64 -34.26
CA ASN A 778 8.92 2.15 -33.56
C ASN A 778 10.13 2.01 -34.48
N HIS A 779 11.31 2.24 -33.94
CA HIS A 779 12.51 1.98 -34.71
C HIS A 779 12.94 0.52 -34.61
N GLU A 780 12.04 -0.39 -34.25
CA GLU A 780 12.40 -1.77 -33.99
C GLU A 780 11.55 -2.77 -34.77
N ALA A 781 10.45 -2.29 -35.37
CA ALA A 781 9.55 -3.17 -36.12
C ALA A 781 10.23 -3.85 -37.30
N GLU A 782 11.33 -3.29 -37.78
CA GLU A 782 11.98 -3.84 -38.97
C GLU A 782 12.46 -5.27 -38.74
N LYS A 783 12.78 -5.63 -37.50
CA LYS A 783 13.14 -6.99 -37.18
C LYS A 783 12.14 -7.64 -36.24
N LEU A 784 11.21 -6.87 -35.68
CA LEU A 784 10.22 -7.40 -34.75
C LEU A 784 8.83 -7.42 -35.36
N GLY A 785 8.37 -6.31 -35.93
CA GLY A 785 7.01 -6.23 -36.42
C GLY A 785 6.32 -5.00 -35.91
N CYS A 786 5.37 -4.46 -36.66
CA CYS A 786 4.82 -3.15 -36.37
C CYS A 786 3.58 -3.26 -35.50
N SER A 787 2.84 -2.16 -35.42
CA SER A 787 1.87 -1.92 -34.36
C SER A 787 0.74 -2.94 -34.40
N ALA A 788 -0.12 -2.83 -33.40
CA ALA A 788 -1.43 -3.44 -33.50
C ALA A 788 -2.32 -2.53 -34.33
N SER A 789 -3.61 -2.84 -34.35
CA SER A 789 -4.54 -2.24 -35.29
C SER A 789 -5.47 -1.23 -34.61
N ASN A 790 -5.93 -0.28 -35.42
CA ASN A 790 -6.91 0.71 -34.97
C ASN A 790 -7.72 1.13 -36.19
N PHE A 791 -9.02 0.85 -36.18
CA PHE A 791 -9.85 1.05 -37.35
C PHE A 791 -10.93 2.08 -37.10
N VAL A 792 -11.37 2.70 -38.20
CA VAL A 792 -12.42 3.70 -38.18
C VAL A 792 -12.90 3.87 -39.61
N PHE A 793 -14.19 4.18 -39.76
CA PHE A 793 -14.78 4.37 -41.07
C PHE A 793 -15.10 5.84 -41.26
N ALA A 794 -15.01 6.32 -42.49
CA ALA A 794 -15.23 7.73 -42.77
C ALA A 794 -15.68 7.88 -44.21
N ARG A 795 -16.98 8.08 -44.41
CA ARG A 795 -17.52 8.29 -45.74
C ARG A 795 -17.34 9.73 -46.17
N THR A 796 -16.71 9.93 -47.31
CA THR A 796 -16.55 11.28 -47.86
C THR A 796 -17.90 11.78 -48.37
N MET A 797 -18.71 12.22 -47.42
CA MET A 797 -20.09 12.63 -47.69
C MET A 797 -20.15 13.59 -48.87
N PRO A 798 -21.09 13.37 -49.79
CA PRO A 798 -21.24 14.24 -50.96
C PRO A 798 -21.97 15.51 -50.61
N ALA A 799 -22.57 17.73 -52.44
CA ALA A 799 -22.65 17.23 -53.80
C ALA A 799 -24.05 16.74 -54.11
N GLU A 800 -24.86 17.63 -54.67
CA GLU A 800 -26.21 17.31 -55.10
C GLU A 800 -26.38 17.39 -56.61
N GLY A 801 -25.28 17.51 -57.36
CA GLY A 801 -25.34 17.64 -58.79
C GLY A 801 -25.95 16.43 -59.47
N ALA A 802 -25.67 15.24 -58.93
CA ALA A 802 -26.13 13.99 -59.53
C ALA A 802 -27.14 13.26 -58.66
N ASP A 803 -28.01 13.99 -57.96
CA ASP A 803 -29.10 13.36 -57.23
C ASP A 803 -30.35 13.18 -58.09
N ASP A 804 -30.73 14.21 -58.84
CA ASP A 804 -31.78 14.12 -59.84
C ASP A 804 -31.19 13.54 -61.11
N ILE A 805 -32.06 13.06 -62.00
CA ILE A 805 -31.61 12.44 -63.23
C ILE A 805 -31.29 13.53 -64.24
N PRO A 806 -30.03 13.71 -64.62
CA PRO A 806 -29.70 14.73 -65.62
C PRO A 806 -29.97 14.30 -67.05
N GLY A 807 -30.45 13.08 -67.26
CA GLY A 807 -30.92 12.66 -68.55
C GLY A 807 -32.38 13.05 -68.73
N PRO A 808 -32.82 13.18 -69.98
CA PRO A 808 -34.20 13.67 -70.22
C PRO A 808 -35.23 12.64 -69.81
N VAL A 809 -36.27 13.09 -69.11
CA VAL A 809 -37.36 12.24 -68.67
C VAL A 809 -38.45 12.30 -69.73
N THR A 810 -38.61 11.22 -70.49
CA THR A 810 -39.59 11.19 -71.57
C THR A 810 -40.78 10.34 -71.17
N TRP A 811 -41.98 10.93 -71.25
CA TRP A 811 -43.23 10.21 -71.06
C TRP A 811 -43.52 9.36 -72.29
N GLU A 812 -44.74 8.83 -72.34
CA GLU A 812 -45.12 8.04 -73.51
C GLU A 812 -46.63 7.92 -73.65
N PRO A 813 -47.18 8.26 -74.82
CA PRO A 813 -48.60 7.96 -75.07
C PRO A 813 -48.78 6.47 -75.28
N ARG A 814 -49.33 5.81 -74.27
CA ARG A 814 -49.24 4.37 -74.10
C ARG A 814 -50.51 3.67 -74.55
N PRO A 815 -50.54 2.34 -74.45
CA PRO A 815 -51.83 1.63 -74.41
C PRO A 815 -52.62 2.05 -73.18
N GLU A 816 -53.73 1.34 -72.93
CA GLU A 816 -54.88 1.85 -72.18
C GLU A 816 -54.50 2.85 -71.09
N ASN A 817 -55.16 4.00 -71.10
CA ASN A 817 -54.57 5.29 -70.78
C ASN A 817 -53.54 5.24 -69.65
N SER A 818 -52.30 5.59 -70.00
CA SER A 818 -51.17 5.48 -69.10
C SER A 818 -49.97 6.24 -69.67
N ILE A 819 -49.03 6.57 -68.79
CA ILE A 819 -47.88 7.40 -69.14
C ILE A 819 -46.62 6.69 -68.66
N PHE A 820 -45.73 6.38 -69.60
CA PHE A 820 -44.48 5.70 -69.31
C PHE A 820 -43.34 6.71 -69.25
N LEU A 821 -42.91 7.05 -68.03
CA LEU A 821 -41.86 8.05 -67.82
C LEU A 821 -40.50 7.35 -67.90
N LYS A 822 -39.99 7.21 -69.12
CA LYS A 822 -38.72 6.52 -69.36
C LYS A 822 -37.58 7.52 -69.28
N TRP A 823 -37.21 7.90 -68.07
CA TRP A 823 -35.93 8.58 -67.98
C TRP A 823 -34.81 7.54 -67.90
N PRO A 824 -33.74 7.72 -68.68
CA PRO A 824 -32.61 6.79 -68.56
C PRO A 824 -32.00 6.91 -67.17
N GLU A 825 -31.52 5.80 -66.66
CA GLU A 825 -30.91 5.81 -65.34
C GLU A 825 -29.60 6.58 -65.39
N PRO A 826 -29.38 7.56 -64.52
CA PRO A 826 -28.15 8.34 -64.57
C PRO A 826 -26.92 7.44 -64.41
N GLU A 827 -25.90 7.70 -65.23
CA GLU A 827 -24.74 6.83 -65.26
C GLU A 827 -23.99 6.83 -63.93
N ASN A 828 -23.67 8.00 -63.39
CA ASN A 828 -23.03 8.13 -62.09
C ASN A 828 -23.91 9.01 -61.22
N PRO A 829 -24.93 8.46 -60.59
CA PRO A 829 -25.66 9.24 -59.58
C PRO A 829 -24.75 9.57 -58.40
N ASN A 830 -25.20 10.43 -57.49
CA ASN A 830 -24.37 10.78 -56.34
C ASN A 830 -24.30 9.54 -55.45
N GLY A 831 -23.57 8.54 -55.92
CA GLY A 831 -23.59 7.20 -55.38
C GLY A 831 -24.62 6.31 -56.05
N LEU A 832 -25.90 6.48 -55.71
CA LEU A 832 -26.96 5.65 -56.28
C LEU A 832 -28.30 6.13 -55.73
N ILE A 833 -29.39 5.75 -56.40
CA ILE A 833 -30.72 6.17 -55.99
C ILE A 833 -31.34 5.11 -55.09
N LEU A 834 -31.75 5.53 -53.89
CA LEU A 834 -32.52 4.66 -53.01
C LEU A 834 -33.92 4.41 -53.56
N MET A 835 -34.66 5.49 -53.83
CA MET A 835 -35.99 5.41 -54.41
C MET A 835 -36.31 6.74 -55.07
N TYR A 836 -37.13 6.69 -56.11
CA TYR A 836 -37.42 7.86 -56.95
C TYR A 836 -38.68 8.54 -56.46
N GLU A 837 -38.74 9.87 -56.60
CA GLU A 837 -39.89 10.67 -56.19
C GLU A 837 -40.30 11.59 -57.34
N ILE A 838 -41.42 11.26 -57.98
CA ILE A 838 -41.89 11.97 -59.17
C ILE A 838 -43.16 12.71 -58.80
N LYS A 839 -43.05 13.99 -58.46
CA LYS A 839 -44.23 14.80 -58.22
C LYS A 839 -44.89 15.13 -59.55
N TYR A 840 -46.15 14.76 -59.70
CA TYR A 840 -46.87 14.90 -60.95
C TYR A 840 -48.16 15.69 -60.74
N GLY A 841 -48.68 16.25 -61.82
CA GLY A 841 -49.92 17.00 -61.74
C GLY A 841 -50.30 17.58 -63.07
N SER A 842 -51.32 18.45 -63.06
CA SER A 842 -51.85 19.03 -64.28
C SER A 842 -50.86 20.00 -64.92
N GLN A 843 -50.57 21.10 -64.23
CA GLN A 843 -49.47 21.96 -64.65
C GLN A 843 -48.66 22.36 -63.42
N VAL A 844 -49.32 22.34 -62.26
CA VAL A 844 -48.64 22.33 -60.98
C VAL A 844 -48.74 20.90 -60.44
N GLU A 845 -47.59 20.26 -60.23
CA GLU A 845 -47.55 18.84 -59.90
C GLU A 845 -48.33 18.61 -58.61
N ASP A 846 -49.42 17.84 -58.72
CA ASP A 846 -50.40 17.73 -57.65
C ASP A 846 -50.15 16.56 -56.70
N GLN A 847 -49.59 15.46 -57.20
CA GLN A 847 -49.21 14.33 -56.35
C GLN A 847 -47.81 13.85 -56.73
N ARG A 848 -47.30 12.90 -55.96
CA ARG A 848 -45.90 12.50 -56.05
C ARG A 848 -45.79 10.98 -56.17
N GLU A 849 -45.00 10.53 -57.14
CA GLU A 849 -44.81 9.11 -57.42
C GLU A 849 -43.64 8.57 -56.61
N CYS A 850 -43.85 7.41 -55.96
CA CYS A 850 -42.83 6.78 -55.10
C CYS A 850 -42.29 5.54 -55.82
N VAL A 851 -41.07 5.63 -56.31
CA VAL A 851 -40.47 4.57 -57.12
C VAL A 851 -39.13 4.15 -56.51
N SER A 852 -39.13 3.03 -55.82
CA SER A 852 -37.88 2.36 -55.51
C SER A 852 -37.26 1.81 -56.79
N ARG A 853 -35.94 1.61 -56.76
CA ARG A 853 -35.31 0.95 -57.89
C ARG A 853 -35.84 -0.47 -58.06
N GLN A 854 -36.13 -1.15 -56.93
CA GLN A 854 -36.86 -2.41 -57.00
C GLN A 854 -38.13 -2.24 -57.82
N GLU A 855 -38.75 -1.07 -57.72
CA GLU A 855 -39.91 -0.77 -58.55
C GLU A 855 -39.50 -0.02 -59.81
N TYR A 856 -38.24 0.40 -59.91
CA TYR A 856 -37.79 1.07 -61.13
C TYR A 856 -37.03 0.14 -62.05
N ARG A 857 -36.04 -0.60 -61.54
CA ARG A 857 -35.18 -1.40 -62.40
C ARG A 857 -35.99 -2.30 -63.32
N LYS A 858 -36.81 -3.18 -62.75
CA LYS A 858 -37.65 -4.08 -63.55
C LYS A 858 -38.47 -3.32 -64.58
N TYR A 859 -38.67 -2.02 -64.37
CA TYR A 859 -39.32 -1.15 -65.35
C TYR A 859 -38.28 -0.35 -66.14
N GLY A 860 -37.34 0.27 -65.44
CA GLY A 860 -36.46 1.23 -66.06
C GLY A 860 -37.08 2.59 -66.30
N GLY A 861 -38.24 2.86 -65.71
CA GLY A 861 -38.97 4.09 -65.97
C GLY A 861 -40.06 4.34 -64.96
N ALA A 862 -41.24 4.77 -65.41
CA ALA A 862 -42.36 5.04 -64.51
C ALA A 862 -43.65 5.05 -65.30
N LYS A 863 -44.62 4.24 -64.89
CA LYS A 863 -45.92 4.15 -65.56
C LYS A 863 -47.02 4.55 -64.59
N LEU A 864 -47.92 5.42 -65.04
CA LEU A 864 -49.11 5.80 -64.29
C LEU A 864 -50.34 5.48 -65.14
N ASN A 865 -51.12 4.51 -64.70
CA ASN A 865 -52.22 3.97 -65.48
C ASN A 865 -53.55 4.55 -65.02
N ARG A 866 -54.55 4.46 -65.92
CA ARG A 866 -55.92 4.91 -65.68
C ARG A 866 -55.95 6.40 -65.30
N LEU A 867 -55.54 7.22 -66.26
CA LEU A 867 -55.46 8.66 -66.06
C LEU A 867 -56.76 9.34 -66.50
N ASN A 868 -57.15 10.36 -65.74
CA ASN A 868 -58.25 11.21 -66.18
C ASN A 868 -57.76 12.10 -67.32
N PRO A 869 -58.35 11.99 -68.51
CA PRO A 869 -57.85 12.77 -69.66
C PRO A 869 -57.80 14.25 -69.36
N GLY A 870 -56.82 14.91 -69.98
CA GLY A 870 -56.48 16.27 -69.64
C GLY A 870 -54.98 16.41 -69.48
N ASN A 871 -54.42 17.57 -69.84
CA ASN A 871 -52.97 17.72 -69.83
C ASN A 871 -52.42 17.65 -68.41
N TYR A 872 -51.20 17.12 -68.30
CA TYR A 872 -50.52 16.91 -67.02
C TYR A 872 -49.05 17.30 -67.12
N THR A 873 -48.38 17.34 -65.97
CA THR A 873 -46.94 17.56 -65.92
C THR A 873 -46.40 16.99 -64.61
N ALA A 874 -45.08 16.83 -64.55
CA ALA A 874 -44.46 16.22 -63.40
C ALA A 874 -43.04 16.72 -63.24
N ARG A 875 -42.39 16.28 -62.16
CA ARG A 875 -40.96 16.52 -61.94
C ARG A 875 -40.43 15.46 -60.99
N ILE A 876 -39.13 15.20 -61.07
CA ILE A 876 -38.49 14.12 -60.34
C ILE A 876 -37.40 14.71 -59.45
N GLN A 877 -37.34 14.24 -58.21
CA GLN A 877 -36.22 14.47 -57.31
C GLN A 877 -35.85 13.11 -56.73
N ALA A 878 -35.02 12.37 -57.45
CA ALA A 878 -34.68 11.01 -57.08
C ALA A 878 -33.94 11.00 -55.74
N THR A 879 -34.51 10.33 -54.75
CA THR A 879 -33.83 10.24 -53.46
C THR A 879 -32.58 9.40 -53.64
N SER A 880 -31.45 10.06 -53.84
CA SER A 880 -30.20 9.38 -54.17
C SER A 880 -29.31 9.31 -52.94
N LEU A 881 -28.14 8.69 -53.08
CA LEU A 881 -27.19 8.58 -51.98
C LEU A 881 -26.66 9.94 -51.54
N SER A 882 -27.06 11.02 -52.20
CA SER A 882 -26.83 12.36 -51.70
C SER A 882 -28.10 13.04 -51.22
N GLY A 883 -29.26 12.43 -51.44
CA GLY A 883 -30.51 13.00 -51.00
C GLY A 883 -31.17 13.88 -52.03
N ASN A 884 -32.47 14.11 -51.81
CA ASN A 884 -33.30 14.80 -52.78
C ASN A 884 -32.97 16.28 -52.85
N GLY A 885 -31.91 16.62 -53.58
CA GLY A 885 -31.50 17.99 -53.73
C GLY A 885 -32.03 18.62 -55.00
N SER A 886 -31.15 18.81 -55.99
CA SER A 886 -31.55 19.39 -57.26
C SER A 886 -32.72 18.62 -57.88
N TRP A 887 -33.58 19.35 -58.58
CA TRP A 887 -34.76 18.77 -59.21
C TRP A 887 -34.55 18.61 -60.71
N THR A 888 -35.20 17.60 -61.28
CA THR A 888 -35.13 17.35 -62.70
C THR A 888 -35.82 18.50 -63.46
N ASP A 889 -35.72 18.48 -64.77
CA ASP A 889 -36.52 19.39 -65.56
C ASP A 889 -37.99 18.98 -65.38
N PRO A 890 -38.91 19.93 -65.10
CA PRO A 890 -40.29 19.53 -64.81
C PRO A 890 -40.96 18.92 -66.03
N VAL A 891 -41.09 17.59 -66.02
CA VAL A 891 -41.47 16.85 -67.20
C VAL A 891 -42.93 17.15 -67.54
N PHE A 892 -43.27 17.05 -68.82
CA PHE A 892 -44.59 17.42 -69.32
C PHE A 892 -45.24 16.19 -69.94
N PHE A 893 -45.92 15.40 -69.12
CA PHE A 893 -46.71 14.28 -69.63
C PHE A 893 -48.17 14.74 -69.80
N TYR A 894 -48.32 15.82 -70.56
CA TYR A 894 -49.63 16.38 -70.85
C TYR A 894 -50.46 15.35 -71.62
N VAL A 895 -51.62 15.00 -71.08
CA VAL A 895 -52.50 14.03 -71.73
C VAL A 895 -53.91 14.60 -71.90
N PRO A 896 -54.09 15.69 -72.67
CA PRO A 896 -55.45 16.17 -72.95
C PRO A 896 -56.17 15.26 -73.92
N ALA A 897 -57.38 15.63 -74.31
CA ALA A 897 -58.13 14.83 -75.28
C ALA A 897 -58.03 15.43 -76.68
N THR B 4 41.39 -20.44 6.41
CA THR B 4 40.57 -20.61 7.60
C THR B 4 39.37 -21.50 7.31
N LEU B 5 39.00 -22.32 8.28
CA LEU B 5 37.84 -23.19 8.18
C LEU B 5 37.07 -23.15 9.48
N CYS B 6 35.75 -23.15 9.37
CA CYS B 6 34.90 -23.19 10.55
C CYS B 6 33.71 -24.06 10.18
N GLY B 7 32.68 -24.05 11.02
CA GLY B 7 31.47 -24.68 10.55
C GLY B 7 31.59 -26.16 10.19
N ALA B 8 30.54 -26.63 9.50
CA ALA B 8 30.56 -28.00 9.02
C ALA B 8 31.71 -28.24 8.07
N GLU B 9 32.11 -27.24 7.30
CA GLU B 9 33.30 -27.37 6.47
C GLU B 9 34.48 -27.92 7.24
N LEU B 10 34.45 -27.82 8.56
CA LEU B 10 35.47 -28.44 9.38
C LEU B 10 35.31 -29.95 9.44
N VAL B 11 34.18 -30.42 9.96
CA VAL B 11 34.05 -31.83 10.34
C VAL B 11 34.44 -32.74 9.19
N ASP B 12 33.79 -32.57 8.03
CA ASP B 12 34.08 -33.42 6.89
C ASP B 12 35.55 -33.38 6.53
N ALA B 13 36.15 -32.18 6.50
CA ALA B 13 37.56 -32.07 6.22
C ALA B 13 38.37 -33.02 7.09
N LEU B 14 38.01 -33.12 8.36
CA LEU B 14 38.75 -33.99 9.26
C LEU B 14 38.62 -35.46 8.87
N GLN B 15 37.42 -35.89 8.49
CA GLN B 15 37.29 -37.22 7.90
C GLN B 15 38.20 -37.34 6.69
N PHE B 16 38.23 -36.31 5.85
CA PHE B 16 39.06 -36.32 4.66
C PHE B 16 40.53 -36.29 5.03
N VAL B 17 40.84 -36.13 6.30
CA VAL B 17 42.22 -36.29 6.75
C VAL B 17 42.35 -37.55 7.59
N CYS B 18 41.25 -37.98 8.23
CA CYS B 18 41.29 -39.23 8.97
C CYS B 18 40.85 -40.40 8.11
N GLY B 19 39.64 -40.34 7.58
CA GLY B 19 39.14 -41.46 6.80
C GLY B 19 38.84 -42.66 7.67
N ASP B 20 39.71 -43.65 7.61
CA ASP B 20 39.53 -44.89 8.37
C ASP B 20 40.04 -44.79 9.80
N ARG B 21 41.18 -44.13 10.00
CA ARG B 21 41.89 -44.23 11.27
C ARG B 21 41.08 -43.76 12.47
N GLY B 22 40.04 -42.97 12.25
CA GLY B 22 39.25 -42.47 13.36
C GLY B 22 39.95 -41.35 14.08
N PHE B 23 39.37 -40.95 15.21
CA PHE B 23 39.87 -39.83 15.97
C PHE B 23 40.48 -40.33 17.28
N TYR B 24 41.33 -39.50 17.87
CA TYR B 24 41.86 -39.79 19.20
C TYR B 24 40.90 -39.25 20.24
N PHE B 25 40.63 -40.06 21.26
CA PHE B 25 39.94 -39.60 22.45
C PHE B 25 40.76 -39.98 23.68
N ASN B 26 40.90 -39.03 24.60
CA ASN B 26 41.54 -39.28 25.88
C ASN B 26 40.50 -39.88 26.81
N LYS B 27 40.51 -41.19 26.94
CA LYS B 27 39.48 -41.88 27.70
C LYS B 27 39.60 -41.56 29.19
N PRO B 28 38.48 -41.22 29.85
CA PRO B 28 38.47 -41.07 31.31
C PRO B 28 38.08 -42.38 31.96
N THR B 29 38.76 -42.70 33.06
CA THR B 29 38.58 -44.00 33.72
C THR B 29 38.04 -43.89 35.14
N GLY B 30 38.72 -43.15 36.01
CA GLY B 30 38.31 -43.10 37.40
C GLY B 30 37.34 -42.00 37.74
N TYR B 31 36.95 -41.21 36.74
CA TYR B 31 35.97 -40.13 36.87
C TYR B 31 36.25 -39.24 38.08
N GLY B 32 37.40 -38.59 38.04
CA GLY B 32 37.58 -37.40 38.85
C GLY B 32 36.57 -36.35 38.47
N SER B 33 36.00 -35.68 39.48
CA SER B 33 34.99 -34.67 39.22
C SER B 33 35.65 -33.41 38.71
N SER B 34 36.46 -33.54 37.65
CA SER B 34 37.27 -32.44 37.14
C SER B 34 37.91 -32.84 35.82
N SER B 35 38.31 -31.85 35.03
CA SER B 35 38.96 -32.11 33.76
C SER B 35 39.61 -30.84 33.22
N ARG B 36 40.82 -30.97 32.68
CA ARG B 36 41.52 -29.84 32.08
C ARG B 36 41.00 -29.63 30.67
N ARG B 37 39.86 -28.96 30.53
CA ARG B 37 39.27 -28.70 29.22
C ARG B 37 38.86 -27.23 29.09
N THR B 41 41.20 -24.56 25.70
CA THR B 41 41.71 -24.51 24.33
C THR B 41 41.24 -25.70 23.50
N GLY B 42 40.53 -25.41 22.41
CA GLY B 42 39.96 -26.46 21.58
C GLY B 42 40.35 -26.34 20.13
N ILE B 43 39.37 -26.20 19.24
CA ILE B 43 39.68 -26.17 17.82
C ILE B 43 39.29 -24.85 17.19
N VAL B 44 38.02 -24.46 17.27
CA VAL B 44 37.62 -23.22 16.62
C VAL B 44 38.35 -22.04 17.22
N ASP B 45 38.93 -22.20 18.40
CA ASP B 45 39.89 -21.22 18.88
C ASP B 45 41.08 -21.11 17.94
N GLU B 46 41.42 -22.20 17.27
CA GLU B 46 42.61 -22.28 16.44
C GLU B 46 42.27 -22.06 14.97
N CYS B 47 41.42 -22.91 14.41
CA CYS B 47 41.18 -22.93 12.97
C CYS B 47 40.02 -22.05 12.54
N CYS B 48 39.37 -21.35 13.47
CA CYS B 48 38.28 -20.47 13.11
C CYS B 48 38.55 -19.02 13.49
N PHE B 49 39.68 -18.74 14.11
CA PHE B 49 40.16 -17.38 14.32
C PHE B 49 41.41 -17.06 13.52
N ARG B 50 42.31 -18.02 13.35
CA ARG B 50 43.34 -17.98 12.32
C ARG B 50 43.14 -19.19 11.42
N SER B 51 44.04 -19.38 10.47
CA SER B 51 44.01 -20.57 9.64
C SER B 51 45.02 -21.57 10.16
N CYS B 52 44.74 -22.85 9.94
CA CYS B 52 45.62 -23.93 10.37
C CYS B 52 45.93 -24.82 9.18
N ASP B 53 47.07 -25.50 9.24
CA ASP B 53 47.57 -26.31 8.15
C ASP B 53 47.01 -27.72 8.23
N LEU B 54 47.16 -28.45 7.12
CA LEU B 54 46.85 -29.87 7.16
C LEU B 54 47.91 -30.65 7.90
N ARG B 55 48.93 -29.98 8.45
CA ARG B 55 49.95 -30.68 9.20
C ARG B 55 49.48 -31.00 10.61
N ARG B 56 49.05 -29.99 11.36
CA ARG B 56 48.71 -30.18 12.76
C ARG B 56 47.39 -30.90 12.96
N LEU B 57 46.58 -31.04 11.92
CA LEU B 57 45.33 -31.76 12.08
C LEU B 57 45.55 -33.20 12.51
N GLU B 58 46.68 -33.79 12.13
CA GLU B 58 47.01 -35.13 12.59
C GLU B 58 46.94 -35.22 14.10
N MET B 59 47.27 -34.15 14.80
CA MET B 59 47.24 -34.17 16.27
C MET B 59 45.90 -34.65 16.80
N TYR B 60 44.84 -34.50 16.03
CA TYR B 60 43.51 -34.93 16.47
C TYR B 60 43.12 -36.27 15.88
N CYS B 61 43.71 -36.67 14.78
CA CYS B 61 43.37 -37.94 14.18
C CYS B 61 43.97 -39.06 15.01
N ALA B 62 43.27 -40.18 15.07
CA ALA B 62 43.74 -41.29 15.88
C ALA B 62 45.06 -41.81 15.33
N PRO B 63 45.89 -42.43 16.19
CA PRO B 63 47.16 -43.00 15.73
C PRO B 63 46.96 -44.25 14.88
N GLU C 1 21.93 -53.89 35.99
CA GLU C 1 23.37 -53.75 36.08
C GLU C 1 23.81 -52.33 35.73
N ILE C 2 24.83 -51.87 36.44
CA ILE C 2 25.27 -50.49 36.35
C ILE C 2 26.56 -50.43 35.52
N CYS C 3 26.90 -49.23 35.08
CA CYS C 3 28.16 -48.97 34.40
C CYS C 3 28.54 -47.52 34.63
N GLY C 4 29.83 -47.27 34.75
CA GLY C 4 30.35 -45.93 34.86
C GLY C 4 31.76 -45.85 34.35
N PRO C 5 32.25 -44.63 34.10
CA PRO C 5 31.49 -43.40 34.27
C PRO C 5 31.10 -42.75 32.97
N GLY C 6 31.17 -43.48 31.87
CA GLY C 6 30.86 -42.87 30.60
C GLY C 6 31.27 -43.74 29.44
N ILE C 7 30.60 -43.51 28.33
CA ILE C 7 30.80 -44.29 27.11
C ILE C 7 31.11 -43.33 25.98
N ASP C 8 32.05 -43.70 25.13
CA ASP C 8 32.48 -42.84 24.04
C ASP C 8 32.44 -43.64 22.76
N ILE C 9 31.27 -43.71 22.16
CA ILE C 9 31.09 -44.42 20.90
C ILE C 9 31.55 -43.49 19.79
N ARG C 10 32.62 -43.88 19.09
CA ARG C 10 33.17 -43.00 18.08
C ARG C 10 33.94 -43.80 17.04
N ASN C 11 33.61 -43.56 15.77
CA ASN C 11 34.37 -44.05 14.63
C ASN C 11 34.37 -45.56 14.51
N ASP C 12 33.79 -46.27 15.48
CA ASP C 12 33.96 -47.72 15.52
C ASP C 12 32.61 -48.33 15.85
N TYR C 13 31.82 -48.62 14.81
CA TYR C 13 30.54 -49.25 15.03
C TYR C 13 30.66 -50.44 15.97
N GLN C 14 31.65 -51.30 15.73
CA GLN C 14 31.96 -52.40 16.61
C GLN C 14 32.07 -51.99 18.07
N GLN C 15 32.70 -50.85 18.35
CA GLN C 15 32.87 -50.41 19.73
C GLN C 15 31.57 -50.42 20.51
N LEU C 16 30.43 -50.30 19.83
CA LEU C 16 29.14 -50.29 20.51
C LEU C 16 28.98 -51.48 21.45
N LYS C 17 29.73 -52.57 21.22
CA LYS C 17 29.62 -53.74 22.08
C LYS C 17 29.81 -53.39 23.55
N ARG C 18 30.42 -52.24 23.85
CA ARG C 18 30.62 -51.87 25.24
C ARG C 18 29.33 -51.67 26.01
N LEU C 19 28.18 -51.68 25.34
CA LEU C 19 26.89 -51.59 26.04
C LEU C 19 26.23 -52.95 26.20
N GLU C 20 26.98 -54.03 25.98
CA GLU C 20 26.42 -55.36 26.04
C GLU C 20 25.85 -55.73 27.40
N ASN C 21 26.29 -55.09 28.47
CA ASN C 21 26.21 -55.71 29.78
C ASN C 21 25.21 -55.11 30.75
N CYS C 22 25.04 -53.80 30.79
CA CYS C 22 24.41 -53.17 31.93
C CYS C 22 23.16 -52.39 31.56
N THR C 23 22.54 -51.78 32.58
CA THR C 23 21.33 -51.00 32.40
C THR C 23 21.29 -49.71 33.20
N VAL C 24 22.29 -49.43 34.01
CA VAL C 24 22.36 -48.19 34.78
C VAL C 24 23.65 -47.49 34.40
N ILE C 25 23.56 -46.50 33.54
CA ILE C 25 24.75 -45.87 32.97
C ILE C 25 25.09 -44.67 33.83
N GLU C 26 26.00 -44.87 34.77
CA GLU C 26 26.49 -43.76 35.58
C GLU C 26 27.42 -42.91 34.72
N GLY C 27 27.25 -41.60 34.80
CA GLY C 27 27.98 -40.71 33.93
C GLY C 27 27.17 -40.33 32.71
N PHE C 28 27.80 -40.27 31.55
CA PHE C 28 27.15 -39.81 30.34
C PHE C 28 27.15 -40.89 29.27
N LEU C 29 26.64 -40.53 28.11
CA LEU C 29 26.57 -41.43 26.96
C LEU C 29 26.81 -40.64 25.69
N HIS C 30 27.99 -40.79 25.13
CA HIS C 30 28.36 -40.15 23.87
C HIS C 30 28.21 -41.15 22.74
N ILE C 31 27.56 -40.74 21.66
CA ILE C 31 27.54 -41.51 20.43
C ILE C 31 27.79 -40.52 19.30
N LEU C 32 28.96 -40.61 18.68
CA LEU C 32 29.34 -39.59 17.73
C LEU C 32 30.15 -40.18 16.60
N LEU C 33 29.96 -39.63 15.40
CA LEU C 33 30.85 -39.86 14.26
C LEU C 33 30.95 -41.36 13.93
N ILE C 34 29.82 -41.87 13.47
CA ILE C 34 29.71 -43.24 13.03
C ILE C 34 29.23 -43.23 11.58
N SER C 35 30.15 -43.53 10.67
CA SER C 35 29.81 -43.56 9.25
C SER C 35 29.02 -44.81 8.92
N LYS C 36 28.03 -44.65 8.03
CA LYS C 36 27.25 -45.77 7.53
C LYS C 36 28.04 -46.69 6.62
N ALA C 37 29.34 -46.42 6.42
CA ALA C 37 30.16 -47.30 5.60
C ALA C 37 30.04 -48.75 6.05
N GLU C 38 29.86 -48.97 7.35
CA GLU C 38 29.50 -50.29 7.83
C GLU C 38 27.99 -50.48 7.74
N ASP C 39 27.57 -51.65 7.29
CA ASP C 39 26.15 -51.93 7.15
C ASP C 39 25.50 -52.13 8.50
N TYR C 40 24.22 -51.82 8.57
CA TYR C 40 23.47 -51.85 9.82
C TYR C 40 22.93 -53.26 10.09
N ARG C 41 23.28 -53.81 11.26
CA ARG C 41 22.84 -55.15 11.61
C ARG C 41 21.90 -55.18 12.81
N SER C 42 21.33 -54.06 13.22
CA SER C 42 20.32 -54.00 14.27
C SER C 42 20.86 -54.58 15.58
N TYR C 43 21.91 -53.92 16.07
CA TYR C 43 22.50 -54.31 17.35
C TYR C 43 21.53 -53.89 18.44
N ARG C 44 20.64 -54.80 18.82
CA ARG C 44 19.67 -54.51 19.86
C ARG C 44 20.36 -54.46 21.21
N PHE C 45 19.91 -53.56 22.09
CA PHE C 45 20.42 -53.46 23.45
C PHE C 45 19.23 -53.19 24.37
N PRO C 46 18.60 -54.24 24.87
CA PRO C 46 17.36 -54.06 25.64
C PRO C 46 17.53 -53.81 27.13
N LYS C 47 18.56 -54.34 27.76
CA LYS C 47 18.65 -54.24 29.22
C LYS C 47 18.67 -52.79 29.67
N LEU C 48 19.39 -51.93 28.97
CA LEU C 48 19.53 -50.54 29.36
C LEU C 48 18.19 -49.84 29.49
N THR C 49 18.01 -49.11 30.59
CA THR C 49 16.78 -48.36 30.78
C THR C 49 16.95 -46.95 31.31
N VAL C 50 18.05 -46.63 32.00
CA VAL C 50 18.19 -45.31 32.63
C VAL C 50 19.64 -44.88 32.55
N ILE C 51 19.84 -43.59 32.27
CA ILE C 51 21.16 -42.98 32.30
C ILE C 51 21.08 -41.78 33.22
N THR C 52 22.09 -41.60 34.07
CA THR C 52 22.09 -40.46 34.95
C THR C 52 22.10 -39.16 34.17
N GLU C 53 23.18 -38.92 33.42
CA GLU C 53 23.45 -37.62 32.83
C GLU C 53 23.14 -37.64 31.33
N TYR C 54 23.58 -36.60 30.62
CA TYR C 54 23.09 -36.30 29.28
C TYR C 54 23.33 -37.44 28.31
N LEU C 55 22.65 -37.37 27.18
CA LEU C 55 22.76 -38.32 26.09
C LEU C 55 22.98 -37.56 24.80
N LEU C 56 24.08 -37.85 24.12
CA LEU C 56 24.52 -37.05 22.98
C LEU C 56 24.59 -37.91 21.73
N LEU C 57 23.97 -37.43 20.65
CA LEU C 57 24.00 -38.09 19.34
C LEU C 57 24.53 -37.10 18.32
N PHE C 58 25.57 -37.48 17.59
CA PHE C 58 26.14 -36.56 16.61
C PHE C 58 26.68 -37.34 15.42
N ARG C 59 26.04 -37.16 14.26
CA ARG C 59 26.55 -37.67 13.00
C ARG C 59 26.79 -39.17 13.05
N VAL C 60 25.70 -39.91 13.20
CA VAL C 60 25.77 -41.36 13.04
C VAL C 60 25.06 -41.70 11.74
N ALA C 61 25.80 -41.72 10.64
CA ALA C 61 25.22 -42.08 9.36
C ALA C 61 24.80 -43.53 9.42
N GLY C 62 23.54 -43.81 9.13
CA GLY C 62 23.11 -45.20 9.02
C GLY C 62 22.07 -45.65 10.02
N LEU C 63 21.52 -44.72 10.79
CA LEU C 63 20.48 -45.09 11.75
C LEU C 63 19.14 -44.52 11.31
N GLU C 64 18.11 -45.35 11.39
CA GLU C 64 16.78 -45.05 10.88
C GLU C 64 15.85 -44.50 11.95
N SER C 65 15.79 -45.16 13.10
CA SER C 65 15.04 -44.66 14.24
C SER C 65 15.79 -44.99 15.51
N LEU C 66 15.09 -44.88 16.63
CA LEU C 66 15.75 -45.04 17.92
C LEU C 66 15.31 -46.29 18.65
N GLY C 67 14.03 -46.63 18.60
CA GLY C 67 13.55 -47.80 19.32
C GLY C 67 14.32 -49.06 18.95
N ASP C 68 14.63 -49.22 17.66
CA ASP C 68 15.47 -50.33 17.21
C ASP C 68 16.72 -50.44 18.06
N LEU C 69 17.34 -49.33 18.39
CA LEU C 69 18.56 -49.32 19.18
C LEU C 69 18.30 -49.28 20.67
N PHE C 70 17.19 -48.68 21.08
CA PHE C 70 16.92 -48.43 22.50
C PHE C 70 15.46 -48.68 22.80
N PRO C 71 15.12 -49.87 23.23
CA PRO C 71 13.71 -50.19 23.46
C PRO C 71 13.23 -49.79 24.84
N ASN C 72 14.13 -49.80 25.82
CA ASN C 72 13.74 -49.77 27.22
C ASN C 72 14.15 -48.49 27.93
N LEU C 73 14.51 -47.45 27.19
CA LEU C 73 14.95 -46.23 27.83
C LEU C 73 13.75 -45.46 28.35
N THR C 74 13.76 -45.18 29.63
CA THR C 74 12.57 -44.69 30.31
C THR C 74 12.78 -43.35 30.98
N VAL C 75 13.96 -43.13 31.54
CA VAL C 75 14.19 -42.00 32.41
C VAL C 75 15.66 -41.61 32.36
N ILE C 76 15.91 -40.31 32.29
CA ILE C 76 17.26 -39.76 32.31
C ILE C 76 17.21 -38.57 33.26
N ARG C 77 17.88 -38.69 34.39
CA ARG C 77 17.74 -37.63 35.39
C ARG C 77 18.56 -36.39 35.03
N GLY C 78 19.68 -36.57 34.35
CA GLY C 78 20.44 -35.41 33.94
C GLY C 78 20.99 -34.64 35.11
N TRP C 79 21.98 -35.20 35.80
CA TRP C 79 22.59 -34.48 36.90
C TRP C 79 23.50 -33.37 36.40
N LYS C 80 24.55 -33.73 35.65
CA LYS C 80 25.40 -32.75 34.98
C LYS C 80 24.92 -32.62 33.54
N LEU C 81 24.35 -31.47 33.21
CA LEU C 81 23.74 -31.30 31.90
C LEU C 81 24.81 -31.24 30.82
N PHE C 82 24.39 -31.01 29.59
CA PHE C 82 25.30 -30.76 28.48
C PHE C 82 24.78 -29.50 27.80
N TYR C 83 25.39 -28.37 28.12
CA TYR C 83 24.92 -27.08 27.65
C TYR C 83 23.42 -26.93 27.92
N ASN C 84 23.09 -26.89 29.20
CA ASN C 84 21.73 -26.63 29.66
C ASN C 84 20.73 -27.65 29.16
N TYR C 85 21.18 -28.77 28.62
CA TYR C 85 20.28 -29.76 28.05
C TYR C 85 20.53 -31.12 28.66
N ALA C 86 19.63 -32.05 28.32
CA ALA C 86 19.71 -33.41 28.83
C ALA C 86 19.93 -34.43 27.73
N LEU C 87 19.19 -34.31 26.63
CA LEU C 87 19.36 -35.17 25.47
C LEU C 87 19.44 -34.30 24.24
N VAL C 88 20.48 -34.48 23.43
CA VAL C 88 20.65 -33.67 22.25
C VAL C 88 21.04 -34.55 21.07
N ILE C 89 20.39 -34.33 19.93
CA ILE C 89 20.65 -35.06 18.70
C ILE C 89 20.92 -34.04 17.63
N PHE C 90 22.06 -34.16 16.96
CA PHE C 90 22.50 -33.13 16.05
C PHE C 90 23.17 -33.75 14.84
N GLU C 91 22.86 -33.20 13.66
CA GLU C 91 23.52 -33.59 12.42
C GLU C 91 23.38 -35.09 12.18
N MET C 92 22.14 -35.52 12.04
CA MET C 92 21.83 -36.93 11.87
C MET C 92 21.11 -37.11 10.54
N THR C 93 21.78 -37.76 9.61
CA THR C 93 21.08 -38.23 8.42
C THR C 93 20.49 -39.61 8.71
N ASN C 94 19.83 -40.18 7.70
CA ASN C 94 19.31 -41.54 7.74
C ASN C 94 18.21 -41.72 8.76
N LEU C 95 17.90 -40.71 9.56
CA LEU C 95 17.18 -40.91 10.81
C LEU C 95 15.73 -40.50 10.62
N LYS C 96 14.81 -41.47 10.72
CA LYS C 96 13.43 -41.24 10.36
C LYS C 96 12.57 -40.82 11.53
N ASP C 97 12.78 -41.39 12.72
CA ASP C 97 11.95 -41.05 13.86
C ASP C 97 12.67 -41.45 15.15
N ILE C 98 12.03 -41.18 16.27
CA ILE C 98 12.61 -41.38 17.59
C ILE C 98 11.79 -42.44 18.29
N GLY C 99 12.15 -43.71 18.11
CA GLY C 99 11.32 -44.76 18.65
C GLY C 99 11.41 -44.91 20.16
N LEU C 100 11.38 -43.80 20.89
CA LEU C 100 11.63 -43.84 22.32
C LEU C 100 10.30 -43.83 23.09
N TYR C 101 9.53 -44.89 22.86
CA TYR C 101 8.25 -44.98 23.54
C TYR C 101 8.42 -45.11 25.04
N ASN C 102 9.36 -45.93 25.50
CA ASN C 102 9.44 -46.27 26.91
C ASN C 102 9.75 -45.08 27.80
N LEU C 103 10.27 -43.99 27.26
CA LEU C 103 10.55 -42.82 28.07
C LEU C 103 9.25 -42.22 28.61
N ARG C 104 9.24 -41.96 29.91
CA ARG C 104 8.11 -41.29 30.54
C ARG C 104 8.48 -40.03 31.28
N ASN C 105 9.60 -40.02 32.00
CA ASN C 105 9.89 -38.91 32.89
C ASN C 105 11.36 -38.55 32.77
N ILE C 106 11.62 -37.28 32.44
CA ILE C 106 12.97 -36.74 32.37
C ILE C 106 12.99 -35.51 33.26
N THR C 107 14.05 -35.35 34.05
CA THR C 107 13.95 -34.47 35.20
C THR C 107 14.44 -33.04 34.92
N ARG C 108 15.71 -32.88 34.55
CA ARG C 108 16.32 -31.57 34.70
C ARG C 108 16.28 -30.72 33.45
N GLY C 109 16.90 -31.18 32.38
CA GLY C 109 17.29 -30.30 31.29
C GLY C 109 16.20 -29.98 30.30
N ALA C 110 16.61 -29.87 29.04
CA ALA C 110 15.70 -29.63 27.92
C ALA C 110 16.21 -30.40 26.71
N ILE C 111 15.35 -30.51 25.71
CA ILE C 111 15.64 -31.25 24.50
C ILE C 111 15.93 -30.26 23.39
N ARG C 112 17.08 -30.44 22.74
CA ARG C 112 17.47 -29.61 21.60
C ARG C 112 17.66 -30.54 20.41
N ILE C 113 16.77 -30.44 19.43
CA ILE C 113 16.85 -31.24 18.22
C ILE C 113 16.86 -30.29 17.05
N GLU C 114 17.92 -30.34 16.25
CA GLU C 114 18.13 -29.29 15.27
C GLU C 114 18.93 -29.79 14.07
N LYS C 115 18.65 -29.19 12.93
CA LYS C 115 19.35 -29.45 11.68
C LYS C 115 19.34 -30.94 11.35
N ASN C 116 18.14 -31.52 11.37
CA ASN C 116 17.93 -32.87 10.86
C ASN C 116 16.57 -32.89 10.19
N ALA C 117 16.53 -32.55 8.91
CA ALA C 117 15.30 -32.58 8.14
C ALA C 117 14.95 -33.98 7.65
N ASP C 118 15.86 -34.91 7.78
CA ASP C 118 15.69 -36.29 7.45
C ASP C 118 14.62 -36.97 8.30
N LEU C 119 13.95 -36.25 9.20
CA LEU C 119 13.12 -36.88 10.20
C LEU C 119 11.81 -36.11 10.36
N CYS C 120 10.81 -36.80 10.88
CA CYS C 120 9.58 -36.15 11.30
C CYS C 120 8.93 -36.92 12.44
N TYR C 121 7.63 -36.69 12.65
CA TYR C 121 6.90 -37.12 13.85
C TYR C 121 7.37 -36.34 15.07
N LEU C 122 7.40 -35.02 14.94
CA LEU C 122 7.78 -34.15 16.03
C LEU C 122 6.61 -33.39 16.62
N SER C 123 5.84 -32.70 15.78
CA SER C 123 4.69 -31.95 16.26
C SER C 123 3.68 -32.82 16.98
N THR C 124 3.89 -34.14 17.01
CA THR C 124 2.97 -35.02 17.72
C THR C 124 3.30 -35.09 19.20
N ILE C 125 4.47 -35.62 19.55
CA ILE C 125 4.71 -36.11 20.90
C ILE C 125 4.73 -34.95 21.88
N ASP C 126 3.91 -35.05 22.93
CA ASP C 126 3.94 -34.07 24.00
C ASP C 126 5.09 -34.34 24.95
N TRP C 127 5.81 -33.28 25.30
CA TRP C 127 6.85 -33.35 26.31
C TRP C 127 6.39 -32.84 27.66
N SER C 128 5.46 -31.89 27.67
CA SER C 128 5.05 -31.26 28.92
C SER C 128 4.67 -32.28 29.97
N LEU C 129 4.19 -33.44 29.56
CA LEU C 129 3.89 -34.49 30.52
C LEU C 129 5.13 -35.19 31.03
N ILE C 130 6.27 -35.01 30.37
CA ILE C 130 7.52 -35.63 30.78
C ILE C 130 8.28 -34.73 31.74
N LEU C 131 8.71 -33.58 31.28
CA LEU C 131 9.48 -32.61 32.04
C LEU C 131 8.62 -31.38 32.28
N ASP C 132 9.22 -30.36 32.88
CA ASP C 132 8.52 -29.10 33.14
C ASP C 132 8.86 -28.01 32.13
N ALA C 133 10.13 -27.59 32.07
CA ALA C 133 10.50 -26.35 31.41
C ALA C 133 10.38 -26.51 29.90
N VAL C 134 9.14 -26.64 29.44
CA VAL C 134 8.93 -26.75 28.01
C VAL C 134 9.45 -25.54 27.25
N SER C 135 9.44 -24.36 27.88
CA SER C 135 9.89 -23.15 27.21
C SER C 135 11.41 -23.11 27.02
N ASN C 136 12.14 -24.07 27.57
CA ASN C 136 13.57 -24.15 27.33
C ASN C 136 13.93 -25.13 26.25
N ASN C 137 12.96 -25.85 25.69
CA ASN C 137 13.27 -26.75 24.60
C ASN C 137 13.60 -25.96 23.34
N TYR C 138 14.01 -26.70 22.30
CA TYR C 138 14.38 -26.05 21.06
C TYR C 138 14.29 -27.08 19.93
N ILE C 139 13.31 -26.91 19.06
CA ILE C 139 13.17 -27.79 17.90
C ILE C 139 12.74 -27.00 16.68
N VAL C 140 13.66 -26.76 15.77
CA VAL C 140 13.35 -26.24 14.44
C VAL C 140 14.25 -26.94 13.42
N GLY C 141 14.21 -26.44 12.20
CA GLY C 141 15.16 -26.83 11.19
C GLY C 141 15.00 -28.22 10.62
N ASN C 142 14.18 -29.06 11.25
CA ASN C 142 13.88 -30.36 10.67
C ASN C 142 12.82 -30.16 9.59
N LYS C 143 12.44 -31.23 8.91
CA LYS C 143 11.72 -31.11 7.65
C LYS C 143 10.50 -30.22 7.82
N PRO C 144 10.23 -29.32 6.87
CA PRO C 144 9.11 -28.40 7.03
C PRO C 144 7.82 -29.15 7.23
N PRO C 145 6.84 -28.53 7.89
CA PRO C 145 5.60 -29.27 8.21
C PRO C 145 4.84 -29.71 6.98
N LYS C 146 4.75 -28.87 5.95
CA LYS C 146 3.90 -29.15 4.81
C LYS C 146 4.49 -30.19 3.87
N GLU C 147 5.55 -30.87 4.27
CA GLU C 147 6.08 -32.01 3.52
C GLU C 147 6.06 -33.28 4.35
N CYS C 148 5.61 -33.21 5.60
CA CYS C 148 5.63 -34.36 6.49
C CYS C 148 4.28 -35.06 6.55
N GLY C 149 3.24 -34.37 7.01
CA GLY C 149 1.90 -34.92 7.12
C GLY C 149 1.81 -36.37 7.55
N ASP C 150 2.27 -36.68 8.76
CA ASP C 150 2.31 -38.06 9.21
C ASP C 150 1.15 -38.38 10.13
N LEU C 151 0.70 -39.64 10.10
CA LEU C 151 -0.49 -40.10 10.79
C LEU C 151 -0.19 -41.35 11.60
N CYS C 152 -0.74 -41.41 12.80
CA CYS C 152 -0.48 -42.55 13.67
C CYS C 152 -1.18 -43.79 13.12
N PRO C 153 -0.68 -44.98 13.48
CA PRO C 153 -1.34 -46.27 13.29
C PRO C 153 -2.83 -46.26 13.60
N CYS C 162 -4.06 -43.71 18.76
CA CYS C 162 -3.86 -43.78 20.20
C CYS C 162 -4.51 -42.57 20.85
N GLU C 163 -4.19 -42.33 22.11
CA GLU C 163 -4.88 -41.30 22.87
C GLU C 163 -4.68 -39.92 22.23
N LYS C 164 -5.54 -38.97 22.60
CA LYS C 164 -5.53 -37.66 21.96
C LYS C 164 -5.85 -36.59 22.99
N THR C 165 -4.84 -35.78 23.31
CA THR C 165 -4.92 -34.70 24.30
C THR C 165 -4.41 -33.43 23.63
N THR C 166 -5.05 -32.30 23.95
CA THR C 166 -4.74 -31.03 23.29
C THR C 166 -3.25 -30.73 23.35
N ILE C 167 -2.62 -30.58 22.18
CA ILE C 167 -1.22 -30.18 22.11
C ILE C 167 -1.22 -28.66 22.08
N ASN C 168 -1.42 -28.07 23.25
CA ASN C 168 -1.38 -26.63 23.50
C ASN C 168 -2.55 -25.91 22.85
N ASN C 169 -3.18 -26.53 21.85
CA ASN C 169 -4.40 -25.99 21.28
C ASN C 169 -5.43 -27.03 20.87
N GLU C 170 -5.03 -28.26 20.58
CA GLU C 170 -5.89 -29.25 19.97
C GLU C 170 -5.19 -30.60 20.05
N TYR C 171 -5.99 -31.65 20.09
CA TYR C 171 -5.44 -32.99 20.17
C TYR C 171 -5.33 -33.61 18.79
N ASN C 172 -4.34 -34.49 18.64
CA ASN C 172 -4.16 -35.28 17.44
C ASN C 172 -3.49 -36.58 17.83
N TYR C 173 -2.87 -37.24 16.85
CA TYR C 173 -2.23 -38.52 17.05
C TYR C 173 -0.86 -38.33 17.68
N ARG C 174 -0.69 -38.80 18.92
CA ARG C 174 0.58 -38.69 19.63
C ARG C 174 1.19 -40.08 19.67
N CYS C 175 2.01 -40.38 18.67
CA CYS C 175 2.59 -41.70 18.51
C CYS C 175 4.04 -41.57 18.08
N TRP C 176 4.94 -42.23 18.81
CA TRP C 176 6.37 -42.05 18.60
C TRP C 176 6.84 -42.62 17.28
N THR C 177 5.97 -43.27 16.52
CA THR C 177 6.30 -43.74 15.19
C THR C 177 5.02 -44.23 14.53
N THR C 178 5.14 -44.79 13.33
CA THR C 178 4.01 -45.39 12.65
C THR C 178 3.66 -46.76 13.20
N ASN C 179 4.31 -47.20 14.28
CA ASN C 179 4.05 -48.51 14.85
C ASN C 179 3.77 -48.52 16.34
N ARG C 180 4.06 -47.44 17.06
CA ARG C 180 3.80 -47.35 18.50
C ARG C 180 2.88 -46.16 18.76
N CYS C 181 2.69 -45.84 20.04
CA CYS C 181 1.95 -44.65 20.41
C CYS C 181 2.47 -44.11 21.73
N GLN C 182 2.07 -42.89 22.05
CA GLN C 182 2.48 -42.26 23.30
C GLN C 182 1.67 -42.82 24.46
N LYS C 183 2.36 -43.47 25.39
CA LYS C 183 1.68 -43.92 26.61
C LYS C 183 1.16 -42.72 27.39
N MET C 184 0.49 -43.02 28.49
CA MET C 184 0.03 -41.98 29.38
C MET C 184 -0.38 -42.62 30.69
N CYS C 185 -1.06 -41.84 31.54
CA CYS C 185 -1.56 -42.32 32.82
C CYS C 185 -2.78 -41.48 33.16
N PRO C 186 -3.90 -42.09 33.56
CA PRO C 186 -5.09 -41.30 33.88
C PRO C 186 -4.88 -40.50 35.15
N SER C 187 -5.90 -39.76 35.60
CA SER C 187 -5.72 -38.79 36.66
C SER C 187 -5.57 -39.43 38.03
N VAL C 188 -5.25 -40.72 38.08
CA VAL C 188 -5.07 -41.42 39.35
C VAL C 188 -3.88 -40.90 40.15
N CYS C 189 -2.95 -40.20 39.52
CA CYS C 189 -1.70 -39.83 40.20
C CYS C 189 -0.98 -38.71 39.45
N ALA C 193 2.88 -41.74 40.85
CA ALA C 193 3.41 -42.92 40.16
C ALA C 193 2.42 -43.46 39.15
N CYS C 194 2.76 -44.58 38.52
CA CYS C 194 1.87 -45.19 37.55
C CYS C 194 2.38 -46.58 37.21
N THR C 195 1.48 -47.48 36.84
CA THR C 195 1.81 -48.85 36.52
C THR C 195 1.58 -49.12 35.04
N GLU C 196 1.79 -50.38 34.63
CA GLU C 196 1.50 -50.77 33.26
C GLU C 196 0.04 -50.55 32.91
N ASN C 197 -0.87 -50.91 33.81
CA ASN C 197 -2.31 -50.75 33.58
C ASN C 197 -2.90 -49.90 34.70
N ASN C 198 -2.70 -48.58 34.58
CA ASN C 198 -3.55 -47.57 35.22
C ASN C 198 -3.64 -47.74 36.74
N GLU C 199 -2.54 -47.45 37.44
CA GLU C 199 -2.54 -47.41 38.90
C GLU C 199 -1.29 -46.72 39.39
N CYS C 200 -1.44 -45.76 40.30
CA CYS C 200 -0.30 -45.06 40.89
C CYS C 200 0.34 -45.95 41.95
N CYS C 201 1.58 -46.37 41.69
CA CYS C 201 2.24 -47.38 42.49
C CYS C 201 2.78 -46.74 43.77
N HIS C 202 3.63 -47.51 44.45
CA HIS C 202 4.35 -47.01 45.61
C HIS C 202 4.95 -45.64 45.28
N PRO C 203 4.69 -44.62 46.10
CA PRO C 203 5.08 -43.26 45.72
C PRO C 203 6.58 -43.01 45.68
N GLU C 204 7.38 -44.07 45.84
CA GLU C 204 8.81 -44.00 45.61
C GLU C 204 9.19 -44.36 44.18
N CYS C 205 8.27 -44.20 43.24
CA CYS C 205 8.49 -44.70 41.89
C CYS C 205 8.88 -43.60 40.90
N LEU C 206 9.20 -44.05 39.69
CA LEU C 206 9.57 -43.20 38.59
C LEU C 206 9.41 -43.99 37.31
N GLY C 207 8.74 -43.40 36.32
CA GLY C 207 8.53 -44.11 35.09
C GLY C 207 7.33 -45.01 35.20
N SER C 208 7.58 -46.28 35.54
CA SER C 208 6.53 -47.25 35.76
C SER C 208 6.93 -48.20 36.89
N CYS C 209 6.00 -49.07 37.26
CA CYS C 209 6.26 -50.15 38.20
C CYS C 209 5.75 -51.45 37.59
N HIS C 210 6.41 -52.55 37.92
CA HIS C 210 5.92 -53.85 37.46
C HIS C 210 4.52 -54.11 37.98
N THR C 211 4.40 -54.23 39.31
CA THR C 211 3.12 -54.37 39.98
C THR C 211 2.95 -53.22 40.97
N PRO C 212 1.73 -52.72 41.16
CA PRO C 212 1.54 -51.49 41.93
C PRO C 212 1.94 -51.66 43.39
N ASP C 213 2.41 -50.54 43.97
CA ASP C 213 2.62 -50.40 45.41
C ASP C 213 3.60 -51.43 45.95
N ASP C 214 4.86 -51.28 45.56
CA ASP C 214 5.91 -52.15 46.07
C ASP C 214 7.19 -51.36 46.29
N ASN C 215 7.95 -51.78 47.30
CA ASN C 215 9.25 -51.18 47.55
C ASN C 215 10.31 -51.71 46.61
N THR C 216 10.02 -52.71 45.79
CA THR C 216 11.08 -53.31 44.99
C THR C 216 10.72 -53.54 43.52
N THR C 217 9.44 -53.68 43.19
CA THR C 217 9.05 -54.08 41.85
C THR C 217 8.96 -52.91 40.89
N CYS C 218 9.42 -51.73 41.30
CA CYS C 218 9.30 -50.55 40.47
C CYS C 218 10.36 -50.60 39.38
N VAL C 219 9.96 -50.26 38.15
CA VAL C 219 10.83 -50.46 37.01
C VAL C 219 12.11 -49.67 37.15
N ALA C 220 12.00 -48.41 37.55
CA ALA C 220 13.17 -47.58 37.85
C ALA C 220 12.72 -46.51 38.83
N CYS C 221 12.97 -46.75 40.11
CA CYS C 221 12.39 -45.90 41.14
C CYS C 221 13.24 -44.68 41.41
N ARG C 222 12.57 -43.56 41.65
CA ARG C 222 13.19 -42.26 41.78
C ARG C 222 13.81 -42.08 43.16
N HIS C 223 14.39 -40.89 43.34
CA HIS C 223 14.59 -40.25 44.64
C HIS C 223 15.65 -40.91 45.49
N TYR C 224 16.04 -42.14 45.14
CA TYR C 224 17.31 -42.80 45.46
C TYR C 224 17.28 -44.23 44.98
N TYR C 225 18.36 -44.96 45.21
CA TYR C 225 18.38 -46.40 44.97
C TYR C 225 19.25 -47.05 46.03
N TYR C 226 18.88 -48.27 46.44
CA TYR C 226 19.65 -48.99 47.43
C TYR C 226 19.25 -50.47 47.39
N LYS C 227 20.21 -51.34 47.12
CA LYS C 227 20.08 -52.79 47.33
C LYS C 227 18.69 -53.30 46.94
N GLY C 228 18.22 -52.89 45.77
CA GLY C 228 16.93 -53.30 45.27
C GLY C 228 15.77 -52.58 45.92
N VAL C 229 16.03 -51.65 46.83
CA VAL C 229 14.97 -50.95 47.54
C VAL C 229 15.00 -49.49 47.11
N CYS C 230 13.88 -48.81 47.33
CA CYS C 230 13.71 -47.42 46.94
C CYS C 230 13.31 -46.60 48.16
N VAL C 231 14.18 -45.69 48.56
CA VAL C 231 14.00 -44.95 49.80
C VAL C 231 14.10 -43.46 49.49
N PRO C 232 13.41 -42.58 50.23
CA PRO C 232 13.68 -41.15 50.09
C PRO C 232 14.72 -40.64 51.05
N ALA C 233 15.36 -41.51 51.83
CA ALA C 233 16.37 -41.10 52.78
C ALA C 233 17.21 -42.32 53.15
N CYS C 234 18.48 -42.30 52.77
CA CYS C 234 19.34 -43.44 52.98
C CYS C 234 19.56 -43.67 54.48
N PRO C 235 19.77 -44.92 54.89
CA PRO C 235 20.11 -45.21 56.28
C PRO C 235 21.42 -44.56 56.70
N PRO C 236 21.76 -44.60 57.98
CA PRO C 236 22.99 -43.90 58.43
C PRO C 236 24.27 -44.42 57.80
N GLY C 237 24.50 -45.73 57.87
CA GLY C 237 25.73 -46.28 57.31
C GLY C 237 25.89 -46.00 55.82
N THR C 238 24.78 -45.70 55.16
CA THR C 238 24.78 -45.35 53.75
C THR C 238 25.11 -43.86 53.57
N TYR C 239 25.29 -43.47 52.32
CA TYR C 239 25.51 -42.09 51.97
C TYR C 239 24.89 -41.83 50.61
N ARG C 240 24.53 -40.58 50.39
CA ARG C 240 23.85 -40.15 49.18
C ARG C 240 24.88 -40.05 48.06
N PHE C 241 24.71 -40.87 47.02
CA PHE C 241 25.69 -40.94 45.94
C PHE C 241 25.04 -40.62 44.61
N GLU C 242 25.59 -39.63 43.93
CA GLU C 242 25.20 -39.23 42.58
C GLU C 242 23.72 -38.94 42.46
N GLY C 243 23.10 -38.54 43.56
CA GLY C 243 21.72 -38.14 43.57
C GLY C 243 20.79 -39.23 43.08
N TRP C 244 21.26 -40.47 43.02
CA TRP C 244 20.36 -41.56 42.71
C TRP C 244 20.56 -42.80 43.55
N ARG C 245 21.52 -42.82 44.48
CA ARG C 245 21.67 -44.05 45.24
C ARG C 245 22.20 -43.79 46.63
N CYS C 246 22.31 -44.88 47.38
CA CYS C 246 22.88 -44.89 48.72
C CYS C 246 24.00 -45.91 48.77
N VAL C 247 25.04 -45.61 49.54
CA VAL C 247 26.28 -46.36 49.49
C VAL C 247 26.73 -46.70 50.92
N ASP C 248 27.69 -47.62 50.99
CA ASP C 248 28.36 -47.96 52.23
C ASP C 248 29.65 -47.18 52.35
N ARG C 249 30.22 -47.19 53.55
CA ARG C 249 31.52 -46.53 53.75
C ARG C 249 32.58 -47.20 52.90
N ASP C 250 32.57 -48.53 52.84
CA ASP C 250 33.63 -49.26 52.15
C ASP C 250 33.64 -48.93 50.67
N PHE C 251 32.46 -48.83 50.06
CA PHE C 251 32.39 -48.65 48.61
C PHE C 251 33.05 -47.34 48.19
N CYS C 252 32.60 -46.22 48.75
CA CYS C 252 33.27 -44.96 48.50
C CYS C 252 34.72 -44.99 48.99
N ALA C 253 35.04 -45.85 49.95
CA ALA C 253 36.43 -46.00 50.36
C ALA C 253 37.27 -46.67 49.28
N ASN C 254 36.64 -47.42 48.40
CA ASN C 254 37.32 -48.13 47.33
C ASN C 254 37.10 -47.52 45.97
N ILE C 255 36.59 -46.30 45.89
CA ILE C 255 36.36 -45.70 44.57
C ILE C 255 37.69 -45.29 43.96
N PRO C 256 37.91 -45.56 42.69
CA PRO C 256 39.11 -45.02 42.03
C PRO C 256 38.87 -43.59 41.60
N ASN C 257 39.15 -42.64 42.50
CA ASN C 257 38.91 -41.23 42.21
C ASN C 257 39.50 -40.81 40.86
N ALA C 258 40.80 -41.03 40.69
CA ALA C 258 41.52 -40.58 39.50
C ALA C 258 41.20 -39.12 39.18
N GLU C 259 41.09 -38.30 40.22
CA GLU C 259 41.01 -36.87 40.02
C GLU C 259 42.39 -36.25 39.96
N SER C 260 43.26 -36.60 40.90
CA SER C 260 44.64 -36.14 40.96
C SER C 260 44.73 -34.61 40.98
N GLY C 265 39.00 -43.06 46.96
CA GLY C 265 38.27 -42.75 48.18
C GLY C 265 37.66 -41.36 48.19
N PHE C 266 36.35 -41.28 48.37
CA PHE C 266 35.71 -39.99 48.47
C PHE C 266 35.56 -39.56 49.92
N VAL C 267 35.56 -38.25 50.12
CA VAL C 267 35.41 -37.66 51.43
C VAL C 267 33.94 -37.73 51.82
N ILE C 268 33.68 -38.28 53.00
CA ILE C 268 32.32 -38.38 53.52
C ILE C 268 31.99 -37.08 54.24
N HIS C 269 30.95 -36.40 53.79
CA HIS C 269 30.56 -35.14 54.39
C HIS C 269 29.07 -34.93 54.12
N ASP C 270 28.34 -34.53 55.16
CA ASP C 270 26.90 -34.37 55.08
C ASP C 270 26.23 -35.66 54.60
N ASP C 271 26.86 -36.79 54.88
CA ASP C 271 26.42 -38.11 54.44
C ASP C 271 26.39 -38.23 52.93
N GLU C 272 27.36 -37.63 52.24
CA GLU C 272 27.58 -37.86 50.82
C GLU C 272 29.05 -38.09 50.58
N CYS C 273 29.34 -38.86 49.53
CA CYS C 273 30.71 -39.15 49.14
C CYS C 273 31.13 -38.08 48.15
N MET C 274 31.48 -36.90 48.66
CA MET C 274 31.92 -35.80 47.82
C MET C 274 33.44 -35.84 47.72
N GLN C 275 33.96 -35.51 46.55
CA GLN C 275 35.38 -35.70 46.34
C GLN C 275 36.19 -34.61 47.01
N GLU C 276 35.89 -33.35 46.76
CA GLU C 276 36.63 -32.24 47.32
C GLU C 276 35.87 -31.67 48.52
N CYS C 277 36.38 -30.58 49.06
CA CYS C 277 35.80 -29.97 50.24
C CYS C 277 35.81 -28.46 50.10
N PRO C 278 34.80 -27.79 50.63
CA PRO C 278 34.81 -26.32 50.68
C PRO C 278 36.01 -25.80 51.45
N SER C 279 36.19 -24.48 51.38
CA SER C 279 37.37 -23.83 51.94
C SER C 279 37.56 -24.20 53.40
N GLY C 280 38.82 -24.33 53.81
CA GLY C 280 39.17 -24.60 55.19
C GLY C 280 38.75 -25.96 55.71
N PHE C 281 38.33 -26.87 54.84
CA PHE C 281 37.93 -28.21 55.24
C PHE C 281 38.94 -29.20 54.69
N ILE C 282 39.80 -29.71 55.55
CA ILE C 282 40.98 -30.45 55.11
C ILE C 282 40.87 -31.89 55.57
N ARG C 283 41.51 -32.78 54.82
CA ARG C 283 41.53 -34.19 55.20
C ARG C 283 42.13 -34.34 56.59
N ASN C 284 41.30 -34.78 57.53
CA ASN C 284 41.74 -34.96 58.90
C ASN C 284 42.95 -35.88 58.97
N SER C 285 43.83 -35.58 59.90
CA SER C 285 45.06 -36.37 60.07
C SER C 285 44.69 -37.83 60.33
N THR C 286 45.14 -38.70 59.43
CA THR C 286 44.85 -40.14 59.46
C THR C 286 43.36 -40.43 59.27
N GLN C 287 42.54 -39.38 59.14
CA GLN C 287 41.16 -39.55 58.73
C GLN C 287 40.95 -38.77 57.44
N SER C 288 41.89 -38.92 56.50
CA SER C 288 41.76 -38.32 55.18
C SER C 288 40.41 -38.62 54.54
N MET C 289 39.77 -39.73 54.93
CA MET C 289 38.42 -40.05 54.49
C MET C 289 37.38 -39.11 55.05
N TYR C 290 37.78 -38.09 55.81
CA TYR C 290 36.86 -37.12 56.37
C TYR C 290 37.51 -35.76 56.38
N CYS C 291 36.72 -34.71 56.20
CA CYS C 291 37.20 -33.34 56.18
C CYS C 291 36.85 -32.67 57.49
N ILE C 292 37.81 -31.97 58.08
CA ILE C 292 37.62 -31.26 59.33
C ILE C 292 37.88 -29.78 59.08
N PRO C 293 37.18 -28.88 59.76
CA PRO C 293 37.44 -27.46 59.57
C PRO C 293 38.63 -27.00 60.39
N CYS C 294 39.47 -26.16 59.79
CA CYS C 294 40.58 -25.56 60.50
C CYS C 294 40.11 -24.37 61.34
N VAL C 301 38.43 -20.12 45.29
CA VAL C 301 39.84 -20.49 45.38
C VAL C 301 40.18 -21.28 44.12
N CYS C 302 39.33 -21.14 43.09
CA CYS C 302 39.43 -21.91 41.87
C CYS C 302 39.61 -20.97 40.68
N GLY C 303 40.08 -21.52 39.58
CA GLY C 303 40.50 -20.76 38.42
C GLY C 303 41.99 -20.93 38.15
N ASP C 304 42.36 -20.67 36.91
CA ASP C 304 43.75 -20.84 36.50
C ASP C 304 44.38 -19.50 36.11
N GLU C 305 45.69 -19.44 36.27
CA GLU C 305 46.44 -18.24 35.91
C GLU C 305 46.59 -18.10 34.41
N GLU C 306 46.38 -19.19 33.67
CA GLU C 306 46.64 -19.15 32.24
C GLU C 306 45.61 -18.30 31.52
N LYS C 307 44.33 -18.68 31.60
CA LYS C 307 43.31 -18.02 30.80
C LYS C 307 43.01 -16.62 31.31
N LYS C 308 43.10 -16.41 32.63
CA LYS C 308 42.89 -15.12 33.27
C LYS C 308 41.46 -14.62 33.14
N THR C 309 40.61 -15.39 32.47
CA THR C 309 39.22 -15.04 32.25
C THR C 309 38.39 -16.29 32.21
N LYS C 310 37.08 -16.16 32.40
CA LYS C 310 36.18 -17.29 32.45
C LYS C 310 34.78 -16.85 32.06
N THR C 311 34.41 -17.07 30.82
CA THR C 311 33.07 -16.75 30.37
C THR C 311 32.08 -17.68 31.05
N ILE C 312 30.85 -17.21 31.17
CA ILE C 312 29.77 -17.99 31.76
C ILE C 312 28.57 -17.78 30.86
N ASP C 313 28.11 -18.85 30.23
CA ASP C 313 26.92 -18.79 29.39
C ASP C 313 25.88 -19.81 29.77
N SER C 314 26.30 -21.01 30.14
CA SER C 314 25.41 -22.13 30.39
C SER C 314 25.75 -22.79 31.70
N VAL C 315 24.82 -23.61 32.19
CA VAL C 315 25.03 -24.23 33.48
C VAL C 315 26.28 -25.08 33.49
N THR C 316 26.57 -25.79 32.40
CA THR C 316 27.81 -26.54 32.35
C THR C 316 29.00 -25.61 32.50
N SER C 317 28.99 -24.49 31.78
CA SER C 317 30.05 -23.50 31.95
C SER C 317 30.07 -22.92 33.35
N ALA C 318 29.00 -23.06 34.11
CA ALA C 318 28.92 -22.52 35.47
C ALA C 318 28.97 -23.58 36.55
N GLN C 319 28.27 -24.70 36.37
CA GLN C 319 28.35 -25.77 37.35
C GLN C 319 29.78 -26.26 37.53
N MET C 320 30.61 -26.13 36.50
CA MET C 320 32.02 -26.43 36.65
C MET C 320 32.75 -25.40 37.49
N LEU C 321 32.03 -24.43 38.06
CA LEU C 321 32.63 -23.45 38.95
C LEU C 321 32.14 -23.59 40.38
N GLN C 322 31.10 -24.39 40.60
CA GLN C 322 30.48 -24.53 41.90
C GLN C 322 31.50 -24.79 42.99
N GLY C 323 31.26 -24.20 44.17
CA GLY C 323 32.01 -24.51 45.37
C GLY C 323 33.20 -23.61 45.64
N CYS C 324 33.29 -22.47 44.98
CA CYS C 324 34.41 -21.55 45.19
C CYS C 324 33.94 -20.31 45.92
N THR C 325 34.84 -19.70 46.68
CA THR C 325 34.59 -18.40 47.29
C THR C 325 35.64 -17.37 46.88
N ILE C 326 36.89 -17.78 46.82
CA ILE C 326 37.92 -16.93 46.23
C ILE C 326 37.94 -17.18 44.74
N LEU C 327 38.11 -16.13 43.96
CA LEU C 327 38.23 -16.27 42.52
C LEU C 327 39.38 -15.41 42.04
N LYS C 328 40.11 -15.92 41.07
CA LYS C 328 41.10 -15.15 40.35
C LYS C 328 40.77 -15.24 38.87
N GLY C 329 41.05 -14.17 38.14
CA GLY C 329 40.76 -14.15 36.72
C GLY C 329 39.85 -13.01 36.34
N ASN C 330 38.71 -13.32 35.76
CA ASN C 330 37.72 -12.31 35.38
C ASN C 330 36.35 -12.95 35.37
N LEU C 331 35.33 -12.11 35.28
CA LEU C 331 33.95 -12.56 35.21
C LEU C 331 33.31 -11.97 33.97
N LEU C 332 33.50 -12.63 32.85
CA LEU C 332 32.73 -12.34 31.65
C LEU C 332 31.44 -13.13 31.77
N ILE C 333 30.30 -12.47 31.61
CA ILE C 333 29.02 -13.11 31.77
C ILE C 333 28.13 -12.68 30.63
N ASN C 334 27.41 -13.63 30.05
CA ASN C 334 26.44 -13.35 29.01
C ASN C 334 25.59 -14.58 28.79
N ILE C 335 24.26 -14.41 28.80
CA ILE C 335 23.33 -15.51 28.62
C ILE C 335 22.24 -15.06 27.67
N ARG C 336 21.90 -15.92 26.71
CA ARG C 336 21.12 -15.46 25.58
C ARG C 336 19.63 -15.64 25.77
N ARG C 337 19.19 -16.73 26.39
CA ARG C 337 17.77 -16.97 26.52
C ARG C 337 17.55 -18.04 27.57
N GLY C 338 16.30 -18.20 27.96
CA GLY C 338 15.89 -19.27 28.81
C GLY C 338 14.96 -18.81 29.91
N ASN C 339 14.51 -19.77 30.70
CA ASN C 339 13.70 -19.54 31.88
C ASN C 339 14.59 -19.06 33.01
N ASN C 340 14.13 -19.19 34.24
CA ASN C 340 14.85 -18.64 35.39
C ASN C 340 16.14 -19.42 35.60
N ILE C 341 17.05 -19.27 34.64
CA ILE C 341 18.42 -19.66 34.87
C ILE C 341 18.95 -19.00 36.13
N ALA C 342 18.50 -17.76 36.39
CA ALA C 342 18.91 -17.04 37.60
C ALA C 342 18.82 -17.91 38.83
N SER C 343 17.77 -18.72 38.94
CA SER C 343 17.67 -19.64 40.07
C SER C 343 18.91 -20.49 40.19
N GLU C 344 19.28 -21.20 39.11
CA GLU C 344 20.44 -22.06 39.17
C GLU C 344 21.72 -21.28 39.40
N LEU C 345 21.91 -20.17 38.68
CA LEU C 345 23.13 -19.40 38.85
C LEU C 345 23.28 -18.94 40.28
N GLU C 346 22.19 -18.62 40.94
CA GLU C 346 22.27 -18.37 42.37
C GLU C 346 22.68 -19.64 43.11
N ASN C 347 22.02 -20.75 42.80
CA ASN C 347 22.27 -21.99 43.52
C ASN C 347 23.73 -22.41 43.45
N PHE C 348 24.52 -21.80 42.57
CA PHE C 348 25.94 -22.10 42.55
C PHE C 348 26.83 -20.91 42.89
N MET C 349 26.74 -19.83 42.14
CA MET C 349 27.68 -18.73 42.25
C MET C 349 27.64 -18.05 43.60
N GLY C 350 26.55 -18.22 44.36
CA GLY C 350 26.41 -17.52 45.62
C GLY C 350 27.60 -17.65 46.54
N LEU C 351 28.30 -18.77 46.49
CA LEU C 351 29.45 -18.95 47.35
C LEU C 351 30.60 -18.02 47.00
N ILE C 352 30.59 -17.40 45.82
CA ILE C 352 31.67 -16.52 45.44
C ILE C 352 31.63 -15.25 46.29
N GLU C 353 32.80 -14.81 46.73
CA GLU C 353 32.91 -13.58 47.50
C GLU C 353 33.86 -12.57 46.88
N VAL C 354 35.01 -13.01 46.39
CA VAL C 354 36.08 -12.10 45.99
C VAL C 354 36.57 -12.46 44.60
N VAL C 355 36.85 -11.44 43.80
CA VAL C 355 37.36 -11.62 42.45
C VAL C 355 38.53 -10.65 42.26
N THR C 356 39.50 -11.07 41.46
CA THR C 356 40.64 -10.20 41.20
C THR C 356 40.36 -9.24 40.05
N GLY C 357 40.12 -9.78 38.86
CA GLY C 357 39.99 -8.99 37.66
C GLY C 357 38.64 -8.36 37.51
N TYR C 358 38.37 -7.85 36.31
CA TYR C 358 37.19 -7.06 36.02
C TYR C 358 35.96 -7.93 35.94
N VAL C 359 34.81 -7.27 35.85
CA VAL C 359 33.53 -7.92 35.68
C VAL C 359 32.84 -7.27 34.49
N LYS C 360 32.29 -8.08 33.59
CA LYS C 360 31.77 -7.55 32.34
C LYS C 360 30.57 -8.37 31.92
N ILE C 361 29.57 -7.69 31.36
CA ILE C 361 28.31 -8.30 30.96
C ILE C 361 27.92 -7.74 29.61
N ARG C 362 27.46 -8.61 28.70
CA ARG C 362 27.11 -8.18 27.36
C ARG C 362 25.95 -9.01 26.83
N HIS C 363 24.99 -8.34 26.20
CA HIS C 363 23.91 -8.99 25.46
C HIS C 363 23.09 -9.98 26.26
N SER C 364 23.29 -10.07 27.57
CA SER C 364 22.48 -10.99 28.36
C SER C 364 21.03 -10.55 28.33
N HIS C 365 20.13 -11.52 28.30
CA HIS C 365 18.74 -11.21 28.11
C HIS C 365 17.81 -11.82 29.15
N ALA C 366 18.24 -12.85 29.85
CA ALA C 366 17.45 -13.40 30.94
C ALA C 366 18.02 -13.02 32.29
N LEU C 367 18.86 -12.00 32.34
CA LEU C 367 19.44 -11.54 33.59
C LEU C 367 18.57 -10.41 34.13
N VAL C 368 17.41 -10.80 34.65
CA VAL C 368 16.48 -9.81 35.19
C VAL C 368 17.18 -8.95 36.22
N SER C 369 18.03 -9.54 37.04
CA SER C 369 18.69 -8.79 38.10
C SER C 369 19.82 -9.63 38.68
N LEU C 370 20.95 -8.98 38.88
CA LEU C 370 22.19 -9.64 39.23
C LEU C 370 22.16 -10.27 40.60
N SER C 371 20.99 -10.31 41.23
CA SER C 371 20.87 -10.70 42.63
C SER C 371 21.55 -12.02 42.95
N PHE C 372 21.89 -12.83 41.96
CA PHE C 372 22.44 -14.13 42.29
C PHE C 372 23.89 -14.07 42.73
N LEU C 373 24.58 -12.94 42.57
CA LEU C 373 25.95 -12.82 43.07
C LEU C 373 25.96 -12.24 44.48
N LYS C 374 25.16 -12.87 45.34
CA LYS C 374 24.84 -12.26 46.62
C LYS C 374 26.05 -12.01 47.50
N ASN C 375 26.94 -13.00 47.66
CA ASN C 375 27.99 -12.90 48.66
C ASN C 375 29.28 -12.32 48.10
N LEU C 376 29.22 -11.62 46.97
CA LEU C 376 30.38 -10.88 46.52
C LEU C 376 30.46 -9.57 47.28
N ARG C 377 31.61 -9.28 47.89
CA ARG C 377 31.75 -8.02 48.61
C ARG C 377 33.00 -7.26 48.24
N LEU C 378 34.07 -7.97 47.89
CA LEU C 378 35.39 -7.36 47.73
C LEU C 378 35.86 -7.58 46.31
N ILE C 379 35.86 -6.53 45.50
CA ILE C 379 36.36 -6.59 44.13
C ILE C 379 37.72 -5.90 44.07
N LEU C 380 38.69 -6.57 43.47
CA LEU C 380 40.01 -5.98 43.27
C LEU C 380 40.04 -5.10 42.03
N GLY C 381 39.61 -5.65 40.89
CA GLY C 381 39.73 -4.94 39.64
C GLY C 381 41.19 -4.70 39.32
N GLU C 382 42.02 -5.71 39.60
CA GLU C 382 43.45 -5.57 39.41
C GLU C 382 43.80 -5.50 37.92
N GLU C 383 43.53 -6.58 37.19
CA GLU C 383 43.78 -6.62 35.76
C GLU C 383 42.59 -5.97 35.07
N GLN C 384 42.65 -4.66 34.91
CA GLN C 384 41.54 -3.90 34.37
C GLN C 384 41.47 -4.05 32.86
N LEU C 385 40.32 -3.69 32.30
CA LEU C 385 40.13 -3.72 30.87
C LEU C 385 40.79 -2.49 30.25
N GLU C 386 40.49 -2.23 28.98
CA GLU C 386 40.94 -0.99 28.36
C GLU C 386 40.43 0.21 29.15
N GLY C 387 41.16 1.32 29.06
CA GLY C 387 40.82 2.48 29.85
C GLY C 387 40.89 2.18 31.34
N ASN C 388 41.58 1.11 31.69
CA ASN C 388 41.70 0.63 33.06
C ASN C 388 40.32 0.46 33.69
N TYR C 389 39.40 -0.09 32.91
CA TYR C 389 38.02 -0.27 33.32
C TYR C 389 37.88 -1.49 34.21
N SER C 390 36.92 -1.43 35.13
CA SER C 390 36.72 -2.48 36.13
C SER C 390 35.33 -3.11 36.07
N PHE C 391 34.28 -2.31 36.02
CA PHE C 391 32.91 -2.78 36.04
C PHE C 391 32.27 -2.35 34.73
N TYR C 392 31.89 -3.32 33.91
CA TYR C 392 31.59 -3.06 32.51
C TYR C 392 30.30 -3.78 32.14
N VAL C 393 29.28 -3.03 31.78
CA VAL C 393 28.04 -3.62 31.31
C VAL C 393 27.81 -3.11 29.90
N LEU C 394 26.98 -3.85 29.16
CA LEU C 394 26.72 -3.44 27.79
C LEU C 394 25.51 -4.13 27.18
N ASP C 395 24.56 -3.33 26.71
CA ASP C 395 23.51 -3.74 25.78
C ASP C 395 22.55 -4.78 26.34
N ASN C 396 22.72 -5.18 27.59
CA ASN C 396 21.89 -6.24 28.13
C ASN C 396 20.47 -5.74 28.32
N GLN C 397 19.53 -6.36 27.60
CA GLN C 397 18.20 -5.77 27.47
C GLN C 397 17.41 -5.86 28.76
N ASN C 398 17.01 -7.06 29.16
CA ASN C 398 16.00 -7.20 30.20
C ASN C 398 16.57 -7.18 31.61
N LEU C 399 17.67 -6.48 31.82
CA LEU C 399 18.19 -6.28 33.17
C LEU C 399 17.58 -5.00 33.72
N GLN C 400 16.83 -5.12 34.81
CA GLN C 400 16.09 -3.98 35.34
C GLN C 400 16.57 -3.51 36.70
N GLN C 401 17.34 -4.30 37.44
CA GLN C 401 17.74 -3.92 38.78
C GLN C 401 19.07 -4.53 39.14
N LEU C 402 20.00 -3.69 39.56
CA LEU C 402 21.24 -4.18 40.15
C LEU C 402 20.98 -4.57 41.59
N TRP C 403 21.62 -5.65 42.00
CA TRP C 403 21.46 -6.15 43.36
C TRP C 403 21.88 -5.15 44.42
N ASP C 404 22.45 -4.02 44.03
CA ASP C 404 22.97 -3.06 45.00
C ASP C 404 21.82 -2.47 45.82
N TRP C 405 21.71 -2.94 47.06
CA TRP C 405 20.76 -2.44 48.03
C TRP C 405 21.49 -2.38 49.35
N ASN C 406 20.96 -1.58 50.28
CA ASN C 406 21.66 -1.27 51.51
C ASN C 406 22.08 -2.49 52.31
N HIS C 407 21.67 -3.69 51.90
CA HIS C 407 22.25 -4.88 52.51
C HIS C 407 23.67 -5.11 52.02
N ARG C 408 23.84 -5.37 50.73
CA ARG C 408 25.15 -5.71 50.20
C ARG C 408 25.94 -4.43 49.95
N ASN C 409 26.86 -4.14 50.85
CA ASN C 409 27.88 -3.14 50.56
C ASN C 409 28.86 -3.72 49.55
N LEU C 410 29.66 -2.84 48.93
CA LEU C 410 30.58 -3.29 47.91
C LEU C 410 31.67 -2.25 47.74
N THR C 411 32.92 -2.66 47.92
CA THR C 411 34.06 -1.75 47.92
C THR C 411 34.93 -2.07 46.72
N VAL C 412 34.69 -1.39 45.60
CA VAL C 412 35.54 -1.55 44.44
C VAL C 412 36.87 -0.88 44.71
N ARG C 413 37.94 -1.67 44.67
CA ARG C 413 39.27 -1.11 44.93
C ARG C 413 39.63 -0.05 43.90
N SER C 414 39.72 -0.45 42.64
CA SER C 414 40.35 0.37 41.62
C SER C 414 39.47 0.36 40.38
N GLY C 415 40.07 0.75 39.26
CA GLY C 415 39.39 0.74 37.98
C GLY C 415 38.27 1.74 37.91
N LYS C 416 37.52 1.66 36.82
CA LYS C 416 36.40 2.56 36.61
C LYS C 416 35.20 1.75 36.15
N MET C 417 34.05 2.42 36.10
CA MET C 417 32.80 1.80 35.73
C MET C 417 32.37 2.26 34.35
N TYR C 418 31.20 1.77 33.93
CA TYR C 418 30.65 2.08 32.63
C TYR C 418 29.26 1.48 32.56
N PHE C 419 28.37 2.15 31.84
CA PHE C 419 27.06 1.61 31.54
C PHE C 419 26.64 2.13 30.18
N ALA C 420 25.82 1.36 29.47
CA ALA C 420 25.36 1.80 28.16
C ALA C 420 24.22 0.94 27.68
N PHE C 421 23.17 1.59 27.18
CA PHE C 421 22.08 0.98 26.44
C PHE C 421 21.15 0.14 27.30
N ASN C 422 21.51 -0.13 28.54
CA ASN C 422 20.74 -1.06 29.34
C ASN C 422 19.44 -0.40 29.76
N PRO C 423 18.32 -0.76 29.15
CA PRO C 423 17.13 0.09 29.17
C PRO C 423 16.17 -0.15 30.32
N LYS C 424 16.40 -1.14 31.18
CA LYS C 424 15.43 -1.44 32.22
C LYS C 424 15.90 -1.10 33.63
N LEU C 425 17.17 -0.82 33.84
CA LEU C 425 17.58 -0.35 35.15
C LEU C 425 17.11 1.09 35.34
N CYS C 426 17.19 1.57 36.58
CA CYS C 426 16.81 2.94 36.89
C CYS C 426 18.04 3.82 37.01
N VAL C 427 17.95 5.01 36.42
CA VAL C 427 19.11 5.88 36.32
C VAL C 427 19.54 6.43 37.67
N SER C 428 18.85 6.05 38.74
CA SER C 428 19.29 6.39 40.08
C SER C 428 19.93 5.21 40.79
N GLU C 429 19.65 3.98 40.36
CA GLU C 429 20.33 2.83 40.95
C GLU C 429 21.83 2.97 40.83
N ILE C 430 22.31 3.40 39.67
CA ILE C 430 23.71 3.73 39.51
C ILE C 430 24.17 4.73 40.55
N TYR C 431 23.26 5.61 40.98
CA TYR C 431 23.66 6.63 41.95
C TYR C 431 23.90 6.02 43.32
N ARG C 432 22.97 5.17 43.78
CA ARG C 432 23.23 4.44 45.01
C ARG C 432 24.48 3.60 44.89
N MET C 433 24.74 3.05 43.70
CA MET C 433 25.91 2.23 43.51
C MET C 433 27.18 3.04 43.71
N GLU C 434 27.33 4.14 42.95
CA GLU C 434 28.49 4.99 43.09
C GLU C 434 28.61 5.54 44.50
N GLU C 435 27.49 5.70 45.21
CA GLU C 435 27.54 5.98 46.63
C GLU C 435 28.29 4.89 47.37
N VAL C 436 27.76 3.67 47.32
CA VAL C 436 28.29 2.61 48.16
C VAL C 436 29.73 2.29 47.80
N THR C 437 30.11 2.50 46.54
CA THR C 437 31.47 2.18 46.14
C THR C 437 32.42 3.36 46.21
N GLY C 438 31.95 4.53 46.62
CA GLY C 438 32.84 5.67 46.83
C GLY C 438 33.64 6.08 45.62
N THR C 439 33.01 6.15 44.45
CA THR C 439 33.68 6.57 43.22
C THR C 439 32.92 7.71 42.57
N LYS C 440 32.10 8.43 43.34
CA LYS C 440 31.28 9.48 42.79
C LYS C 440 32.14 10.62 42.24
N GLY C 441 33.40 10.65 42.61
CA GLY C 441 34.32 11.63 42.06
C GLY C 441 35.31 11.04 41.08
N ARG C 442 34.88 10.02 40.35
CA ARG C 442 35.76 9.29 39.44
C ARG C 442 35.43 9.51 37.97
N GLN C 443 34.18 9.28 37.58
CA GLN C 443 33.82 9.10 36.18
C GLN C 443 33.16 10.35 35.61
N SER C 444 33.26 10.47 34.28
CA SER C 444 32.72 11.59 33.53
C SER C 444 31.28 11.30 33.10
N LYS C 445 30.66 12.29 32.45
CA LYS C 445 29.33 12.09 31.91
C LYS C 445 29.29 11.00 30.85
N GLY C 446 30.39 10.85 30.09
CA GLY C 446 30.45 9.73 29.16
C GLY C 446 30.63 8.40 29.85
N ASP C 447 31.61 8.30 30.76
CA ASP C 447 31.94 7.03 31.39
C ASP C 447 30.74 6.41 32.07
N ILE C 448 29.73 7.20 32.41
CA ILE C 448 28.44 6.69 32.86
C ILE C 448 27.39 7.49 32.09
N ASN C 449 26.95 6.94 30.96
CA ASN C 449 26.03 7.64 30.09
C ASN C 449 24.71 7.94 30.80
N THR C 450 23.97 8.90 30.24
CA THR C 450 22.66 9.25 30.75
C THR C 450 21.63 9.44 29.66
N ARG C 451 22.05 9.58 28.40
CA ARG C 451 21.09 9.76 27.32
C ARG C 451 20.25 8.51 27.14
N ASN C 452 20.88 7.35 27.16
CA ASN C 452 20.33 6.14 26.60
C ASN C 452 20.49 4.93 27.52
N ASN C 453 20.23 5.11 28.81
CA ASN C 453 20.25 4.01 29.75
C ASN C 453 19.00 4.06 30.61
N GLY C 454 18.33 2.92 30.72
CA GLY C 454 17.11 2.84 31.51
C GLY C 454 15.99 3.73 30.99
N GLU C 455 16.24 4.46 29.91
CA GLU C 455 15.29 5.45 29.44
C GLU C 455 13.95 4.85 29.06
N ARG C 456 13.90 3.56 28.77
CA ARG C 456 12.62 2.98 28.36
C ARG C 456 11.73 2.63 29.53
N ALA C 457 12.21 2.76 30.76
CA ALA C 457 11.36 2.71 31.94
C ALA C 457 12.16 3.26 33.11
N SER C 458 11.68 4.34 33.72
CA SER C 458 12.35 4.93 34.86
C SER C 458 11.62 4.54 36.15
N CYS C 459 12.25 4.87 37.27
CA CYS C 459 11.71 4.44 38.55
C CYS C 459 10.62 5.38 39.04
N GLU C 460 10.98 6.63 39.36
CA GLU C 460 10.09 7.51 40.08
C GLU C 460 10.71 8.90 40.13
N SER C 461 9.85 9.91 40.21
CA SER C 461 10.30 11.29 40.31
C SER C 461 9.14 12.16 40.74
N ASP C 462 9.37 13.46 40.75
CA ASP C 462 8.36 14.42 41.17
C ASP C 462 7.15 14.34 40.27
N VAL C 463 5.98 14.65 40.83
CA VAL C 463 4.71 14.58 40.12
C VAL C 463 4.39 15.98 39.61
N LEU C 464 3.56 16.06 38.57
CA LEU C 464 3.08 17.32 38.05
C LEU C 464 1.56 17.30 38.01
N ARG C 465 0.97 18.47 37.80
CA ARG C 465 -0.47 18.64 37.82
C ARG C 465 -0.89 19.46 36.61
N PHE C 466 -1.98 19.04 35.99
CA PHE C 466 -2.53 19.80 34.88
C PHE C 466 -3.34 20.98 35.40
N THR C 467 -2.95 22.18 34.98
CA THR C 467 -3.76 23.36 35.29
C THR C 467 -5.16 23.21 34.71
N SER C 468 -5.28 23.16 33.40
CA SER C 468 -6.59 23.07 32.78
C SER C 468 -6.46 22.61 31.34
N THR C 469 -7.49 21.90 30.89
CA THR C 469 -7.62 21.41 29.54
C THR C 469 -8.64 22.26 28.79
N THR C 470 -8.98 21.83 27.59
CA THR C 470 -10.05 22.43 26.79
C THR C 470 -10.26 21.57 25.56
N THR C 471 -11.28 21.90 24.78
CA THR C 471 -11.55 21.11 23.59
C THR C 471 -12.48 21.88 22.65
N TRP C 472 -12.04 21.99 21.39
CA TRP C 472 -12.93 22.27 20.28
C TRP C 472 -13.17 20.96 19.56
N LYS C 473 -13.75 21.06 18.38
CA LYS C 473 -13.94 19.86 17.58
C LYS C 473 -12.63 19.35 16.98
N ASN C 474 -11.58 20.18 16.95
CA ASN C 474 -10.36 19.77 16.27
C ASN C 474 -9.07 20.16 16.97
N ARG C 475 -9.13 20.89 18.08
CA ARG C 475 -7.95 21.49 18.65
C ARG C 475 -8.06 21.47 20.16
N ILE C 476 -6.93 21.63 20.85
CA ILE C 476 -6.90 21.50 22.30
C ILE C 476 -5.72 22.27 22.86
N ILE C 477 -5.92 22.91 24.00
CA ILE C 477 -4.89 23.69 24.67
C ILE C 477 -4.73 23.14 26.08
N ILE C 478 -3.58 22.54 26.37
CA ILE C 478 -3.30 21.92 27.65
C ILE C 478 -2.49 22.90 28.48
N THR C 479 -2.85 23.03 29.74
CA THR C 479 -2.05 23.79 30.70
C THR C 479 -1.78 22.91 31.90
N TRP C 480 -0.51 22.73 32.21
CA TRP C 480 -0.09 22.05 33.43
C TRP C 480 0.29 23.09 34.46
N HIS C 481 0.46 22.64 35.70
CA HIS C 481 0.92 23.55 36.72
C HIS C 481 2.40 23.85 36.52
N ARG C 482 2.76 25.12 36.70
CA ARG C 482 4.13 25.57 36.50
C ARG C 482 5.04 24.92 37.54
N TYR C 483 6.06 24.22 37.07
CA TYR C 483 6.97 23.52 37.96
C TYR C 483 8.09 24.44 38.43
N ARG C 484 8.72 24.06 39.54
CA ARG C 484 9.88 24.77 40.05
C ARG C 484 10.95 23.76 40.46
N PRO C 485 12.19 23.98 40.06
CA PRO C 485 13.23 22.97 40.23
C PRO C 485 13.89 23.09 41.60
N PRO C 486 14.78 22.16 41.95
CA PRO C 486 15.58 22.34 43.17
C PRO C 486 16.48 23.56 43.12
N ASP C 487 17.16 23.82 42.00
CA ASP C 487 17.97 25.01 41.82
C ASP C 487 17.47 25.71 40.56
N TYR C 488 17.03 26.96 40.72
CA TYR C 488 16.21 27.61 39.69
C TYR C 488 16.95 27.86 38.39
N ARG C 489 18.28 27.87 38.39
CA ARG C 489 18.98 28.15 37.14
C ARG C 489 19.04 26.95 36.22
N ASP C 490 18.44 25.82 36.60
CA ASP C 490 18.24 24.71 35.69
C ASP C 490 17.03 25.02 34.80
N LEU C 491 17.27 25.19 33.50
CA LEU C 491 16.16 25.46 32.59
C LEU C 491 15.30 24.21 32.51
N ILE C 492 14.09 24.30 33.06
CA ILE C 492 13.22 23.15 33.23
C ILE C 492 12.20 23.19 32.09
N SER C 493 12.57 22.59 30.95
CA SER C 493 11.66 22.57 29.83
C SER C 493 10.74 21.35 29.91
N PHE C 494 9.91 21.19 28.89
CA PHE C 494 8.84 20.21 28.92
C PHE C 494 8.71 19.52 27.58
N THR C 495 8.20 18.29 27.62
CA THR C 495 7.79 17.53 26.45
C THR C 495 6.38 17.02 26.71
N VAL C 496 5.64 16.69 25.65
CA VAL C 496 4.24 16.32 25.77
C VAL C 496 3.96 15.12 24.87
N TYR C 497 3.86 13.94 25.47
CA TYR C 497 3.63 12.74 24.69
C TYR C 497 2.13 12.49 24.59
N TYR C 498 1.69 11.94 23.46
CA TYR C 498 0.28 11.77 23.22
C TYR C 498 0.05 10.91 21.99
N LYS C 499 -1.18 10.47 21.84
CA LYS C 499 -1.62 9.64 20.71
C LYS C 499 -3.11 9.40 20.87
N GLU C 500 -3.67 8.66 19.91
CA GLU C 500 -5.02 8.15 20.04
C GLU C 500 -5.05 7.00 21.04
N ALA C 501 -6.14 6.90 21.78
CA ALA C 501 -6.30 5.77 22.69
C ALA C 501 -7.76 5.33 22.75
N PRO C 502 -8.07 4.14 22.25
CA PRO C 502 -9.44 3.62 22.32
C PRO C 502 -9.75 2.83 23.59
N PHE C 503 -8.83 2.81 24.54
CA PHE C 503 -8.77 1.73 25.52
C PHE C 503 -8.07 2.27 26.75
N LYS C 504 -7.63 1.38 27.63
CA LYS C 504 -6.73 1.74 28.71
C LYS C 504 -5.63 0.71 28.92
N ASN C 505 -5.55 -0.29 28.06
CA ASN C 505 -4.46 -1.28 28.11
C ASN C 505 -3.22 -0.73 27.44
N VAL C 506 -2.86 0.50 27.79
CA VAL C 506 -1.77 1.21 27.12
C VAL C 506 -0.76 1.66 28.16
N THR C 507 0.51 1.48 27.84
CA THR C 507 1.57 2.08 28.63
C THR C 507 1.67 3.54 28.26
N GLU C 508 2.79 4.16 28.59
CA GLU C 508 3.06 5.53 28.23
C GLU C 508 4.42 5.67 27.56
N TYR C 509 5.17 4.59 27.50
CA TYR C 509 6.60 4.68 27.29
C TYR C 509 6.99 4.30 25.87
N ASP C 510 8.00 4.98 25.38
CA ASP C 510 8.50 4.80 24.02
C ASP C 510 9.01 3.39 23.80
N CYS C 515 4.19 7.16 16.24
CA CYS C 515 4.86 7.22 14.95
C CYS C 515 4.56 5.97 14.13
N GLY C 516 4.28 6.15 12.85
CA GLY C 516 4.03 5.01 11.99
C GLY C 516 2.76 4.28 12.36
N SER C 517 2.90 3.12 13.00
CA SER C 517 1.76 2.31 13.42
C SER C 517 1.24 2.75 14.79
N ASN C 518 1.02 4.06 14.90
CA ASN C 518 0.41 4.66 16.08
C ASN C 518 1.21 4.34 17.35
N SER C 519 2.41 4.91 17.42
CA SER C 519 3.22 4.76 18.61
C SER C 519 3.15 5.99 19.52
N TRP C 520 3.61 7.14 19.05
CA TRP C 520 3.65 8.36 19.86
C TRP C 520 3.94 9.53 18.95
N ASN C 521 3.95 10.72 19.55
CA ASN C 521 4.26 11.97 18.87
C ASN C 521 4.68 12.97 19.93
N MET C 522 5.89 13.49 19.83
CA MET C 522 6.40 14.39 20.85
C MET C 522 6.40 15.83 20.34
N VAL C 523 6.40 16.77 21.28
CA VAL C 523 6.42 18.19 21.01
C VAL C 523 7.20 18.86 22.14
N ASP C 524 7.91 19.92 21.83
CA ASP C 524 8.69 20.64 22.84
C ASP C 524 8.08 22.01 23.12
N VAL C 525 8.45 22.58 24.26
CA VAL C 525 7.86 23.82 24.72
C VAL C 525 8.72 24.40 25.83
N ASP C 526 8.77 25.72 25.90
CA ASP C 526 9.37 26.44 27.03
C ASP C 526 8.32 26.84 28.05
N GLU C 532 5.25 36.38 32.08
CA GLU C 532 5.25 35.36 33.12
C GLU C 532 3.88 34.72 33.24
N GLY C 533 3.55 33.87 32.27
CA GLY C 533 2.29 33.16 32.27
C GLY C 533 2.51 31.68 32.52
N GLU C 534 1.41 30.99 32.79
CA GLU C 534 1.52 29.58 33.12
C GLU C 534 1.86 28.78 31.86
N PRO C 535 2.81 27.85 31.95
CA PRO C 535 3.26 27.10 30.77
C PRO C 535 2.15 26.21 30.23
N GLY C 536 1.74 26.48 28.99
CA GLY C 536 0.78 25.66 28.30
C GLY C 536 1.25 25.35 26.90
N ILE C 537 0.48 24.53 26.21
CA ILE C 537 0.85 24.07 24.87
C ILE C 537 -0.42 23.78 24.08
N LEU C 538 -0.30 23.87 22.76
CA LEU C 538 -1.44 23.81 21.87
C LEU C 538 -1.27 22.65 20.89
N LEU C 539 -2.12 21.65 21.01
CA LEU C 539 -2.19 20.61 19.99
C LEU C 539 -3.33 20.94 19.05
N HIS C 540 -3.14 20.65 17.77
CA HIS C 540 -3.95 21.23 16.72
C HIS C 540 -4.19 20.21 15.63
N GLY C 541 -5.18 20.49 14.80
CA GLY C 541 -5.48 19.64 13.67
C GLY C 541 -5.69 18.21 14.09
N LEU C 542 -6.76 17.95 14.82
CA LEU C 542 -6.97 16.65 15.43
C LEU C 542 -8.29 16.05 14.95
N LYS C 543 -8.29 14.74 14.76
CA LYS C 543 -9.51 14.05 14.42
C LYS C 543 -10.55 14.32 15.51
N PRO C 544 -11.76 14.72 15.12
CA PRO C 544 -12.77 14.99 16.15
C PRO C 544 -13.23 13.70 16.80
N TRP C 545 -13.47 13.78 18.11
CA TRP C 545 -14.02 12.65 18.87
C TRP C 545 -13.11 11.44 18.79
N THR C 546 -11.89 11.60 19.30
CA THR C 546 -10.94 10.51 19.46
C THR C 546 -10.29 10.64 20.82
N GLN C 547 -10.41 9.60 21.64
CA GLN C 547 -9.97 9.69 23.02
C GLN C 547 -8.45 9.71 23.04
N TYR C 548 -7.90 10.90 22.87
CA TYR C 548 -6.46 11.08 22.96
C TYR C 548 -6.02 10.87 24.40
N ALA C 549 -4.82 10.32 24.55
CA ALA C 549 -4.19 10.22 25.85
C ALA C 549 -2.97 11.12 25.84
N VAL C 550 -2.74 11.83 26.92
CA VAL C 550 -1.73 12.87 26.97
C VAL C 550 -1.00 12.80 28.30
N TYR C 551 0.29 13.09 28.27
CA TYR C 551 1.00 13.35 29.52
C TYR C 551 2.27 14.10 29.25
N VAL C 552 2.62 14.97 30.17
CA VAL C 552 3.80 15.82 30.07
C VAL C 552 4.96 15.14 30.76
N LYS C 553 6.16 15.43 30.31
CA LYS C 553 7.38 14.95 30.94
C LYS C 553 8.37 16.09 31.04
N ALA C 554 9.10 16.12 32.16
CA ALA C 554 10.01 17.20 32.48
C ALA C 554 11.39 16.87 31.92
N VAL C 555 11.89 17.72 31.05
CA VAL C 555 13.25 17.64 30.55
C VAL C 555 14.08 18.72 31.22
N THR C 556 15.22 18.31 31.77
CA THR C 556 16.14 19.22 32.43
C THR C 556 17.00 19.93 31.39
N LEU C 557 17.64 21.02 31.82
CA LEU C 557 18.75 21.62 31.09
C LEU C 557 19.72 22.14 32.15
N THR C 558 20.70 21.31 32.49
CA THR C 558 21.62 21.59 33.59
C THR C 558 22.46 22.83 33.37
N ASN C 562 27.75 16.44 38.25
CA ASN C 562 26.97 15.92 39.36
C ASN C 562 25.74 15.18 38.86
N ASP C 563 25.35 14.14 39.59
CA ASP C 563 24.16 13.36 39.27
C ASP C 563 22.90 13.91 39.90
N HIS C 564 22.92 15.18 40.31
CA HIS C 564 21.74 15.81 40.90
C HIS C 564 20.77 16.29 39.84
N ILE C 565 20.12 15.34 39.17
CA ILE C 565 19.03 15.61 38.25
C ILE C 565 17.83 14.82 38.76
N ARG C 566 16.62 15.35 38.54
CA ARG C 566 15.43 14.62 38.94
C ARG C 566 14.45 14.38 37.80
N GLY C 567 14.12 15.41 37.03
CA GLY C 567 13.03 15.29 36.08
C GLY C 567 11.71 15.06 36.80
N ALA C 568 10.64 14.95 36.02
CA ALA C 568 9.33 14.77 36.61
C ALA C 568 8.37 14.20 35.58
N LYS C 569 7.82 13.04 35.87
CA LYS C 569 6.81 12.42 35.05
C LYS C 569 5.46 13.05 35.36
N SER C 570 4.39 12.43 34.88
CA SER C 570 3.07 12.99 35.13
C SER C 570 2.03 11.91 34.89
N GLU C 571 0.78 12.31 34.82
CA GLU C 571 -0.33 11.38 34.83
C GLU C 571 -0.83 11.10 33.43
N ILE C 572 -1.33 9.89 33.24
CA ILE C 572 -1.94 9.48 31.99
C ILE C 572 -3.34 10.07 31.93
N LEU C 573 -3.50 11.18 31.23
CA LEU C 573 -4.78 11.87 31.17
C LEU C 573 -5.49 11.53 29.87
N TYR C 574 -6.80 11.33 29.95
CA TYR C 574 -7.60 11.04 28.76
C TYR C 574 -8.47 12.25 28.41
N ILE C 575 -8.69 12.44 27.12
CA ILE C 575 -9.50 13.56 26.63
C ILE C 575 -10.17 13.15 25.34
N ARG C 576 -11.49 13.32 25.27
CA ARG C 576 -12.28 13.06 24.08
C ARG C 576 -12.68 14.38 23.45
N THR C 577 -12.33 14.58 22.18
CA THR C 577 -12.53 15.86 21.55
C THR C 577 -13.99 16.08 21.18
N ASN C 578 -14.37 17.35 21.06
CA ASN C 578 -15.76 17.72 20.83
C ASN C 578 -16.33 16.99 19.62
N ALA C 579 -17.62 16.72 19.67
CA ALA C 579 -18.31 16.01 18.60
C ALA C 579 -18.36 16.90 17.35
N SER C 580 -18.77 16.29 16.25
CA SER C 580 -18.81 17.03 14.99
C SER C 580 -19.88 16.42 14.10
N VAL C 581 -20.22 17.16 13.05
CA VAL C 581 -21.26 16.71 12.12
C VAL C 581 -20.80 15.45 11.43
N PRO C 582 -21.67 14.46 11.24
CA PRO C 582 -21.24 13.17 10.71
C PRO C 582 -20.95 13.25 9.22
N SER C 583 -20.66 12.09 8.66
CA SER C 583 -20.37 11.96 7.23
C SER C 583 -21.41 11.05 6.58
N ILE C 584 -21.68 11.33 5.30
CA ILE C 584 -22.76 10.69 4.56
C ILE C 584 -22.60 9.18 4.55
N PRO C 585 -23.68 8.43 4.41
CA PRO C 585 -23.60 6.98 4.36
C PRO C 585 -23.05 6.48 3.03
N LEU C 586 -23.03 5.16 2.88
CA LEU C 586 -22.46 4.50 1.72
C LEU C 586 -23.27 3.27 1.36
N ASP C 587 -22.69 2.37 0.53
CA ASP C 587 -23.26 1.06 0.26
C ASP C 587 -24.73 1.12 -0.15
N VAL C 588 -25.14 2.25 -0.71
CA VAL C 588 -26.56 2.52 -0.89
C VAL C 588 -27.10 1.63 -2.01
N LEU C 589 -27.70 0.51 -1.62
CA LEU C 589 -28.30 -0.38 -2.61
C LEU C 589 -29.70 -0.75 -2.17
N SER C 590 -30.51 -1.18 -3.13
CA SER C 590 -31.91 -1.42 -2.86
C SER C 590 -32.53 -2.20 -3.99
N ALA C 591 -33.73 -2.71 -3.74
CA ALA C 591 -34.52 -3.40 -4.75
C ALA C 591 -35.93 -3.57 -4.21
N SER C 592 -36.71 -4.40 -4.91
CA SER C 592 -38.11 -4.65 -4.57
C SER C 592 -38.33 -6.16 -4.49
N ASN C 593 -38.67 -6.65 -3.29
CA ASN C 593 -39.14 -8.02 -3.18
C ASN C 593 -40.57 -8.16 -3.66
N SER C 594 -41.27 -7.03 -3.83
CA SER C 594 -42.64 -7.01 -4.31
C SER C 594 -43.01 -5.57 -4.64
N SER C 595 -44.22 -5.40 -5.16
CA SER C 595 -44.73 -4.06 -5.40
C SER C 595 -44.97 -3.34 -4.07
N SER C 596 -44.73 -2.04 -4.08
CA SER C 596 -44.85 -1.16 -2.92
C SER C 596 -44.01 -1.61 -1.73
N GLN C 597 -43.02 -2.47 -1.93
CA GLN C 597 -42.10 -2.85 -0.87
C GLN C 597 -40.69 -2.62 -1.39
N LEU C 598 -39.85 -1.97 -0.60
CA LEU C 598 -38.50 -1.61 -1.04
C LEU C 598 -37.50 -1.96 0.05
N ILE C 599 -36.51 -2.77 -0.29
CA ILE C 599 -35.45 -3.13 0.64
C ILE C 599 -34.20 -2.34 0.28
N VAL C 600 -33.62 -1.66 1.26
CA VAL C 600 -32.44 -0.82 1.06
C VAL C 600 -31.43 -1.11 2.16
N LYS C 601 -30.21 -1.44 1.75
CA LYS C 601 -29.07 -1.71 2.62
C LYS C 601 -27.99 -0.68 2.36
N TRP C 602 -27.25 -0.32 3.41
CA TRP C 602 -26.21 0.69 3.29
C TRP C 602 -25.09 0.41 4.29
N ASN C 603 -24.21 1.37 4.44
CA ASN C 603 -23.01 1.32 5.26
C ASN C 603 -23.05 2.42 6.31
N PRO C 604 -22.70 2.11 7.55
CA PRO C 604 -22.47 3.17 8.53
C PRO C 604 -21.40 4.12 8.04
N PRO C 605 -21.35 5.34 8.58
CA PRO C 605 -20.37 6.32 8.10
C PRO C 605 -18.95 5.91 8.43
N THR C 606 -18.04 6.33 7.56
CA THR C 606 -16.63 6.17 7.86
C THR C 606 -16.17 7.15 8.92
N LEU C 607 -16.99 8.12 9.27
CA LEU C 607 -16.64 9.14 10.26
C LEU C 607 -17.88 9.53 11.04
N PRO C 608 -18.32 8.67 11.96
CA PRO C 608 -19.48 9.03 12.78
C PRO C 608 -19.27 10.28 13.60
N ASN C 609 -18.11 10.43 14.21
CA ASN C 609 -17.75 11.64 14.95
C ASN C 609 -18.83 11.98 15.98
N GLY C 610 -18.99 11.08 16.94
CA GLY C 610 -20.02 11.15 17.95
C GLY C 610 -20.83 9.88 17.99
N ASN C 611 -21.28 9.56 19.19
CA ASN C 611 -22.02 8.33 19.41
C ASN C 611 -23.21 8.28 18.46
N LEU C 612 -23.37 7.17 17.76
CA LEU C 612 -24.37 7.05 16.71
C LEU C 612 -25.77 7.14 17.30
N SER C 613 -26.68 7.79 16.58
CA SER C 613 -28.06 7.87 17.02
C SER C 613 -29.02 7.17 16.05
N TYR C 614 -29.06 7.58 14.78
CA TYR C 614 -30.00 6.94 13.86
C TYR C 614 -29.65 7.36 12.43
N TYR C 615 -30.53 7.02 11.51
CA TYR C 615 -30.42 7.43 10.13
C TYR C 615 -31.76 7.98 9.69
N ILE C 616 -31.74 8.76 8.63
CA ILE C 616 -32.95 9.34 8.06
C ILE C 616 -33.05 8.91 6.62
N VAL C 617 -34.27 8.58 6.19
CA VAL C 617 -34.55 8.13 4.83
C VAL C 617 -35.73 8.93 4.31
N ARG C 618 -35.55 9.59 3.17
CA ARG C 618 -36.62 10.28 2.49
C ARG C 618 -36.72 9.75 1.07
N TRP C 619 -37.86 10.00 0.43
CA TRP C 619 -38.05 9.50 -0.93
C TRP C 619 -39.01 10.40 -1.68
N GLN C 620 -39.02 10.22 -3.00
CA GLN C 620 -39.90 11.01 -3.85
C GLN C 620 -40.38 10.22 -5.05
N ARG C 621 -41.63 10.46 -5.44
CA ARG C 621 -42.12 9.96 -6.70
C ARG C 621 -41.37 10.62 -7.84
N GLN C 622 -41.30 9.94 -8.96
CA GLN C 622 -40.64 10.59 -10.08
C GLN C 622 -41.58 10.72 -11.26
N PRO C 623 -41.80 11.93 -11.75
CA PRO C 623 -42.71 12.12 -12.87
C PRO C 623 -42.22 11.39 -14.10
N GLN C 624 -43.09 10.58 -14.69
CA GLN C 624 -42.74 9.83 -15.88
C GLN C 624 -42.33 10.76 -17.00
N ASP C 625 -41.51 10.25 -17.92
CA ASP C 625 -40.93 11.08 -18.98
C ASP C 625 -42.03 11.45 -19.96
N GLY C 626 -42.58 12.66 -19.80
CA GLY C 626 -43.69 13.12 -20.62
C GLY C 626 -43.48 12.96 -22.11
N TYR C 627 -42.22 12.84 -22.55
CA TYR C 627 -41.98 12.71 -23.98
C TYR C 627 -42.58 11.42 -24.52
N LEU C 628 -42.55 10.33 -23.75
CA LEU C 628 -43.35 9.17 -24.12
C LEU C 628 -44.79 9.57 -24.35
N TYR C 629 -45.39 10.28 -23.41
CA TYR C 629 -46.61 11.00 -23.67
C TYR C 629 -46.49 11.82 -24.95
N ARG C 630 -45.54 12.77 -24.96
CA ARG C 630 -45.51 13.81 -25.96
C ARG C 630 -45.27 13.30 -27.37
N HIS C 631 -44.71 12.12 -27.54
CA HIS C 631 -44.36 11.63 -28.87
C HIS C 631 -44.80 10.18 -28.98
N ASN C 632 -45.91 9.96 -29.66
CA ASN C 632 -46.43 8.60 -29.80
C ASN C 632 -45.42 7.73 -30.52
N TYR C 633 -45.26 6.50 -30.03
CA TYR C 633 -44.26 5.58 -30.53
C TYR C 633 -44.86 4.30 -31.08
N CYS C 634 -46.17 4.28 -31.30
CA CYS C 634 -46.77 3.25 -32.15
C CYS C 634 -46.13 3.24 -33.52
N SER C 635 -46.15 4.39 -34.20
CA SER C 635 -45.50 4.51 -35.50
C SER C 635 -43.99 4.34 -35.40
N LYS C 636 -43.41 4.50 -34.21
CA LYS C 636 -41.96 4.40 -34.06
C LYS C 636 -41.51 2.96 -34.27
N ASP C 637 -40.31 2.81 -34.84
CA ASP C 637 -39.87 1.48 -35.25
C ASP C 637 -39.25 0.70 -34.09
N LYS C 638 -38.96 1.34 -32.98
CA LYS C 638 -38.40 0.64 -31.83
C LYS C 638 -38.92 1.26 -30.54
N ILE C 639 -39.31 0.40 -29.60
CA ILE C 639 -40.01 0.84 -28.39
C ILE C 639 -39.12 0.68 -27.17
N PRO C 640 -39.30 1.50 -26.14
CA PRO C 640 -38.41 1.46 -24.98
C PRO C 640 -38.86 0.48 -23.92
N ILE C 641 -37.91 0.13 -23.05
CA ILE C 641 -38.13 -0.82 -21.96
C ILE C 641 -37.40 -0.30 -20.73
N ARG C 642 -38.01 -0.50 -19.56
CA ARG C 642 -37.41 -0.12 -18.29
C ARG C 642 -37.17 -1.35 -17.43
N LYS C 643 -35.90 -1.72 -17.27
CA LYS C 643 -35.54 -2.71 -16.28
C LYS C 643 -35.90 -2.18 -14.88
N TYR C 644 -36.14 -3.09 -13.94
CA TYR C 644 -36.57 -2.70 -12.61
C TYR C 644 -35.80 -3.46 -11.54
N ALA C 645 -35.79 -2.88 -10.34
CA ALA C 645 -35.22 -3.50 -9.15
C ALA C 645 -33.78 -3.96 -9.35
N CYS C 671 0.98 -11.85 -6.70
CA CYS C 671 1.85 -11.09 -5.80
C CYS C 671 1.24 -9.75 -5.47
N ALA C 672 2.11 -8.78 -5.23
CA ALA C 672 1.72 -7.37 -5.13
C ALA C 672 2.66 -6.60 -6.03
N CYS C 673 2.32 -6.50 -7.31
CA CYS C 673 3.17 -5.76 -8.24
C CYS C 673 3.33 -4.33 -7.76
N PRO C 674 4.55 -3.93 -7.40
CA PRO C 674 4.74 -2.64 -6.71
C PRO C 674 4.25 -1.50 -7.58
N LYS C 675 3.44 -0.63 -6.99
CA LYS C 675 2.93 0.53 -7.70
C LYS C 675 4.09 1.34 -8.24
N THR C 676 4.14 1.48 -9.56
CA THR C 676 5.25 2.20 -10.17
C THR C 676 5.12 3.70 -9.89
N GLU C 677 5.98 4.48 -10.54
CA GLU C 677 6.01 5.90 -10.26
C GLU C 677 4.93 6.64 -11.05
N ALA C 678 4.94 6.50 -12.37
CA ALA C 678 4.02 7.27 -13.22
C ALA C 678 2.58 7.06 -12.82
N GLU C 679 2.18 5.81 -12.58
CA GLU C 679 0.83 5.54 -12.10
C GLU C 679 0.56 6.29 -10.81
N LYS C 680 1.39 6.02 -9.79
CA LYS C 680 1.23 6.64 -8.48
C LYS C 680 1.00 8.15 -8.59
N GLN C 681 1.70 8.80 -9.52
CA GLN C 681 1.50 10.23 -9.72
C GLN C 681 0.04 10.56 -9.98
N ALA C 682 -0.50 10.03 -11.08
CA ALA C 682 -1.88 10.34 -11.43
C ALA C 682 -2.85 9.84 -10.37
N GLU C 683 -2.50 8.74 -9.69
CA GLU C 683 -3.35 8.27 -8.60
C GLU C 683 -3.51 9.34 -7.55
N LYS C 684 -2.39 9.82 -7.02
CA LYS C 684 -2.45 10.86 -6.00
C LYS C 684 -3.19 12.07 -6.52
N GLU C 685 -3.02 12.40 -7.80
CA GLU C 685 -3.72 13.56 -8.33
C GLU C 685 -5.23 13.36 -8.32
N GLU C 686 -5.69 12.22 -8.81
CA GLU C 686 -7.11 11.91 -8.77
C GLU C 686 -7.66 12.04 -7.35
N ALA C 687 -6.97 11.43 -6.39
CA ALA C 687 -7.45 11.51 -5.02
C ALA C 687 -7.54 12.95 -4.56
N GLU C 688 -6.52 13.75 -4.87
CA GLU C 688 -6.57 15.17 -4.52
C GLU C 688 -7.78 15.84 -5.15
N TYR C 689 -8.12 15.43 -6.37
CA TYR C 689 -9.24 16.03 -7.06
C TYR C 689 -10.55 15.74 -6.34
N ARG C 690 -10.80 14.47 -6.05
CA ARG C 690 -12.00 14.14 -5.30
C ARG C 690 -12.03 14.86 -3.96
N LYS C 691 -10.85 15.02 -3.36
CA LYS C 691 -10.76 15.72 -2.08
C LYS C 691 -11.23 17.15 -2.21
N VAL C 692 -10.63 17.91 -3.13
CA VAL C 692 -11.03 19.29 -3.32
C VAL C 692 -12.46 19.38 -3.78
N PHE C 693 -13.01 18.28 -4.27
CA PHE C 693 -14.39 18.33 -4.71
C PHE C 693 -15.34 18.21 -3.53
N GLU C 694 -15.20 17.15 -2.74
CA GLU C 694 -16.11 16.95 -1.62
C GLU C 694 -15.84 17.90 -0.46
N ASN C 695 -14.73 18.64 -0.50
CA ASN C 695 -14.51 19.69 0.49
C ASN C 695 -15.68 20.65 0.55
N PHE C 696 -16.32 20.92 -0.58
CA PHE C 696 -17.48 21.80 -0.57
C PHE C 696 -18.62 21.18 0.22
N LEU C 697 -19.09 20.01 -0.23
CA LEU C 697 -20.23 19.38 0.41
C LEU C 697 -19.99 19.11 1.88
N HIS C 698 -18.73 18.98 2.29
CA HIS C 698 -18.44 18.75 3.70
C HIS C 698 -18.88 19.92 4.56
N ASN C 699 -18.89 21.14 4.01
CA ASN C 699 -19.28 22.32 4.76
C ASN C 699 -20.73 22.71 4.47
N SER C 700 -21.65 21.88 4.93
CA SER C 700 -23.08 22.17 4.82
C SER C 700 -23.84 21.51 5.95
N ILE C 701 -24.88 22.19 6.42
CA ILE C 701 -25.79 21.68 7.42
C ILE C 701 -26.99 21.09 6.70
N PHE C 702 -27.81 20.35 7.42
CA PHE C 702 -29.04 19.79 6.87
C PHE C 702 -30.05 19.62 7.98
N VAL C 703 -31.17 20.33 7.87
CA VAL C 703 -32.25 20.19 8.83
C VAL C 703 -32.82 18.79 8.69
N PRO C 704 -33.29 18.16 9.79
CA PRO C 704 -33.88 16.83 9.73
C PRO C 704 -35.18 16.82 8.92
N TYR C 746 -45.41 16.69 -5.11
CA TYR C 746 -44.84 15.50 -4.51
C TYR C 746 -44.10 15.84 -3.22
N PRO C 747 -44.57 15.30 -2.10
CA PRO C 747 -43.89 15.51 -0.83
C PRO C 747 -42.99 14.33 -0.48
N PHE C 748 -42.10 14.59 0.48
CA PHE C 748 -41.28 13.52 1.03
C PHE C 748 -42.07 12.73 2.08
N PHE C 749 -41.52 11.58 2.47
CA PHE C 749 -42.04 10.83 3.60
C PHE C 749 -40.84 10.20 4.31
N GLU C 750 -40.69 10.51 5.58
CA GLU C 750 -39.44 10.33 6.29
C GLU C 750 -39.36 8.95 6.92
N SER C 751 -38.40 8.80 7.82
CA SER C 751 -38.15 7.59 8.56
C SER C 751 -37.13 7.90 9.64
N ARG C 752 -37.05 7.03 10.63
CA ARG C 752 -36.02 7.11 11.66
C ARG C 752 -35.59 5.68 11.98
N VAL C 753 -34.57 5.22 11.25
CA VAL C 753 -34.00 3.90 11.48
C VAL C 753 -32.72 4.08 12.28
N ASP C 754 -32.53 3.23 13.28
CA ASP C 754 -31.38 3.38 14.17
C ASP C 754 -30.60 2.09 14.32
N ASN C 755 -31.31 0.96 14.36
CA ASN C 755 -30.68 -0.31 14.71
C ASN C 755 -29.81 -0.85 13.58
N LYS C 756 -30.41 -1.13 12.44
CA LYS C 756 -29.71 -1.76 11.33
C LYS C 756 -29.19 -0.71 10.36
N GLU C 757 -28.71 -1.17 9.21
CA GLU C 757 -28.44 -0.30 8.07
C GLU C 757 -29.22 -0.76 6.84
N ARG C 758 -30.44 -1.23 7.05
CA ARG C 758 -31.28 -1.69 5.96
C ARG C 758 -32.71 -1.67 6.43
N THR C 759 -33.62 -1.41 5.50
CA THR C 759 -35.01 -1.14 5.85
C THR C 759 -35.90 -1.46 4.65
N VAL C 760 -37.16 -1.78 4.96
CA VAL C 760 -38.19 -2.05 3.96
C VAL C 760 -39.24 -0.95 4.03
N ILE C 761 -39.72 -0.56 2.87
CA ILE C 761 -40.67 0.54 2.73
C ILE C 761 -41.94 0.01 2.08
N SER C 762 -43.08 0.51 2.55
CA SER C 762 -44.40 0.15 2.06
C SER C 762 -45.13 1.40 1.55
N ASN C 763 -46.40 1.21 1.20
CA ASN C 763 -47.31 2.30 0.85
C ASN C 763 -46.85 3.03 -0.41
N LEU C 764 -46.70 2.28 -1.49
CA LEU C 764 -46.11 2.82 -2.70
C LEU C 764 -46.94 2.44 -3.92
N ARG C 765 -46.96 3.33 -4.89
CA ARG C 765 -47.62 2.98 -6.14
C ARG C 765 -46.78 1.94 -6.89
N PRO C 766 -47.43 1.05 -7.64
CA PRO C 766 -46.70 -0.06 -8.25
C PRO C 766 -45.96 0.36 -9.51
N PHE C 767 -44.75 -0.17 -9.67
CA PHE C 767 -43.93 0.05 -10.86
C PHE C 767 -43.80 1.53 -11.17
N THR C 768 -43.19 2.25 -10.23
CA THR C 768 -42.93 3.68 -10.37
C THR C 768 -41.47 3.95 -10.02
N LEU C 769 -40.87 4.92 -10.69
CA LEU C 769 -39.52 5.31 -10.39
C LEU C 769 -39.47 6.12 -9.11
N TYR C 770 -38.66 5.69 -8.17
CA TYR C 770 -38.46 6.41 -6.91
C TYR C 770 -36.99 6.71 -6.71
N ARG C 771 -36.74 7.75 -5.93
CA ARG C 771 -35.41 8.08 -5.46
C ARG C 771 -35.45 8.34 -3.97
N ILE C 772 -34.32 8.07 -3.34
CA ILE C 772 -34.24 7.78 -1.92
C ILE C 772 -33.04 8.51 -1.36
N ASP C 773 -33.28 9.62 -0.69
CA ASP C 773 -32.23 10.34 0.01
C ASP C 773 -31.98 9.66 1.34
N ILE C 774 -30.73 9.65 1.77
CA ILE C 774 -30.32 9.03 3.01
C ILE C 774 -29.39 9.98 3.76
N HIS C 775 -29.47 9.94 5.08
CA HIS C 775 -28.53 10.65 5.92
C HIS C 775 -28.19 9.80 7.13
N SER C 776 -26.93 9.83 7.55
CA SER C 776 -26.61 9.43 8.91
C SER C 776 -27.04 10.53 9.86
N CYS C 777 -27.10 10.22 11.14
CA CYS C 777 -27.47 11.29 12.06
C CYS C 777 -26.96 10.93 13.44
N ASN C 778 -25.93 11.64 13.89
CA ASN C 778 -25.37 11.44 15.20
C ASN C 778 -26.35 11.88 16.28
N HIS C 779 -25.92 11.71 17.52
CA HIS C 779 -26.72 12.09 18.66
C HIS C 779 -26.41 13.50 19.14
N GLU C 780 -25.65 14.27 18.36
CA GLU C 780 -25.29 15.63 18.75
C GLU C 780 -25.77 16.67 17.75
N ALA C 781 -26.61 16.28 16.81
CA ALA C 781 -27.14 17.19 15.81
C ALA C 781 -28.34 17.98 16.30
N GLU C 782 -28.65 17.94 17.59
CA GLU C 782 -29.71 18.80 18.10
C GLU C 782 -29.43 20.25 17.79
N LYS C 783 -28.19 20.70 17.96
CA LYS C 783 -27.79 22.04 17.61
C LYS C 783 -26.73 22.02 16.51
N LEU C 784 -25.98 20.93 16.44
CA LEU C 784 -25.03 20.76 15.34
C LEU C 784 -25.73 20.84 14.00
N GLY C 785 -26.61 19.89 13.72
CA GLY C 785 -27.18 19.71 12.40
C GLY C 785 -26.93 18.31 11.89
N CYS C 786 -27.91 17.72 11.24
CA CYS C 786 -27.75 16.35 10.80
C CYS C 786 -26.89 16.29 9.55
N SER C 787 -26.57 15.08 9.12
CA SER C 787 -25.53 14.88 8.12
C SER C 787 -26.02 15.34 6.74
N ALA C 788 -25.10 15.29 5.77
CA ALA C 788 -25.41 15.66 4.40
C ALA C 788 -26.15 14.51 3.72
N SER C 789 -26.23 14.54 2.39
CA SER C 789 -27.09 13.64 1.65
C SER C 789 -26.30 12.87 0.58
N ASN C 790 -26.57 11.58 0.47
CA ASN C 790 -26.20 10.79 -0.69
C ASN C 790 -27.44 10.03 -1.16
N PHE C 791 -27.72 10.11 -2.45
CA PHE C 791 -28.97 9.63 -2.99
C PHE C 791 -28.80 8.25 -3.60
N VAL C 792 -29.87 7.78 -4.24
CA VAL C 792 -29.86 6.53 -5.01
C VAL C 792 -31.12 6.54 -5.84
N PHE C 793 -31.15 5.71 -6.88
CA PHE C 793 -32.38 5.51 -7.63
C PHE C 793 -32.90 4.09 -7.49
N ALA C 794 -34.19 3.91 -7.78
CA ALA C 794 -34.83 2.61 -7.74
C ALA C 794 -36.12 2.67 -8.53
N ARG C 795 -36.60 1.51 -8.97
CA ARG C 795 -37.86 1.41 -9.71
C ARG C 795 -38.68 0.26 -9.16
N THR C 796 -39.89 0.57 -8.71
CA THR C 796 -40.75 -0.41 -8.07
C THR C 796 -41.18 -1.47 -9.08
N MET C 797 -41.73 -2.54 -8.56
CA MET C 797 -42.01 -3.76 -9.29
C MET C 797 -43.39 -3.70 -9.95
N PRO C 798 -43.54 -4.30 -11.15
CA PRO C 798 -44.85 -4.49 -11.76
C PRO C 798 -45.73 -5.41 -10.93
N ALA C 799 -48.80 -2.53 -13.23
CA ALA C 799 -48.34 -3.78 -12.63
C ALA C 799 -48.66 -4.95 -13.54
N GLU C 800 -47.74 -5.90 -13.63
CA GLU C 800 -47.95 -7.09 -14.45
C GLU C 800 -49.19 -7.83 -14.00
N GLY C 801 -50.19 -7.85 -14.87
CA GLY C 801 -51.51 -8.31 -14.53
C GLY C 801 -52.60 -7.29 -14.78
N ALA C 802 -52.22 -6.05 -15.09
CA ALA C 802 -53.19 -5.01 -15.38
C ALA C 802 -53.11 -4.48 -16.81
N ASP C 803 -52.31 -5.10 -17.68
CA ASP C 803 -52.32 -4.69 -19.08
C ASP C 803 -53.42 -5.37 -19.86
N ASP C 804 -54.36 -6.00 -19.15
CA ASP C 804 -55.49 -6.66 -19.80
C ASP C 804 -56.63 -5.66 -20.00
N ILE C 805 -57.24 -5.72 -21.18
CA ILE C 805 -58.38 -4.86 -21.48
C ILE C 805 -59.49 -5.14 -20.47
N PRO C 806 -59.92 -4.15 -19.71
CA PRO C 806 -60.86 -4.41 -18.61
C PRO C 806 -62.29 -4.57 -19.09
N GLY C 807 -62.52 -5.48 -20.03
CA GLY C 807 -63.86 -5.81 -20.47
C GLY C 807 -63.88 -6.69 -21.69
N PRO C 808 -65.07 -6.90 -22.23
CA PRO C 808 -65.17 -7.58 -23.53
C PRO C 808 -64.82 -6.62 -24.65
N VAL C 809 -63.99 -7.09 -25.57
CA VAL C 809 -63.59 -6.31 -26.73
C VAL C 809 -64.74 -6.40 -27.74
N THR C 810 -65.31 -5.24 -28.10
CA THR C 810 -66.52 -5.19 -28.88
C THR C 810 -66.32 -4.42 -30.18
N TRP C 811 -67.01 -4.87 -31.22
CA TRP C 811 -66.89 -4.38 -32.58
C TRP C 811 -68.18 -3.70 -33.01
N GLU C 812 -68.08 -2.94 -34.11
CA GLU C 812 -69.24 -2.43 -34.82
C GLU C 812 -68.88 -2.11 -36.27
N PRO C 813 -69.81 -2.32 -37.19
CA PRO C 813 -69.57 -1.98 -38.59
C PRO C 813 -70.07 -0.58 -38.93
N ARG C 814 -69.57 -0.08 -40.04
CA ARG C 814 -69.88 1.27 -40.51
C ARG C 814 -70.01 1.27 -42.02
N PRO C 815 -70.22 2.44 -42.64
CA PRO C 815 -69.96 2.55 -44.08
C PRO C 815 -68.50 2.27 -44.38
N GLU C 816 -68.06 2.47 -45.63
CA GLU C 816 -67.03 1.66 -46.29
C GLU C 816 -66.07 1.03 -45.30
N ASN C 817 -65.88 -0.28 -45.40
CA ASN C 817 -66.01 -1.12 -44.21
C ASN C 817 -64.98 -0.73 -43.16
N SER C 818 -65.42 0.19 -42.31
CA SER C 818 -64.62 0.75 -41.24
C SER C 818 -65.13 0.23 -39.92
N ILE C 819 -64.47 -0.79 -39.39
CA ILE C 819 -64.94 -1.46 -38.19
C ILE C 819 -64.29 -0.76 -37.00
N PHE C 820 -65.02 0.17 -36.41
CA PHE C 820 -64.62 0.77 -35.14
C PHE C 820 -64.70 -0.30 -34.08
N LEU C 821 -63.67 -0.40 -33.26
CA LEU C 821 -63.64 -1.36 -32.16
C LEU C 821 -63.78 -0.62 -30.84
N LYS C 822 -64.45 -1.25 -29.89
CA LYS C 822 -64.60 -0.69 -28.55
C LYS C 822 -63.95 -1.63 -27.55
N TRP C 823 -62.91 -1.13 -26.88
CA TRP C 823 -62.31 -1.86 -25.80
C TRP C 823 -61.92 -0.80 -24.78
N PRO C 824 -62.16 -1.05 -23.50
CA PRO C 824 -61.74 -0.09 -22.48
C PRO C 824 -60.24 -0.10 -22.30
N GLU C 825 -59.71 1.05 -21.94
CA GLU C 825 -58.31 1.16 -21.59
C GLU C 825 -58.08 0.57 -20.21
N PRO C 826 -57.06 -0.25 -20.04
CA PRO C 826 -56.73 -0.75 -18.69
C PRO C 826 -56.28 0.40 -17.80
N GLU C 827 -57.12 0.75 -16.83
CA GLU C 827 -56.99 2.01 -16.11
C GLU C 827 -55.63 2.18 -15.45
N ASN C 828 -55.07 1.10 -14.89
CA ASN C 828 -53.75 1.13 -14.26
C ASN C 828 -52.77 0.37 -15.13
N PRO C 829 -52.21 1.02 -16.15
CA PRO C 829 -51.26 0.34 -17.01
C PRO C 829 -49.97 0.03 -16.27
N ASN C 830 -49.26 -0.97 -16.75
CA ASN C 830 -47.97 -1.29 -16.17
C ASN C 830 -46.99 -0.22 -16.60
N GLY C 831 -46.91 0.85 -15.80
CA GLY C 831 -46.08 1.98 -16.14
C GLY C 831 -46.77 2.95 -17.08
N LEU C 832 -46.85 2.59 -18.36
CA LEU C 832 -47.43 3.49 -19.35
C LEU C 832 -47.80 2.68 -20.58
N ILE C 833 -49.00 2.92 -21.11
CA ILE C 833 -49.49 2.16 -22.25
C ILE C 833 -49.18 2.93 -23.53
N LEU C 834 -48.53 2.26 -24.48
CA LEU C 834 -48.17 2.91 -25.73
C LEU C 834 -49.21 2.65 -26.82
N MET C 835 -49.39 1.40 -27.19
CA MET C 835 -50.21 1.08 -28.35
C MET C 835 -50.89 -0.26 -28.13
N TYR C 836 -51.48 -0.78 -29.20
CA TYR C 836 -52.34 -1.96 -29.12
C TYR C 836 -52.09 -2.88 -30.32
N GLU C 837 -51.65 -4.09 -30.04
CA GLU C 837 -51.53 -5.10 -31.09
C GLU C 837 -52.92 -5.60 -31.45
N ILE C 838 -53.27 -5.49 -32.73
CA ILE C 838 -54.59 -5.87 -33.22
C ILE C 838 -54.41 -6.91 -34.32
N LYS C 839 -54.59 -8.18 -33.97
CA LYS C 839 -54.65 -9.22 -34.98
C LYS C 839 -56.11 -9.48 -35.35
N TYR C 840 -56.33 -9.89 -36.59
CA TYR C 840 -57.65 -10.11 -37.13
C TYR C 840 -57.50 -10.72 -38.50
N GLY C 841 -58.60 -11.21 -39.04
CA GLY C 841 -58.56 -11.77 -40.37
C GLY C 841 -59.72 -12.71 -40.61
N SER C 842 -59.69 -13.31 -41.80
CA SER C 842 -60.80 -14.16 -42.21
C SER C 842 -60.83 -15.47 -41.41
N GLN C 843 -59.80 -16.28 -41.56
CA GLN C 843 -59.68 -17.52 -40.80
C GLN C 843 -58.62 -17.47 -39.70
N VAL C 844 -57.41 -17.03 -40.04
CA VAL C 844 -56.36 -16.78 -39.06
C VAL C 844 -56.21 -15.28 -38.93
N GLU C 845 -55.96 -14.81 -37.71
CA GLU C 845 -55.76 -13.38 -37.47
C GLU C 845 -54.32 -13.00 -37.84
N ASP C 846 -53.94 -13.42 -39.05
CA ASP C 846 -52.57 -13.23 -39.53
C ASP C 846 -52.25 -11.76 -39.74
N GLN C 847 -53.20 -10.97 -40.23
CA GLN C 847 -52.97 -9.55 -40.41
C GLN C 847 -52.84 -8.87 -39.05
N ARG C 848 -51.93 -7.90 -38.98
CA ARG C 848 -51.55 -7.29 -37.72
C ARG C 848 -51.71 -5.78 -37.81
N GLU C 849 -52.21 -5.19 -36.73
CA GLU C 849 -52.60 -3.78 -36.71
C GLU C 849 -52.05 -3.10 -35.46
N CYS C 850 -51.67 -1.83 -35.60
CA CYS C 850 -51.06 -1.05 -34.54
C CYS C 850 -51.94 0.17 -34.25
N VAL C 851 -52.20 0.44 -32.97
CA VAL C 851 -53.17 1.45 -32.58
C VAL C 851 -52.58 2.31 -31.48
N SER C 852 -52.45 3.61 -31.76
CA SER C 852 -51.78 4.53 -30.85
C SER C 852 -52.70 4.92 -29.70
N ARG C 853 -52.26 5.91 -28.93
CA ARG C 853 -53.06 6.43 -27.83
C ARG C 853 -53.71 7.76 -28.15
N GLN C 854 -53.38 8.36 -29.29
CA GLN C 854 -54.05 9.59 -29.71
C GLN C 854 -55.42 9.27 -30.27
N GLU C 855 -55.43 8.51 -31.36
CA GLU C 855 -56.66 7.96 -31.91
C GLU C 855 -57.50 7.27 -30.86
N TYR C 856 -56.91 6.45 -30.00
CA TYR C 856 -57.69 5.83 -28.93
C TYR C 856 -58.36 6.90 -28.08
N ARG C 857 -57.68 8.01 -27.87
CA ARG C 857 -58.31 9.15 -27.21
C ARG C 857 -59.07 10.02 -28.19
N LYS C 858 -58.83 9.85 -29.48
CA LYS C 858 -59.58 10.61 -30.48
C LYS C 858 -60.96 9.99 -30.72
N TYR C 859 -61.07 8.66 -30.62
CA TYR C 859 -62.29 7.98 -31.01
C TYR C 859 -62.82 7.03 -29.94
N GLY C 860 -61.96 6.54 -29.06
CA GLY C 860 -62.35 5.49 -28.14
C GLY C 860 -62.01 4.10 -28.63
N GLY C 861 -61.20 4.00 -29.67
CA GLY C 861 -60.84 2.71 -30.22
C GLY C 861 -60.08 2.90 -31.51
N ALA C 862 -60.22 1.92 -32.40
CA ALA C 862 -59.59 1.98 -33.71
C ALA C 862 -60.59 1.53 -34.75
N LYS C 863 -60.26 1.80 -36.01
CA LYS C 863 -61.20 1.55 -37.09
C LYS C 863 -60.43 1.38 -38.40
N LEU C 864 -60.35 0.14 -38.88
CA LEU C 864 -59.81 -0.16 -40.19
C LEU C 864 -60.92 -0.02 -41.22
N ASN C 865 -60.69 0.83 -42.22
CA ASN C 865 -61.72 1.20 -43.17
C ASN C 865 -61.53 0.51 -44.52
N ARG C 866 -62.65 0.27 -45.21
CA ARG C 866 -62.69 -0.41 -46.51
C ARG C 866 -62.10 -1.83 -46.42
N LEU C 867 -62.77 -2.66 -45.64
CA LEU C 867 -62.38 -4.06 -45.48
C LEU C 867 -63.17 -4.96 -46.43
N ASN C 868 -62.46 -5.93 -46.99
CA ASN C 868 -63.07 -6.96 -47.82
C ASN C 868 -64.02 -7.82 -46.98
N PRO C 869 -65.10 -8.29 -47.58
CA PRO C 869 -66.08 -9.07 -46.81
C PRO C 869 -65.63 -10.50 -46.58
N GLY C 870 -66.49 -11.24 -45.89
CA GLY C 870 -66.23 -12.61 -45.49
C GLY C 870 -66.48 -12.80 -44.01
N ASN C 871 -66.15 -14.00 -43.53
CA ASN C 871 -66.23 -14.27 -42.11
C ASN C 871 -64.92 -13.93 -41.42
N TYR C 872 -65.01 -13.17 -40.32
CA TYR C 872 -63.85 -12.57 -39.70
C TYR C 872 -63.96 -12.61 -38.19
N THR C 873 -62.80 -12.62 -37.53
CA THR C 873 -62.72 -12.50 -36.09
C THR C 873 -61.45 -11.71 -35.76
N ALA C 874 -61.36 -11.22 -34.52
CA ALA C 874 -60.28 -10.32 -34.16
C ALA C 874 -59.82 -10.54 -32.72
N ARG C 875 -58.58 -10.17 -32.46
CA ARG C 875 -58.02 -10.17 -31.11
C ARG C 875 -57.13 -8.95 -30.92
N ILE C 876 -56.82 -8.66 -29.67
CA ILE C 876 -56.01 -7.51 -29.30
C ILE C 876 -54.97 -7.97 -28.29
N GLN C 877 -53.75 -7.45 -28.43
CA GLN C 877 -52.78 -7.49 -27.34
C GLN C 877 -52.33 -6.07 -27.04
N ALA C 878 -52.06 -5.82 -25.76
CA ALA C 878 -51.64 -4.50 -25.34
C ALA C 878 -50.13 -4.36 -25.42
N THR C 879 -49.67 -3.11 -25.36
CA THR C 879 -48.25 -2.79 -25.36
C THR C 879 -47.98 -1.84 -24.20
N SER C 880 -47.75 -2.38 -23.02
CA SER C 880 -47.44 -1.58 -21.85
C SER C 880 -45.96 -1.28 -21.80
N LEU C 881 -45.53 -0.75 -20.65
CA LEU C 881 -44.13 -0.43 -20.46
C LEU C 881 -43.32 -1.67 -20.12
N SER C 882 -43.85 -2.55 -19.28
CA SER C 882 -43.09 -3.73 -18.89
C SER C 882 -42.85 -4.66 -20.07
N GLY C 883 -43.77 -4.69 -21.02
CA GLY C 883 -43.62 -5.57 -22.16
C GLY C 883 -44.95 -5.71 -22.89
N ASN C 884 -45.14 -6.92 -23.43
CA ASN C 884 -46.34 -7.20 -24.19
C ASN C 884 -47.55 -7.29 -23.26
N GLY C 885 -48.74 -7.13 -23.85
CA GLY C 885 -49.95 -7.34 -23.10
C GLY C 885 -50.36 -8.79 -23.14
N SER C 886 -51.65 -9.05 -23.25
CA SER C 886 -52.16 -10.40 -23.38
C SER C 886 -53.07 -10.47 -24.60
N TRP C 887 -52.86 -11.49 -25.42
CA TRP C 887 -53.66 -11.64 -26.62
C TRP C 887 -55.08 -12.03 -26.24
N THR C 888 -55.97 -11.04 -26.31
CA THR C 888 -57.28 -11.16 -25.69
C THR C 888 -58.17 -12.11 -26.49
N ASP C 889 -59.44 -12.17 -26.08
CA ASP C 889 -60.33 -13.19 -26.58
C ASP C 889 -60.67 -12.95 -28.05
N PRO C 890 -60.68 -13.97 -28.87
CA PRO C 890 -61.21 -13.84 -30.23
C PRO C 890 -62.68 -13.49 -30.22
N VAL C 891 -63.03 -12.32 -30.76
CA VAL C 891 -64.42 -11.95 -30.95
C VAL C 891 -64.67 -11.82 -32.45
N PHE C 892 -65.89 -12.12 -32.87
CA PHE C 892 -66.17 -12.36 -34.27
C PHE C 892 -66.98 -11.22 -34.89
N PHE C 893 -66.91 -11.12 -36.21
CA PHE C 893 -67.62 -10.11 -36.96
C PHE C 893 -67.63 -10.52 -38.43
N TYR C 894 -68.80 -10.48 -39.05
CA TYR C 894 -68.98 -11.02 -40.39
C TYR C 894 -69.69 -9.99 -41.26
N VAL C 895 -68.92 -9.23 -42.03
CA VAL C 895 -69.50 -8.31 -43.01
C VAL C 895 -69.72 -9.11 -44.28
N PRO C 896 -70.96 -9.28 -44.71
CA PRO C 896 -71.26 -10.24 -45.77
C PRO C 896 -70.78 -9.75 -47.14
N ALA C 897 -70.84 -10.66 -48.10
CA ALA C 897 -70.43 -10.38 -49.47
C ALA C 897 -71.59 -10.61 -50.44
#